data_8ZNZ
#
_entry.id   8ZNZ
#
_cell.length_a   1.00
_cell.length_b   1.00
_cell.length_c   1.00
_cell.angle_alpha   90.00
_cell.angle_beta   90.00
_cell.angle_gamma   90.00
#
_symmetry.space_group_name_H-M   'P 1'
#
loop_
_entity.id
_entity.type
_entity.pdbx_description
1 polymer "5'-nucleotidase"
2 polymer 'HB0038 Fab light chain'
3 polymer 'HB0038 Fab heavy chain'
4 polymer 'HB0039 Fab heavy chain'
5 polymer 'HB0039 Fab light chain'
6 non-polymer 'ZINC ION'
7 non-polymer 'SODIUM ION'
8 non-polymer 'CALCIUM ION'
#
loop_
_entity_poly.entity_id
_entity_poly.type
_entity_poly.pdbx_seq_one_letter_code
_entity_poly.pdbx_strand_id
1 'polypeptide(L)'
;AWELTILHTNDVHSRLEQTSEDSSKCVNASRCMGGVARLFTKVQQIRRAEPNVLLLDAGDQYQGTIWFTVYKGAEVAHFM
NALRYDAMALGNHEFDNGVEGLIEPLLKEAKFPILSANIKAKGPLASQISGLYLPYKVLPVGDEVVGIVGYTSKETPFLS
NPGTNLVFEDEITALQPEVDKLKTLNVNKIIALGHSGFEMDKLIAQKVRGVDVVVGGHSNTFLYTGNPPSKEVPAGKYPF
IVTSDDGRKVPVVQAYAFGKYLGYLKIEFDERGNVISSHGNPILLNSSIPEDPSIKADINKWRIKLDNYSTQELGKTIVY
LDGSSQSCRFRECNMGNLICDAMINNNLRHTDEMFWNHVSMCILNGGGIRSPIDERNNGTITWENLAAVLPFGGTFDLVQ
LKGSTLKKAFEHSVHRYGQSTGEFLQVGGIHVVYDLSRKPGDRVVKLDVLCTKCRVPSYDPLKMDEVYKVILPNFLANGG
DGFQMIKDELLRHDSGDQDINVVSTYISKMKVIYPAVEGRIKFS
;
A,B
2 'polypeptide(L)'
;DIQMTQSPSSLSASVGDRVTITCRASQDVGTAEAWYQQKPGKAPKLLIYWASTRHTGVPSRFSGSGSGTDFTLTISSLQP
EDFATYYCQQYSSYPLTFGQGTKL
;
E,C
3 'polypeptide(L)'
;QVQLVESGGGLVKPGGSLRLSCAASGFTFSKYAMSWIRQAPGKGLEWVAEISSGGGYINYADSVKGRFTISRDNAKNSLY
LQMNSLRAEDTAVYYCARAIYYYGSSYNYYAMDYWGQGTTVTVS
;
F,D
4 'polypeptide(L)'
;QVQLVQSGAEVKKPGASVKLSCKASGYTFTSYWIHWVRQAPGQGLEWIGMIHPNSGSTYYNEKFKGRATLTVDKSTSTAY
MELSSLRSEDTAVYYCARYYGSDYEWYFDVWGQGTTV
;
I,G
5 'polypeptide(L)'
;IQMTQSPSSMSASVGDRVTITCKASQNVRTAVVWYQQKPGKAPKALIYLASNRHTGVPDRFSGSGSGTDFTLTISSLQPE
DFATYFCLQHWNYPYTFGQGTKL
;
J,H
#
# COMPACT_ATOMS: atom_id res chain seq x y z
N ALA A 1 -49.82 34.61 14.21
CA ALA A 1 -50.32 34.31 12.86
C ALA A 1 -49.80 32.94 12.41
N TRP A 2 -48.60 32.94 11.83
CA TRP A 2 -48.01 31.73 11.30
C TRP A 2 -47.16 31.05 12.36
N GLU A 3 -47.18 29.71 12.36
CA GLU A 3 -46.47 28.92 13.36
C GLU A 3 -45.67 27.83 12.66
N LEU A 4 -44.44 27.61 13.15
CA LEU A 4 -43.66 26.45 12.75
C LEU A 4 -42.96 25.87 13.97
N THR A 5 -42.70 24.57 13.92
CA THR A 5 -41.92 23.88 14.94
C THR A 5 -40.62 23.41 14.31
N ILE A 6 -39.57 23.42 15.12
CA ILE A 6 -38.21 23.17 14.66
C ILE A 6 -37.65 21.97 15.41
N LEU A 7 -37.15 21.00 14.65
CA LEU A 7 -36.53 19.81 15.21
C LEU A 7 -35.07 19.77 14.78
N HIS A 8 -34.16 19.76 15.74
CA HIS A 8 -32.75 19.79 15.41
C HIS A 8 -31.99 18.72 16.18
N THR A 9 -30.93 18.22 15.56
CA THR A 9 -29.96 17.34 16.18
C THR A 9 -28.57 17.89 15.92
N ASN A 10 -27.60 17.45 16.72
CA ASN A 10 -26.23 17.86 16.47
C ASN A 10 -25.27 16.91 17.17
N ASP A 11 -24.06 16.86 16.65
CA ASP A 11 -22.96 16.10 17.23
C ASP A 11 -23.30 14.65 17.57
N VAL A 12 -24.04 14.01 16.65
CA VAL A 12 -24.35 12.60 16.79
C VAL A 12 -23.12 11.72 16.94
N HIS A 13 -22.04 12.12 16.27
CA HIS A 13 -20.74 11.41 16.34
C HIS A 13 -20.95 9.91 16.12
N SER A 14 -21.69 9.55 15.07
CA SER A 14 -21.86 8.14 14.65
C SER A 14 -22.54 7.22 15.68
N ARG A 15 -23.29 7.75 16.65
CA ARG A 15 -24.12 6.90 17.55
C ARG A 15 -25.36 6.56 16.73
N LEU A 16 -25.25 5.57 15.85
CA LEU A 16 -26.25 5.17 14.87
C LEU A 16 -27.18 4.06 15.39
N GLU A 17 -26.70 3.19 16.28
CA GLU A 17 -27.56 2.22 16.94
C GLU A 17 -27.75 2.62 18.39
N GLN A 18 -28.68 1.93 19.05
CA GLN A 18 -29.16 2.35 20.36
C GLN A 18 -28.04 2.25 21.41
N THR A 19 -28.10 3.15 22.38
CA THR A 19 -26.98 3.39 23.27
C THR A 19 -27.46 3.43 24.72
N SER A 20 -26.49 3.52 25.62
CA SER A 20 -26.77 3.54 27.05
C SER A 20 -27.00 4.97 27.52
N GLU A 21 -27.05 5.15 28.85
CA GLU A 21 -27.23 6.47 29.41
C GLU A 21 -25.95 7.29 29.36
N ASP A 22 -24.79 6.63 29.37
CA ASP A 22 -23.51 7.29 29.14
C ASP A 22 -23.16 7.35 27.66
N SER A 23 -24.02 6.83 26.80
CA SER A 23 -23.83 6.90 25.35
C SER A 23 -22.51 6.26 24.93
N SER A 24 -22.20 5.11 25.52
CA SER A 24 -21.03 4.33 25.12
C SER A 24 -21.43 3.00 24.48
N LYS A 25 -22.14 2.15 25.22
CA LYS A 25 -22.71 0.94 24.67
C LYS A 25 -23.63 0.30 25.71
N CYS A 26 -24.84 -0.06 25.31
CA CYS A 26 -25.86 -0.53 26.25
C CYS A 26 -26.11 -2.02 26.01
N VAL A 27 -26.08 -2.80 27.10
CA VAL A 27 -26.19 -4.25 27.04
C VAL A 27 -27.50 -4.74 27.63
N ASN A 28 -28.19 -3.93 28.44
CA ASN A 28 -29.50 -4.28 28.98
C ASN A 28 -30.54 -3.54 28.15
N ALA A 29 -31.20 -4.26 27.25
CA ALA A 29 -32.12 -3.63 26.31
C ALA A 29 -33.22 -2.84 27.01
N SER A 30 -33.57 -3.25 28.23
CA SER A 30 -34.69 -2.55 28.90
C SER A 30 -34.43 -1.16 29.49
N ARG A 31 -33.14 -0.81 29.55
CA ARG A 31 -32.71 0.54 29.99
C ARG A 31 -31.63 0.92 28.99
N CYS A 32 -32.00 1.55 27.89
CA CYS A 32 -31.03 1.80 26.80
C CYS A 32 -31.64 3.09 26.28
N MET A 33 -30.99 3.72 25.31
CA MET A 33 -31.43 5.01 24.82
C MET A 33 -30.97 5.23 23.39
N GLY A 34 -31.53 6.27 22.78
CA GLY A 34 -31.13 6.75 21.49
C GLY A 34 -31.46 5.80 20.36
N GLY A 35 -30.80 6.06 19.22
CA GLY A 35 -31.01 5.29 18.02
C GLY A 35 -31.67 6.12 16.93
N VAL A 36 -31.57 5.64 15.70
CA VAL A 36 -32.15 6.33 14.56
C VAL A 36 -33.60 5.89 14.31
N ALA A 37 -33.95 4.65 14.66
CA ALA A 37 -35.31 4.18 14.43
C ALA A 37 -36.29 4.84 15.40
N ARG A 38 -35.90 4.93 16.67
CA ARG A 38 -36.71 5.64 17.66
C ARG A 38 -36.91 7.09 17.23
N LEU A 39 -35.86 7.69 16.69
CA LEU A 39 -35.94 9.05 16.20
C LEU A 39 -36.90 9.16 15.02
N PHE A 40 -36.84 8.20 14.10
CA PHE A 40 -37.80 8.11 13.01
C PHE A 40 -39.23 8.12 13.56
N THR A 41 -39.48 7.28 14.57
CA THR A 41 -40.81 7.18 15.14
C THR A 41 -41.30 8.53 15.65
N LYS A 42 -40.50 9.15 16.52
CA LYS A 42 -40.91 10.40 17.14
C LYS A 42 -41.12 11.48 16.08
N VAL A 43 -40.21 11.55 15.10
CA VAL A 43 -40.31 12.54 14.04
C VAL A 43 -41.59 12.36 13.25
N GLN A 44 -41.93 11.12 12.93
CA GLN A 44 -43.12 10.90 12.11
C GLN A 44 -44.38 11.25 12.88
N GLN A 45 -44.40 10.97 14.19
CA GLN A 45 -45.55 11.36 14.99
C GLN A 45 -45.73 12.88 14.95
N ILE A 46 -44.64 13.62 15.18
CA ILE A 46 -44.77 15.07 15.18
C ILE A 46 -45.17 15.57 13.80
N ARG A 47 -44.67 14.93 12.74
CA ARG A 47 -44.98 15.40 11.40
C ARG A 47 -46.45 15.20 11.07
N ARG A 48 -47.04 14.06 11.46
CA ARG A 48 -48.47 13.88 11.24
C ARG A 48 -49.29 14.84 12.09
N ALA A 49 -48.86 15.07 13.33
CA ALA A 49 -49.63 15.97 14.19
C ALA A 49 -49.60 17.42 13.68
N GLU A 50 -48.40 17.92 13.26
CA GLU A 50 -48.26 19.34 12.92
C GLU A 50 -47.96 19.51 11.42
N PRO A 51 -48.49 20.58 10.79
CA PRO A 51 -48.32 20.70 9.33
C PRO A 51 -47.03 21.42 8.90
N ASN A 52 -46.52 22.32 9.74
CA ASN A 52 -45.32 23.09 9.44
C ASN A 52 -44.19 22.63 10.34
N VAL A 53 -43.18 22.01 9.75
CA VAL A 53 -42.12 21.36 10.51
C VAL A 53 -40.81 21.50 9.75
N LEU A 54 -39.70 21.43 10.48
CA LEU A 54 -38.36 21.51 9.92
C LEU A 54 -37.43 20.61 10.70
N LEU A 55 -36.75 19.71 10.00
CA LEU A 55 -35.72 18.87 10.59
C LEU A 55 -34.36 19.31 10.07
N LEU A 56 -33.45 19.65 10.98
CA LEU A 56 -32.16 20.19 10.65
C LEU A 56 -31.07 19.43 11.38
N ASP A 57 -29.87 19.47 10.80
CA ASP A 57 -28.67 18.93 11.42
C ASP A 57 -27.59 20.00 11.38
N ALA A 58 -26.77 20.06 12.42
CA ALA A 58 -25.75 21.09 12.56
C ALA A 58 -24.33 20.52 12.57
N GLY A 59 -24.13 19.38 11.92
CA GLY A 59 -22.80 18.91 11.58
C GLY A 59 -22.30 17.82 12.51
N ASP A 60 -21.07 17.39 12.23
CA ASP A 60 -20.36 16.39 13.01
C ASP A 60 -21.08 15.06 13.23
N GLN A 61 -21.54 14.42 12.18
CA GLN A 61 -22.00 13.03 12.32
C GLN A 61 -21.10 12.03 11.50
N TYR A 62 -19.81 12.04 11.88
CA TYR A 62 -18.79 11.27 11.13
C TYR A 62 -17.80 10.59 12.08
N GLN A 63 -17.21 11.27 13.05
CA GLN A 63 -16.17 10.55 13.83
C GLN A 63 -16.73 9.91 15.10
N GLY A 64 -16.39 8.65 15.35
CA GLY A 64 -16.89 7.92 16.54
C GLY A 64 -17.31 6.53 16.13
N THR A 65 -17.62 5.64 17.08
CA THR A 65 -18.16 4.27 16.82
C THR A 65 -17.30 3.38 15.91
N ILE A 66 -17.87 2.50 15.07
CA ILE A 66 -17.05 1.52 14.28
C ILE A 66 -17.71 1.53 12.90
N TRP A 67 -18.76 2.31 12.73
CA TRP A 67 -19.52 2.41 11.46
C TRP A 67 -18.74 3.31 10.49
N PHE A 68 -18.01 4.28 11.03
CA PHE A 68 -17.26 5.23 10.20
C PHE A 68 -15.97 4.62 9.71
N THR A 69 -15.30 3.84 10.56
CA THR A 69 -14.09 3.16 10.15
C THR A 69 -14.32 2.22 8.98
N VAL A 70 -15.50 1.58 8.93
CA VAL A 70 -15.74 0.57 7.91
C VAL A 70 -16.35 1.18 6.64
N TYR A 71 -17.46 1.90 6.78
CA TYR A 71 -18.19 2.37 5.61
C TYR A 71 -17.77 3.75 5.12
N LYS A 72 -17.40 4.65 6.04
CA LYS A 72 -16.85 5.95 5.68
C LYS A 72 -17.68 7.11 5.14
N GLY A 73 -19.00 6.99 5.30
CA GLY A 73 -19.91 8.11 5.10
C GLY A 73 -21.12 7.61 4.35
N ALA A 74 -21.16 6.33 3.95
CA ALA A 74 -22.29 5.83 3.19
C ALA A 74 -23.54 5.68 4.08
N GLU A 75 -23.34 5.18 5.29
CA GLU A 75 -24.45 5.00 6.21
C GLU A 75 -25.07 6.34 6.59
N VAL A 76 -24.23 7.36 6.80
CA VAL A 76 -24.74 8.70 7.07
C VAL A 76 -25.76 9.10 6.01
N ALA A 77 -25.34 9.04 4.74
CA ALA A 77 -26.22 9.47 3.65
C ALA A 77 -27.48 8.60 3.59
N HIS A 78 -27.33 7.28 3.71
CA HIS A 78 -28.47 6.40 3.58
C HIS A 78 -29.54 6.73 4.63
N PHE A 79 -29.14 6.77 5.90
CA PHE A 79 -30.12 6.95 6.96
C PHE A 79 -30.55 8.40 7.12
N MET A 80 -29.78 9.35 6.61
CA MET A 80 -30.28 10.72 6.52
C MET A 80 -31.37 10.82 5.48
N ASN A 81 -31.13 10.24 4.29
CA ASN A 81 -32.16 10.23 3.27
C ASN A 81 -33.42 9.51 3.73
N ALA A 82 -33.27 8.47 4.55
CA ALA A 82 -34.43 7.76 5.05
C ALA A 82 -35.28 8.64 5.96
N LEU A 83 -34.63 9.40 6.86
CA LEU A 83 -35.33 10.25 7.81
C LEU A 83 -35.94 11.53 7.26
N ARG A 84 -35.64 11.89 6.03
CA ARG A 84 -36.22 13.10 5.40
C ARG A 84 -35.64 14.40 5.97
N TYR A 85 -34.38 14.42 6.35
CA TYR A 85 -33.67 15.65 6.68
C TYR A 85 -33.91 16.77 5.67
N ASP A 86 -34.17 17.97 6.19
CA ASP A 86 -34.52 19.11 5.35
C ASP A 86 -33.34 19.98 4.99
N ALA A 87 -32.23 19.89 5.72
CA ALA A 87 -31.02 20.63 5.42
C ALA A 87 -29.90 20.11 6.30
N MET A 88 -28.73 20.71 6.17
CA MET A 88 -27.55 20.28 6.92
C MET A 88 -26.44 21.29 6.72
N ALA A 89 -25.62 21.45 7.74
CA ALA A 89 -24.41 22.25 7.69
C ALA A 89 -23.18 21.35 7.75
N LEU A 90 -22.01 21.96 7.69
CA LEU A 90 -20.75 21.26 7.68
C LEU A 90 -20.00 21.54 8.97
N GLY A 91 -19.43 20.47 9.54
CA GLY A 91 -18.68 20.56 10.77
C GLY A 91 -17.18 20.43 10.55
N ASN A 92 -16.50 20.06 11.62
CA ASN A 92 -15.05 19.95 11.58
C ASN A 92 -14.57 18.53 11.34
N HIS A 93 -15.44 17.54 11.54
CA HIS A 93 -15.05 16.14 11.34
C HIS A 93 -15.48 15.60 10.00
N GLU A 94 -16.18 16.40 9.19
CA GLU A 94 -16.46 16.02 7.82
C GLU A 94 -15.22 16.01 6.95
N PHE A 95 -14.14 16.64 7.41
CA PHE A 95 -12.91 16.74 6.65
C PHE A 95 -11.83 15.79 7.18
N ASP A 96 -12.22 14.78 7.95
CA ASP A 96 -11.25 13.89 8.57
C ASP A 96 -10.52 13.06 7.52
N ASN A 97 -11.27 12.43 6.62
CA ASN A 97 -10.69 11.63 5.55
C ASN A 97 -10.32 12.46 4.33
N GLY A 98 -10.38 13.78 4.44
CA GLY A 98 -10.06 14.66 3.34
C GLY A 98 -11.26 15.02 2.49
N VAL A 99 -11.07 16.03 1.64
CA VAL A 99 -12.15 16.49 0.79
C VAL A 99 -12.53 15.41 -0.21
N GLU A 100 -11.57 14.62 -0.67
CA GLU A 100 -11.89 13.53 -1.57
C GLU A 100 -12.76 12.49 -0.87
N GLY A 101 -12.59 12.33 0.44
CA GLY A 101 -13.47 11.50 1.23
C GLY A 101 -14.81 12.13 1.56
N LEU A 102 -14.89 13.45 1.44
CA LEU A 102 -16.16 14.17 1.59
C LEU A 102 -17.03 14.14 0.35
N ILE A 103 -16.44 14.45 -0.81
CA ILE A 103 -17.24 14.79 -1.98
C ILE A 103 -18.07 13.60 -2.45
N GLU A 104 -17.45 12.43 -2.55
CA GLU A 104 -18.12 11.29 -3.15
C GLU A 104 -19.25 10.76 -2.27
N PRO A 105 -18.95 10.27 -1.06
CA PRO A 105 -20.03 9.69 -0.24
C PRO A 105 -21.16 10.66 0.07
N LEU A 106 -20.85 11.79 0.71
CA LEU A 106 -21.88 12.68 1.24
C LEU A 106 -22.41 13.67 0.19
N LEU A 107 -21.53 14.50 -0.34
CA LEU A 107 -21.97 15.66 -1.12
C LEU A 107 -22.68 15.25 -2.41
N LYS A 108 -22.43 14.06 -2.94
CA LYS A 108 -23.01 13.65 -4.21
C LYS A 108 -24.24 12.76 -4.07
N GLU A 109 -24.31 11.92 -3.03
CA GLU A 109 -25.47 11.07 -2.84
C GLU A 109 -26.60 11.72 -2.04
N ALA A 110 -26.25 12.67 -1.17
CA ALA A 110 -27.26 13.31 -0.33
C ALA A 110 -28.32 14.01 -1.16
N LYS A 111 -29.57 13.83 -0.79
CA LYS A 111 -30.70 14.42 -1.48
C LYS A 111 -31.14 15.75 -0.89
N PHE A 112 -30.38 16.26 0.07
CA PHE A 112 -30.69 17.51 0.77
C PHE A 112 -29.47 18.41 0.72
N PRO A 113 -29.68 19.73 0.80
CA PRO A 113 -28.57 20.67 0.69
C PRO A 113 -27.61 20.61 1.87
N ILE A 114 -26.35 20.97 1.60
CA ILE A 114 -25.32 21.14 2.60
C ILE A 114 -24.75 22.54 2.44
N LEU A 115 -24.61 23.26 3.55
CA LEU A 115 -24.44 24.70 3.55
C LEU A 115 -23.15 25.11 4.25
N SER A 116 -22.54 26.17 3.73
CA SER A 116 -21.48 26.91 4.40
C SER A 116 -21.20 28.17 3.62
N ALA A 117 -21.05 29.29 4.32
CA ALA A 117 -20.91 30.59 3.69
C ALA A 117 -19.56 31.26 3.96
N ASN A 118 -18.68 30.64 4.75
CA ASN A 118 -17.34 31.16 4.95
C ASN A 118 -16.28 30.29 4.30
N ILE A 119 -16.67 29.34 3.48
CA ILE A 119 -15.74 28.38 2.88
C ILE A 119 -15.56 28.74 1.42
N LYS A 120 -14.33 29.06 1.04
CA LYS A 120 -14.02 29.51 -0.31
C LYS A 120 -12.82 28.75 -0.83
N ALA A 121 -12.84 28.45 -2.13
CA ALA A 121 -11.85 27.61 -2.78
C ALA A 121 -10.96 28.43 -3.71
N LYS A 122 -9.66 28.15 -3.67
CA LYS A 122 -8.68 28.81 -4.51
C LYS A 122 -7.84 27.78 -5.23
N GLY A 123 -7.56 28.03 -6.51
CA GLY A 123 -6.73 27.16 -7.29
C GLY A 123 -7.53 26.09 -8.01
N PRO A 124 -6.87 24.96 -8.32
CA PRO A 124 -7.55 23.88 -9.05
C PRO A 124 -8.76 23.31 -8.34
N LEU A 125 -8.85 23.49 -7.01
CA LEU A 125 -10.00 23.01 -6.27
C LEU A 125 -11.23 23.88 -6.46
N ALA A 126 -11.12 24.97 -7.23
CA ALA A 126 -12.28 25.81 -7.50
C ALA A 126 -13.22 25.15 -8.51
N SER A 127 -12.66 24.45 -9.50
CA SER A 127 -13.48 23.81 -10.52
C SER A 127 -14.17 22.56 -9.97
N GLN A 128 -13.47 21.81 -9.10
CA GLN A 128 -13.98 20.52 -8.68
C GLN A 128 -15.16 20.66 -7.73
N ILE A 129 -15.06 21.54 -6.74
CA ILE A 129 -15.99 21.57 -5.62
C ILE A 129 -17.01 22.68 -5.76
N SER A 130 -17.20 23.22 -6.96
CA SER A 130 -18.14 24.31 -7.18
C SER A 130 -19.48 23.76 -7.62
N GLY A 131 -20.54 24.15 -6.92
CA GLY A 131 -21.87 23.64 -7.20
C GLY A 131 -22.30 22.53 -6.27
N LEU A 132 -21.47 22.18 -5.29
CA LEU A 132 -21.73 21.04 -4.41
C LEU A 132 -22.08 21.46 -2.98
N TYR A 133 -21.61 22.63 -2.54
CA TYR A 133 -22.05 23.24 -1.31
C TYR A 133 -22.50 24.66 -1.59
N LEU A 134 -23.43 25.15 -0.77
CA LEU A 134 -24.08 26.42 -1.02
C LEU A 134 -23.92 27.34 0.16
N PRO A 135 -23.99 28.66 -0.06
CA PRO A 135 -23.94 29.59 1.06
C PRO A 135 -25.29 29.77 1.75
N TYR A 136 -26.38 29.61 1.01
CA TYR A 136 -27.71 29.82 1.54
C TYR A 136 -28.72 29.09 0.68
N LYS A 137 -29.93 28.93 1.22
CA LYS A 137 -30.99 28.19 0.58
C LYS A 137 -32.33 28.84 0.88
N VAL A 138 -33.30 28.58 0.00
CA VAL A 138 -34.68 29.01 0.18
C VAL A 138 -35.56 27.77 0.17
N LEU A 139 -36.43 27.65 1.16
CA LEU A 139 -37.28 26.49 1.28
C LEU A 139 -38.74 26.91 1.49
N PRO A 140 -39.68 26.26 0.80
CA PRO A 140 -41.09 26.51 1.06
C PRO A 140 -41.62 25.66 2.21
N VAL A 141 -41.95 26.28 3.34
CA VAL A 141 -42.43 25.58 4.51
C VAL A 141 -43.89 25.96 4.70
N GLY A 142 -44.77 24.97 4.62
CA GLY A 142 -46.18 25.24 4.71
C GLY A 142 -46.67 26.08 3.54
N ASP A 143 -47.24 27.24 3.86
CA ASP A 143 -47.70 28.18 2.85
C ASP A 143 -46.84 29.44 2.82
N GLU A 144 -45.58 29.32 3.24
CA GLU A 144 -44.68 30.46 3.31
C GLU A 144 -43.29 30.03 2.88
N VAL A 145 -42.37 30.99 2.90
CA VAL A 145 -40.99 30.78 2.45
C VAL A 145 -40.07 31.05 3.63
N VAL A 146 -39.05 30.21 3.77
CA VAL A 146 -38.10 30.31 4.86
C VAL A 146 -36.70 30.34 4.26
N GLY A 147 -35.90 31.30 4.69
CA GLY A 147 -34.53 31.41 4.23
C GLY A 147 -33.54 30.89 5.24
N ILE A 148 -32.59 30.11 4.77
CA ILE A 148 -31.58 29.50 5.61
C ILE A 148 -30.21 30.05 5.25
N VAL A 149 -29.27 29.97 6.18
CA VAL A 149 -27.89 30.39 5.96
C VAL A 149 -27.00 29.58 6.89
N GLY A 150 -25.81 29.23 6.39
CA GLY A 150 -24.90 28.36 7.08
C GLY A 150 -23.56 29.00 7.38
N TYR A 151 -22.85 28.40 8.33
CA TYR A 151 -21.53 28.85 8.71
C TYR A 151 -20.82 27.70 9.42
N THR A 152 -19.49 27.82 9.50
CA THR A 152 -18.65 26.73 9.97
C THR A 152 -17.44 27.31 10.66
N SER A 153 -16.82 26.48 11.50
CA SER A 153 -15.75 26.95 12.38
C SER A 153 -14.55 27.43 11.58
N LYS A 154 -13.74 28.27 12.22
CA LYS A 154 -12.53 28.83 11.66
C LYS A 154 -11.28 28.04 12.05
N GLU A 155 -11.37 27.17 13.04
CA GLU A 155 -10.25 26.37 13.50
C GLU A 155 -10.20 24.99 12.85
N THR A 156 -11.03 24.77 11.84
CA THR A 156 -11.04 23.49 11.15
C THR A 156 -9.67 23.09 10.61
N PRO A 157 -8.88 24.00 10.04
CA PRO A 157 -7.55 23.61 9.56
C PRO A 157 -6.67 23.01 10.65
N PHE A 158 -6.83 23.46 11.88
CA PHE A 158 -6.09 22.91 13.01
C PHE A 158 -6.87 21.81 13.74
N LEU A 159 -8.08 21.49 13.27
CA LEU A 159 -8.85 20.42 13.88
C LEU A 159 -9.21 19.31 12.90
N SER A 160 -8.68 19.34 11.69
CA SER A 160 -8.96 18.30 10.70
C SER A 160 -7.95 18.44 9.57
N ASN A 161 -8.20 17.73 8.47
CA ASN A 161 -7.28 17.65 7.33
C ASN A 161 -7.99 18.04 6.05
N PRO A 162 -8.45 19.29 5.94
CA PRO A 162 -9.17 19.72 4.75
C PRO A 162 -8.32 19.77 3.49
N GLY A 163 -7.22 20.48 3.59
CA GLY A 163 -6.38 20.73 2.44
C GLY A 163 -5.60 22.01 2.65
N THR A 164 -5.09 22.52 1.53
CA THR A 164 -4.44 23.83 1.52
C THR A 164 -5.08 24.80 0.55
N ASN A 165 -6.05 24.35 -0.24
CA ASN A 165 -6.76 25.21 -1.18
C ASN A 165 -8.19 25.50 -0.76
N LEU A 166 -8.47 25.42 0.55
CA LEU A 166 -9.77 25.78 1.10
C LEU A 166 -9.55 26.82 2.19
N VAL A 167 -10.38 27.84 2.18
CA VAL A 167 -10.21 28.99 3.08
C VAL A 167 -11.38 29.03 4.03
N PHE A 168 -11.14 29.56 5.21
CA PHE A 168 -12.14 29.64 6.27
C PHE A 168 -12.11 31.04 6.84
N GLU A 169 -13.08 31.87 6.44
CA GLU A 169 -13.10 33.27 6.79
C GLU A 169 -13.79 33.49 8.13
N ASP A 170 -13.92 34.75 8.54
CA ASP A 170 -14.70 35.11 9.71
C ASP A 170 -16.18 34.94 9.40
N GLU A 171 -16.94 34.54 10.43
CA GLU A 171 -18.33 34.19 10.22
C GLU A 171 -19.18 35.41 9.91
N ILE A 172 -19.02 36.47 10.71
CA ILE A 172 -19.95 37.60 10.67
C ILE A 172 -19.87 38.32 9.33
N THR A 173 -18.65 38.61 8.86
CA THR A 173 -18.48 39.38 7.65
C THR A 173 -18.95 38.60 6.44
N ALA A 174 -18.78 37.28 6.46
CA ALA A 174 -19.25 36.44 5.37
C ALA A 174 -20.74 36.16 5.46
N LEU A 175 -21.36 36.43 6.61
CA LEU A 175 -22.75 36.11 6.83
C LEU A 175 -23.66 37.29 6.49
N GLN A 176 -23.28 38.49 6.91
CA GLN A 176 -24.12 39.67 6.73
C GLN A 176 -24.57 39.88 5.28
N PRO A 177 -23.69 39.81 4.27
CA PRO A 177 -24.13 40.10 2.90
C PRO A 177 -25.24 39.19 2.40
N GLU A 178 -25.19 37.91 2.75
CA GLU A 178 -26.23 36.99 2.27
C GLU A 178 -27.56 37.30 2.93
N VAL A 179 -27.55 37.70 4.19
CA VAL A 179 -28.79 38.12 4.85
C VAL A 179 -29.35 39.34 4.14
N ASP A 180 -28.49 40.31 3.84
CA ASP A 180 -28.96 41.51 3.14
C ASP A 180 -29.60 41.14 1.80
N LYS A 181 -28.92 40.31 1.01
CA LYS A 181 -29.47 39.89 -0.26
C LYS A 181 -30.79 39.16 -0.08
N LEU A 182 -30.87 38.26 0.90
CA LEU A 182 -32.09 37.52 1.14
C LEU A 182 -33.24 38.48 1.43
N LYS A 183 -32.98 39.53 2.20
CA LYS A 183 -34.01 40.53 2.43
C LYS A 183 -34.41 41.24 1.15
N THR A 184 -33.43 41.57 0.31
CA THR A 184 -33.78 42.15 -1.00
C THR A 184 -34.53 41.18 -1.90
N LEU A 185 -34.53 39.89 -1.56
CA LEU A 185 -35.29 38.89 -2.30
C LEU A 185 -36.72 38.76 -1.79
N ASN A 186 -37.20 39.69 -0.98
CA ASN A 186 -38.54 39.63 -0.41
C ASN A 186 -38.71 38.37 0.42
N VAL A 187 -37.73 38.09 1.28
CA VAL A 187 -37.76 36.98 2.21
C VAL A 187 -37.43 37.55 3.59
N ASN A 188 -38.36 37.36 4.53
CA ASN A 188 -38.31 38.05 5.82
C ASN A 188 -38.07 37.12 6.99
N LYS A 189 -38.15 35.80 6.79
CA LYS A 189 -37.90 34.82 7.84
C LYS A 189 -36.55 34.18 7.55
N ILE A 190 -35.66 34.22 8.54
CA ILE A 190 -34.27 33.82 8.40
C ILE A 190 -33.91 32.91 9.55
N ILE A 191 -33.12 31.87 9.27
CA ILE A 191 -32.59 30.96 10.28
C ILE A 191 -31.11 30.76 10.00
N ALA A 192 -30.30 30.87 11.05
CA ALA A 192 -28.89 30.54 10.97
C ALA A 192 -28.65 29.14 11.51
N LEU A 193 -27.70 28.44 10.91
CA LEU A 193 -27.51 27.02 11.15
C LEU A 193 -26.02 26.85 10.89
N GLY A 194 -25.31 26.26 11.83
CA GLY A 194 -23.88 26.17 11.68
C GLY A 194 -23.23 25.45 12.83
N HIS A 195 -21.92 25.20 12.67
CA HIS A 195 -21.13 24.42 13.61
C HIS A 195 -19.91 25.26 14.00
N SER A 196 -20.09 26.12 14.98
CA SER A 196 -19.03 27.02 15.41
C SER A 196 -18.87 27.04 16.92
N GLY A 197 -19.98 26.88 17.65
CA GLY A 197 -19.95 26.91 19.09
C GLY A 197 -21.12 27.67 19.68
N PHE A 198 -21.11 27.88 20.99
CA PHE A 198 -22.19 28.59 21.65
C PHE A 198 -21.93 30.10 21.66
N GLU A 199 -20.73 30.49 22.08
CA GLU A 199 -20.41 31.91 22.21
C GLU A 199 -20.53 32.64 20.89
N MET A 200 -19.98 32.03 19.81
CA MET A 200 -20.06 32.68 18.53
C MET A 200 -21.51 32.76 18.07
N ASP A 201 -22.31 31.79 18.51
CA ASP A 201 -23.76 31.82 18.21
C ASP A 201 -24.35 33.07 18.85
N LYS A 202 -24.00 33.31 20.11
CA LYS A 202 -24.47 34.51 20.80
C LYS A 202 -24.06 35.78 20.08
N LEU A 203 -22.81 35.85 19.64
CA LEU A 203 -22.36 37.04 18.93
C LEU A 203 -23.10 37.22 17.61
N ILE A 204 -23.37 36.13 16.90
CA ILE A 204 -24.11 36.23 15.64
C ILE A 204 -25.50 36.78 15.87
N ALA A 205 -26.07 36.51 17.04
CA ALA A 205 -27.40 37.05 17.37
C ALA A 205 -27.29 38.52 17.81
N GLN A 206 -26.12 38.98 18.28
CA GLN A 206 -25.96 40.44 18.53
C GLN A 206 -25.37 41.23 17.33
N LYS A 207 -24.20 40.86 16.84
CA LYS A 207 -23.60 41.69 15.77
C LYS A 207 -24.34 41.57 14.41
N VAL A 208 -24.77 40.38 13.99
CA VAL A 208 -25.38 40.21 12.64
C VAL A 208 -26.80 40.81 12.73
N ARG A 209 -27.36 41.27 11.61
CA ARG A 209 -28.69 41.95 11.62
C ARG A 209 -29.63 41.30 10.61
N GLY A 210 -30.82 40.87 11.05
CA GLY A 210 -31.78 40.21 10.15
C GLY A 210 -31.96 38.74 10.52
N VAL A 211 -31.29 38.28 11.58
CA VAL A 211 -31.34 36.84 11.96
C VAL A 211 -32.42 36.66 13.03
N ASP A 212 -33.48 35.92 12.72
CA ASP A 212 -34.59 35.67 13.63
C ASP A 212 -34.25 34.60 14.68
N VAL A 213 -33.61 33.51 14.27
CA VAL A 213 -33.22 32.46 15.20
C VAL A 213 -31.83 31.95 14.83
N VAL A 214 -31.19 31.32 15.81
CA VAL A 214 -29.85 30.77 15.67
C VAL A 214 -29.86 29.34 16.16
N VAL A 215 -29.55 28.40 15.26
CA VAL A 215 -29.37 27.00 15.58
C VAL A 215 -27.88 26.69 15.49
N GLY A 216 -27.38 25.87 16.40
CA GLY A 216 -25.95 25.66 16.47
C GLY A 216 -25.51 24.39 17.16
N GLY A 217 -24.20 24.28 17.39
CA GLY A 217 -23.66 23.12 18.04
C GLY A 217 -22.18 23.25 18.26
N HIS A 218 -21.51 22.11 18.29
CA HIS A 218 -20.06 21.91 18.36
C HIS A 218 -19.51 22.07 19.78
N SER A 219 -20.33 22.47 20.74
CA SER A 219 -19.88 22.67 22.10
C SER A 219 -20.44 21.65 23.08
N ASN A 220 -21.43 20.85 22.67
CA ASN A 220 -21.98 19.78 23.50
C ASN A 220 -22.58 20.37 24.78
N THR A 221 -23.57 21.24 24.59
CA THR A 221 -24.16 22.04 25.65
C THR A 221 -25.61 21.63 25.86
N PHE A 222 -26.03 21.63 27.12
CA PHE A 222 -27.38 21.24 27.50
C PHE A 222 -28.18 22.46 27.92
N LEU A 223 -29.37 22.61 27.33
CA LEU A 223 -30.28 23.70 27.66
C LEU A 223 -31.64 23.10 28.03
N TYR A 224 -31.98 23.15 29.32
CA TYR A 224 -33.28 22.73 29.81
C TYR A 224 -33.83 23.80 30.74
N THR A 225 -35.15 24.02 30.68
CA THR A 225 -35.85 24.83 31.65
C THR A 225 -36.85 23.94 32.38
N GLY A 226 -36.73 23.90 33.70
CA GLY A 226 -37.55 22.99 34.49
C GLY A 226 -36.68 22.09 35.33
N ASN A 227 -37.07 20.82 35.40
CA ASN A 227 -36.27 19.84 36.18
C ASN A 227 -35.65 18.83 35.22
N PRO A 228 -34.31 18.75 35.12
CA PRO A 228 -33.67 17.83 34.19
C PRO A 228 -34.12 16.40 34.44
N PRO A 229 -34.40 15.63 33.38
CA PRO A 229 -34.81 14.23 33.54
C PRO A 229 -33.67 13.23 33.63
N SER A 230 -32.41 13.66 33.57
CA SER A 230 -31.29 12.72 33.57
C SER A 230 -30.05 13.43 34.09
N LYS A 231 -28.88 12.82 33.83
CA LYS A 231 -27.67 13.18 34.55
C LYS A 231 -27.15 14.57 34.18
N GLU A 232 -27.49 15.05 32.98
CA GLU A 232 -26.86 16.25 32.46
C GLU A 232 -27.34 17.49 33.19
N VAL A 233 -26.38 18.32 33.59
CA VAL A 233 -26.65 19.56 34.32
C VAL A 233 -26.80 20.69 33.31
N PRO A 234 -27.92 21.39 33.27
CA PRO A 234 -28.12 22.43 32.24
C PRO A 234 -27.27 23.67 32.53
N ALA A 235 -26.73 24.24 31.46
CA ALA A 235 -25.96 25.47 31.57
C ALA A 235 -26.80 26.73 31.41
N GLY A 236 -28.07 26.59 31.06
CA GLY A 236 -28.89 27.74 30.81
C GLY A 236 -30.34 27.35 30.59
N LYS A 237 -31.18 28.31 30.17
CA LYS A 237 -32.60 28.01 29.88
C LYS A 237 -32.71 27.52 28.44
N TYR A 238 -33.87 27.02 28.00
CA TYR A 238 -33.91 26.44 26.63
C TYR A 238 -33.89 27.44 25.47
N PRO A 239 -34.85 28.37 25.27
CA PRO A 239 -34.75 29.23 24.10
C PRO A 239 -33.91 30.36 24.68
N PHE A 240 -32.58 30.19 24.77
CA PHE A 240 -31.67 31.23 25.33
C PHE A 240 -32.03 32.56 24.68
N ILE A 241 -31.93 33.67 25.43
CA ILE A 241 -32.38 34.95 24.89
C ILE A 241 -31.24 35.95 24.97
N VAL A 242 -31.08 36.75 23.92
CA VAL A 242 -30.03 37.75 23.84
C VAL A 242 -30.62 39.04 23.26
N THR A 243 -30.22 40.16 23.83
CA THR A 243 -30.68 41.46 23.33
C THR A 243 -29.78 41.92 22.20
N SER A 244 -30.34 41.96 20.99
CA SER A 244 -29.56 42.33 19.82
C SER A 244 -29.28 43.84 19.83
N ASP A 245 -28.19 44.22 19.17
CA ASP A 245 -27.85 45.62 19.03
C ASP A 245 -28.90 46.41 18.23
N ASP A 246 -29.72 45.72 17.44
CA ASP A 246 -30.76 46.36 16.65
C ASP A 246 -32.12 46.36 17.36
N GLY A 247 -32.13 46.05 18.66
CA GLY A 247 -33.36 46.10 19.43
C GLY A 247 -34.35 44.99 19.08
N ARG A 248 -33.99 43.75 19.42
CA ARG A 248 -34.85 42.61 19.15
C ARG A 248 -34.50 41.49 20.12
N LYS A 249 -35.39 40.50 20.18
CA LYS A 249 -35.17 39.28 20.93
C LYS A 249 -34.90 38.15 19.95
N VAL A 250 -33.78 37.45 20.12
CA VAL A 250 -33.35 36.41 19.21
C VAL A 250 -33.01 35.17 20.02
N PRO A 251 -33.68 34.04 19.81
CA PRO A 251 -33.38 32.83 20.59
C PRO A 251 -32.10 32.14 20.14
N VAL A 252 -31.70 31.16 20.92
CA VAL A 252 -30.54 30.31 20.67
C VAL A 252 -30.83 28.94 21.26
N VAL A 253 -30.42 27.88 20.56
CA VAL A 253 -30.81 26.53 20.91
C VAL A 253 -29.68 25.54 20.67
N GLN A 254 -29.68 24.42 21.41
CA GLN A 254 -28.68 23.36 21.19
C GLN A 254 -29.08 22.09 21.96
N ALA A 255 -29.19 20.93 21.30
CA ALA A 255 -29.67 19.70 21.97
C ALA A 255 -28.54 18.72 22.34
N TYR A 256 -27.70 19.05 23.32
CA TYR A 256 -26.60 18.19 23.82
C TYR A 256 -25.86 17.47 22.69
N ALA A 257 -25.64 16.16 22.82
CA ALA A 257 -24.85 15.43 21.80
C ALA A 257 -25.37 14.01 21.61
N PHE A 258 -24.62 13.20 20.87
CA PHE A 258 -25.03 11.79 20.61
C PHE A 258 -26.51 11.80 20.24
N GLY A 259 -27.29 10.82 20.65
CA GLY A 259 -28.68 10.79 20.16
C GLY A 259 -29.55 10.86 21.39
N LYS A 260 -28.96 11.09 22.56
CA LYS A 260 -29.76 11.03 23.79
C LYS A 260 -30.92 12.01 23.72
N TYR A 261 -30.82 13.10 22.95
CA TYR A 261 -31.93 14.10 22.99
C TYR A 261 -32.38 14.58 21.62
N LEU A 262 -33.47 15.34 21.58
CA LEU A 262 -34.02 15.97 20.39
C LEU A 262 -34.49 17.37 20.77
N GLY A 263 -34.56 18.25 19.78
CA GLY A 263 -35.02 19.60 20.04
C GLY A 263 -36.43 19.82 19.53
N TYR A 264 -37.14 20.74 20.20
CA TYR A 264 -38.52 21.03 19.85
C TYR A 264 -38.80 22.46 20.27
N LEU A 265 -38.78 23.37 19.30
CA LEU A 265 -38.95 24.79 19.54
C LEU A 265 -40.07 25.30 18.65
N LYS A 266 -41.14 25.78 19.27
CA LYS A 266 -42.28 26.35 18.56
C LYS A 266 -42.16 27.86 18.54
N ILE A 267 -42.52 28.46 17.40
CA ILE A 267 -42.42 29.89 17.23
C ILE A 267 -43.73 30.44 16.68
N GLU A 268 -43.95 31.73 16.91
CA GLU A 268 -45.10 32.45 16.36
C GLU A 268 -44.57 33.72 15.68
N PHE A 269 -44.98 33.92 14.44
CA PHE A 269 -44.51 35.00 13.61
C PHE A 269 -45.66 35.99 13.48
N ASP A 270 -45.43 37.04 12.68
CA ASP A 270 -46.52 37.99 12.36
C ASP A 270 -46.46 38.24 10.86
N GLU A 271 -47.08 39.32 10.36
CA GLU A 271 -47.14 39.52 8.89
C GLU A 271 -45.86 40.04 8.23
N ARG A 272 -44.96 40.62 9.04
CA ARG A 272 -43.72 41.21 8.49
C ARG A 272 -42.56 40.24 8.65
N GLY A 273 -42.68 39.26 9.54
CA GLY A 273 -41.59 38.34 9.76
C GLY A 273 -40.73 38.66 10.97
N ASN A 274 -41.37 38.79 12.13
CA ASN A 274 -40.67 39.08 13.38
C ASN A 274 -41.13 38.09 14.44
N VAL A 275 -40.19 37.66 15.28
CA VAL A 275 -40.49 36.64 16.27
C VAL A 275 -41.30 37.25 17.41
N ILE A 276 -42.42 36.62 17.74
CA ILE A 276 -43.30 37.10 18.81
C ILE A 276 -43.08 36.28 20.07
N SER A 277 -43.37 34.98 19.97
CA SER A 277 -43.29 34.08 21.12
C SER A 277 -42.42 32.88 20.76
N SER A 278 -41.81 32.30 21.79
CA SER A 278 -40.92 31.15 21.61
C SER A 278 -40.92 30.33 22.89
N HIS A 279 -41.23 29.03 22.77
CA HIS A 279 -41.22 28.15 23.91
C HIS A 279 -41.01 26.72 23.45
N GLY A 280 -40.34 25.94 24.28
CA GLY A 280 -40.14 24.53 23.98
C GLY A 280 -39.19 23.92 25.00
N ASN A 281 -38.83 22.67 24.74
CA ASN A 281 -37.89 21.95 25.59
C ASN A 281 -37.38 20.75 24.82
N PRO A 282 -36.16 20.29 25.08
CA PRO A 282 -35.66 19.11 24.39
C PRO A 282 -36.38 17.85 24.87
N ILE A 283 -36.35 16.83 24.00
CA ILE A 283 -37.01 15.56 24.24
C ILE A 283 -35.96 14.55 24.65
N LEU A 284 -36.38 13.56 25.42
CA LEU A 284 -35.50 12.48 25.86
C LEU A 284 -36.06 11.16 25.33
N LEU A 285 -35.24 10.41 24.63
CA LEU A 285 -35.67 9.22 23.90
C LEU A 285 -35.43 7.98 24.76
N ASN A 286 -36.25 7.83 25.80
CA ASN A 286 -36.19 6.65 26.63
C ASN A 286 -36.89 5.50 25.93
N SER A 287 -36.86 4.31 26.57
CA SER A 287 -37.45 3.13 25.95
C SER A 287 -38.97 3.21 25.86
N SER A 288 -39.58 4.19 26.53
CA SER A 288 -41.02 4.37 26.42
C SER A 288 -41.44 4.62 24.97
N ILE A 289 -40.49 5.09 24.16
CA ILE A 289 -40.73 5.37 22.75
C ILE A 289 -40.21 4.18 21.96
N PRO A 290 -41.06 3.47 21.20
CA PRO A 290 -40.63 2.25 20.54
C PRO A 290 -39.85 2.52 19.25
N GLU A 291 -39.36 1.44 18.64
CA GLU A 291 -38.50 1.59 17.45
C GLU A 291 -39.27 1.34 16.16
N ASP A 292 -38.59 1.40 15.02
CA ASP A 292 -39.26 1.22 13.72
C ASP A 292 -38.55 0.09 12.99
N PRO A 293 -39.21 -1.08 12.77
CA PRO A 293 -38.56 -2.24 12.20
C PRO A 293 -37.93 -2.03 10.82
N SER A 294 -38.64 -1.37 9.91
CA SER A 294 -38.10 -1.24 8.53
C SER A 294 -36.70 -0.60 8.59
N ILE A 295 -36.36 0.04 9.72
CA ILE A 295 -34.99 0.60 9.89
C ILE A 295 -34.14 -0.53 10.50
N LYS A 296 -34.56 -1.13 11.61
CA LYS A 296 -33.74 -2.11 12.28
C LYS A 296 -33.36 -3.28 11.38
N ALA A 297 -34.22 -3.67 10.45
CA ALA A 297 -33.86 -4.69 9.49
C ALA A 297 -32.67 -4.24 8.66
N ASP A 298 -32.72 -3.00 8.16
CA ASP A 298 -31.61 -2.48 7.36
C ASP A 298 -30.33 -2.41 8.19
N ILE A 299 -30.44 -1.96 9.44
CA ILE A 299 -29.29 -1.92 10.32
C ILE A 299 -28.70 -3.31 10.52
N ASN A 300 -29.56 -4.28 10.83
CA ASN A 300 -29.10 -5.62 11.11
C ASN A 300 -28.40 -6.23 9.90
N LYS A 301 -28.87 -5.92 8.70
CA LYS A 301 -28.19 -6.45 7.53
C LYS A 301 -26.92 -5.67 7.21
N TRP A 302 -26.80 -4.44 7.70
CA TRP A 302 -25.54 -3.70 7.53
C TRP A 302 -24.50 -4.02 8.60
N ARG A 303 -24.89 -4.70 9.67
CA ARG A 303 -23.99 -4.93 10.79
C ARG A 303 -23.10 -6.15 10.62
N ILE A 304 -23.27 -6.91 9.54
CA ILE A 304 -22.53 -8.16 9.38
C ILE A 304 -21.04 -7.88 9.19
N LYS A 305 -20.72 -6.95 8.28
CA LYS A 305 -19.32 -6.67 7.99
C LYS A 305 -18.59 -6.12 9.22
N LEU A 306 -19.32 -5.52 10.15
CA LEU A 306 -18.69 -5.03 11.37
C LEU A 306 -18.12 -6.19 12.19
N ASP A 307 -18.86 -7.29 12.29
CA ASP A 307 -18.35 -8.45 13.02
C ASP A 307 -17.34 -9.22 12.18
N ASN A 308 -17.52 -9.25 10.86
CA ASN A 308 -16.55 -9.92 10.00
C ASN A 308 -15.20 -9.21 10.06
N TYR A 309 -15.21 -7.90 10.31
CA TYR A 309 -14.01 -7.09 10.22
C TYR A 309 -13.25 -7.01 11.54
N SER A 310 -13.88 -7.37 12.65
CA SER A 310 -13.27 -7.28 13.96
C SER A 310 -12.45 -8.51 14.33
N THR A 311 -12.33 -9.48 13.43
CA THR A 311 -11.54 -10.68 13.66
C THR A 311 -10.34 -10.73 12.74
N GLN A 312 -10.10 -9.65 12.00
CA GLN A 312 -9.12 -9.61 10.93
C GLN A 312 -7.81 -9.03 11.42
N GLU A 313 -6.74 -9.31 10.67
CA GLU A 313 -5.43 -8.79 10.98
C GLU A 313 -5.34 -7.31 10.60
N LEU A 314 -4.81 -6.51 11.53
CA LEU A 314 -4.40 -5.14 11.22
C LEU A 314 -2.91 -5.05 10.93
N GLY A 315 -2.10 -5.63 11.80
CA GLY A 315 -0.66 -5.56 11.66
C GLY A 315 -0.02 -6.72 12.37
N LYS A 316 1.13 -6.46 12.99
CA LYS A 316 1.91 -7.51 13.63
C LYS A 316 2.77 -6.90 14.71
N THR A 317 3.21 -7.74 15.63
CA THR A 317 4.18 -7.35 16.63
C THR A 317 5.12 -8.53 16.90
N ILE A 318 6.32 -8.20 17.35
CA ILE A 318 7.34 -9.18 17.69
C ILE A 318 7.77 -9.05 19.14
N VAL A 319 7.13 -8.16 19.91
CA VAL A 319 7.43 -7.98 21.32
C VAL A 319 6.15 -8.18 22.11
N TYR A 320 6.28 -8.22 23.42
CA TYR A 320 5.17 -8.32 24.33
C TYR A 320 4.75 -6.93 24.79
N LEU A 321 3.49 -6.58 24.53
CA LEU A 321 2.95 -5.27 24.88
C LEU A 321 2.37 -5.34 26.29
N ASP A 322 3.14 -4.85 27.26
CA ASP A 322 2.81 -5.00 28.68
C ASP A 322 1.81 -3.91 29.06
N GLY A 323 0.53 -4.22 28.87
CA GLY A 323 -0.53 -3.35 29.33
C GLY A 323 -1.08 -3.84 30.66
N SER A 324 -0.18 -4.23 31.56
CA SER A 324 -0.55 -4.77 32.86
C SER A 324 -0.81 -3.64 33.84
N SER A 325 -0.91 -4.02 35.12
CA SER A 325 -1.19 -3.06 36.20
C SER A 325 0.00 -2.83 37.10
N GLN A 326 0.89 -3.81 37.23
CA GLN A 326 2.09 -3.64 38.05
C GLN A 326 3.20 -2.90 37.33
N SER A 327 3.02 -2.62 36.04
CA SER A 327 4.03 -1.93 35.23
C SER A 327 3.54 -0.58 34.73
N CYS A 328 2.37 -0.54 34.10
CA CYS A 328 1.87 0.68 33.49
C CYS A 328 1.45 1.72 34.52
N ARG A 329 1.39 1.34 35.80
CA ARG A 329 1.06 2.26 36.88
C ARG A 329 2.19 2.47 37.87
N PHE A 330 3.37 1.94 37.61
CA PHE A 330 4.49 2.07 38.53
C PHE A 330 5.75 2.51 37.81
N ARG A 331 5.83 2.26 36.51
CA ARG A 331 7.02 2.59 35.74
C ARG A 331 6.58 2.95 34.33
N GLU A 332 7.56 3.06 33.43
CA GLU A 332 7.29 3.27 32.03
C GLU A 332 6.96 1.94 31.37
N CYS A 333 5.95 1.96 30.51
CA CYS A 333 5.41 0.76 29.89
C CYS A 333 5.21 1.01 28.41
N ASN A 334 5.77 0.12 27.59
CA ASN A 334 5.93 0.36 26.17
C ASN A 334 4.60 0.50 25.43
N MET A 335 3.49 0.07 26.02
CA MET A 335 2.20 0.26 25.39
C MET A 335 1.87 1.76 25.27
N GLY A 336 2.16 2.53 26.31
CA GLY A 336 1.95 3.97 26.23
C GLY A 336 2.86 4.63 25.21
N ASN A 337 4.11 4.17 25.14
CA ASN A 337 5.03 4.67 24.13
C ASN A 337 4.50 4.41 22.73
N LEU A 338 3.78 3.30 22.55
CA LEU A 338 3.12 3.07 21.26
C LEU A 338 1.93 4.00 21.08
N ILE A 339 1.18 4.24 22.15
CA ILE A 339 -0.10 4.94 22.03
C ILE A 339 0.13 6.41 21.65
N CYS A 340 1.04 7.08 22.35
CA CYS A 340 1.29 8.48 22.02
C CYS A 340 1.89 8.68 20.62
N ASP A 341 2.71 7.74 20.15
CA ASP A 341 3.22 7.87 18.80
C ASP A 341 2.07 7.96 17.80
N ALA A 342 1.07 7.11 17.96
CA ALA A 342 -0.11 7.17 17.11
C ALA A 342 -0.85 8.48 17.31
N MET A 343 -0.97 8.92 18.56
CA MET A 343 -1.67 10.17 18.82
C MET A 343 -1.07 11.33 18.03
N ILE A 344 0.26 11.45 18.03
CA ILE A 344 0.90 12.51 17.27
C ILE A 344 0.76 12.27 15.77
N ASN A 345 1.00 11.03 15.33
CA ASN A 345 0.87 10.73 13.92
C ASN A 345 -0.50 11.13 13.38
N ASN A 346 -1.52 11.16 14.24
CA ASN A 346 -2.82 11.64 13.82
C ASN A 346 -2.87 13.16 13.73
N ASN A 347 -2.19 13.84 14.66
CA ASN A 347 -2.22 15.30 14.74
C ASN A 347 -1.10 15.93 13.93
N LEU A 348 -0.99 15.55 12.66
CA LEU A 348 -0.01 16.11 11.74
C LEU A 348 -0.77 16.91 10.69
N ARG A 349 -0.63 18.22 10.73
CA ARG A 349 -1.46 19.04 9.83
C ARG A 349 -0.93 19.81 8.63
N HIS A 350 -0.35 20.99 8.89
CA HIS A 350 0.23 21.81 7.80
C HIS A 350 1.51 22.46 8.31
N THR A 351 2.47 22.68 7.41
CA THR A 351 3.71 23.38 7.79
C THR A 351 3.59 24.90 7.59
N ASP A 352 3.40 25.69 8.65
CA ASP A 352 3.17 27.15 8.49
C ASP A 352 4.41 27.82 7.92
N GLU A 353 5.51 27.09 7.76
CA GLU A 353 6.78 27.64 7.20
C GLU A 353 7.56 28.34 8.32
N MET A 354 6.99 28.40 9.53
CA MET A 354 7.74 28.96 10.69
C MET A 354 7.75 27.88 11.78
N PHE A 355 7.02 26.79 11.56
CA PHE A 355 6.98 25.65 12.51
C PHE A 355 6.82 24.37 11.69
N TRP A 356 7.30 23.24 12.19
CA TRP A 356 7.08 21.97 11.51
C TRP A 356 5.74 21.32 11.88
N ASN A 357 5.19 21.63 13.06
CA ASN A 357 3.88 21.18 13.45
C ASN A 357 3.49 21.87 14.74
N HIS A 358 2.19 22.13 14.91
CA HIS A 358 1.75 22.98 15.99
C HIS A 358 1.78 22.29 17.35
N VAL A 359 1.58 20.97 17.39
CA VAL A 359 1.51 20.22 18.63
C VAL A 359 2.50 19.06 18.56
N SER A 360 3.21 18.83 19.67
CA SER A 360 4.27 17.83 19.69
C SER A 360 4.30 17.05 21.00
N MET A 361 3.18 16.85 21.67
CA MET A 361 3.19 16.32 23.02
C MET A 361 2.01 15.39 23.25
N CYS A 362 2.15 14.54 24.27
CA CYS A 362 1.14 13.55 24.65
C CYS A 362 1.13 13.41 26.15
N ILE A 363 -0.04 13.08 26.69
CA ILE A 363 -0.19 12.69 28.08
C ILE A 363 -1.28 11.63 28.14
N LEU A 364 -1.06 10.65 29.01
CA LEU A 364 -1.99 9.52 29.14
C LEU A 364 -1.81 8.91 30.51
N ASN A 365 -2.91 8.57 31.16
CA ASN A 365 -2.87 8.01 32.50
C ASN A 365 -2.97 6.49 32.44
N GLY A 366 -2.37 5.84 33.43
CA GLY A 366 -2.31 4.39 33.45
C GLY A 366 -3.62 3.69 33.71
N GLY A 367 -4.62 4.40 34.22
CA GLY A 367 -5.93 3.81 34.43
C GLY A 367 -6.71 3.49 33.18
N GLY A 368 -6.29 4.05 32.04
CA GLY A 368 -6.90 3.76 30.76
C GLY A 368 -6.27 2.61 30.02
N ILE A 369 -5.44 1.81 30.69
CA ILE A 369 -4.76 0.69 30.09
C ILE A 369 -5.09 -0.54 30.93
N ARG A 370 -5.94 -1.42 30.39
CA ARG A 370 -6.50 -2.54 31.12
C ARG A 370 -5.73 -3.83 30.93
N SER A 371 -5.55 -4.27 29.67
CA SER A 371 -5.08 -5.60 29.35
C SER A 371 -3.79 -5.57 28.54
N PRO A 372 -2.98 -6.64 28.61
CA PRO A 372 -1.83 -6.74 27.71
C PRO A 372 -2.19 -7.38 26.37
N ILE A 373 -1.17 -7.54 25.52
CA ILE A 373 -1.29 -8.26 24.26
C ILE A 373 -0.09 -9.17 24.11
N ASP A 374 -0.36 -10.46 23.86
CA ASP A 374 0.68 -11.47 23.73
C ASP A 374 0.92 -11.75 22.25
N GLU A 375 2.19 -11.97 21.91
CA GLU A 375 2.63 -12.09 20.53
C GLU A 375 2.62 -13.53 20.01
N ARG A 376 2.09 -14.47 20.79
CA ARG A 376 2.25 -15.90 20.49
C ARG A 376 0.99 -16.46 19.81
N ASN A 377 0.37 -15.66 18.94
CA ASN A 377 -0.72 -16.08 18.09
C ASN A 377 -0.39 -15.69 16.65
N ASN A 378 0.80 -16.10 16.21
CA ASN A 378 1.34 -15.79 14.89
C ASN A 378 1.76 -14.33 14.79
N GLY A 379 1.86 -13.62 15.91
CA GLY A 379 2.16 -12.20 15.89
C GLY A 379 1.06 -11.42 15.22
N THR A 380 -0.12 -11.41 15.84
CA THR A 380 -1.32 -10.87 15.23
C THR A 380 -1.99 -9.92 16.20
N ILE A 381 -2.60 -8.87 15.65
CA ILE A 381 -3.33 -7.88 16.42
C ILE A 381 -4.71 -7.71 15.79
N THR A 382 -5.72 -7.57 16.65
CA THR A 382 -7.11 -7.57 16.23
C THR A 382 -7.85 -6.45 16.95
N TRP A 383 -8.92 -5.96 16.32
CA TRP A 383 -9.69 -4.88 16.91
C TRP A 383 -10.14 -5.22 18.33
N GLU A 384 -10.50 -6.48 18.58
CA GLU A 384 -10.91 -6.88 19.92
C GLU A 384 -9.76 -6.76 20.92
N ASN A 385 -8.55 -7.15 20.50
CA ASN A 385 -7.40 -7.03 21.38
C ASN A 385 -7.17 -5.57 21.78
N LEU A 386 -7.57 -4.63 20.94
CA LEU A 386 -7.43 -3.23 21.26
C LEU A 386 -8.57 -2.75 22.13
N ALA A 387 -9.80 -3.14 21.78
CA ALA A 387 -10.97 -2.78 22.58
C ALA A 387 -10.86 -3.28 24.02
N ALA A 388 -10.08 -4.34 24.25
CA ALA A 388 -9.86 -4.83 25.59
C ALA A 388 -8.85 -3.99 26.35
N VAL A 389 -8.20 -3.02 25.70
CA VAL A 389 -7.23 -2.16 26.36
C VAL A 389 -7.89 -0.85 26.73
N LEU A 390 -8.83 -0.39 25.89
CA LEU A 390 -9.47 0.92 26.05
C LEU A 390 -10.98 0.72 25.98
N PRO A 391 -11.59 0.12 27.01
CA PRO A 391 -12.99 -0.30 26.90
C PRO A 391 -14.00 0.77 27.32
N PHE A 392 -13.86 2.00 26.84
CA PHE A 392 -14.68 3.10 27.33
C PHE A 392 -15.28 3.98 26.25
N GLY A 393 -14.90 3.79 24.99
CA GLY A 393 -15.40 4.66 23.94
C GLY A 393 -15.03 6.13 24.12
N GLY A 394 -13.78 6.39 24.52
CA GLY A 394 -13.31 7.73 24.79
C GLY A 394 -12.78 8.41 23.54
N THR A 395 -12.04 9.50 23.77
CA THR A 395 -11.45 10.28 22.69
C THR A 395 -10.17 10.91 23.20
N PHE A 396 -9.34 11.34 22.26
CA PHE A 396 -8.10 12.05 22.54
C PHE A 396 -8.34 13.52 22.21
N ASP A 397 -8.14 14.39 23.19
CA ASP A 397 -8.59 15.77 23.12
C ASP A 397 -7.40 16.72 23.06
N LEU A 398 -7.50 17.72 22.19
CA LEU A 398 -6.50 18.76 22.04
C LEU A 398 -6.92 19.99 22.85
N VAL A 399 -5.99 20.52 23.64
CA VAL A 399 -6.24 21.64 24.53
C VAL A 399 -5.01 22.55 24.52
N GLN A 400 -5.08 23.62 25.31
CA GLN A 400 -3.96 24.50 25.58
C GLN A 400 -3.78 24.65 27.08
N LEU A 401 -2.54 24.83 27.50
CA LEU A 401 -2.21 25.01 28.91
C LEU A 401 -1.02 25.95 29.03
N LYS A 402 -0.92 26.59 30.17
CA LYS A 402 0.31 27.27 30.52
C LYS A 402 1.36 26.23 30.89
N GLY A 403 2.53 26.70 31.30
CA GLY A 403 3.59 25.81 31.70
C GLY A 403 3.63 25.49 33.17
N SER A 404 2.63 25.93 33.94
CA SER A 404 2.55 25.68 35.37
C SER A 404 1.51 24.62 35.71
N THR A 405 0.33 24.68 35.06
CA THR A 405 -0.64 23.62 35.20
C THR A 405 -0.05 22.26 34.90
N LEU A 406 0.83 22.20 33.90
CA LEU A 406 1.47 20.94 33.53
C LEU A 406 2.34 20.41 34.66
N LYS A 407 3.11 21.29 35.29
CA LYS A 407 3.94 20.87 36.41
C LYS A 407 3.07 20.43 37.57
N LYS A 408 1.95 21.13 37.80
CA LYS A 408 1.01 20.70 38.82
C LYS A 408 0.52 19.30 38.56
N ALA A 409 0.18 19.00 37.30
CA ALA A 409 -0.28 17.67 36.94
C ALA A 409 0.81 16.63 37.20
N PHE A 410 2.03 16.92 36.77
CA PHE A 410 3.09 15.94 36.92
C PHE A 410 3.51 15.77 38.38
N GLU A 411 3.17 16.73 39.24
CA GLU A 411 3.44 16.58 40.66
C GLU A 411 2.32 15.82 41.36
N HIS A 412 1.09 16.03 40.92
CA HIS A 412 -0.04 15.31 41.49
C HIS A 412 -0.02 13.85 41.10
N SER A 413 0.55 13.53 39.94
CA SER A 413 0.59 12.14 39.49
C SER A 413 1.41 11.24 40.42
N VAL A 414 2.26 11.82 41.26
CA VAL A 414 3.23 11.02 42.00
C VAL A 414 3.21 11.36 43.49
N HIS A 415 2.11 11.89 44.00
CA HIS A 415 2.07 12.32 45.39
C HIS A 415 1.69 11.19 46.35
N ARG A 416 1.28 10.02 45.85
CA ARG A 416 1.09 8.84 46.68
C ARG A 416 1.49 7.63 45.84
N TYR A 417 2.73 7.17 46.03
CA TYR A 417 3.31 6.16 45.17
C TYR A 417 3.35 4.82 45.90
N GLY A 418 2.73 3.81 45.30
CA GLY A 418 2.76 2.46 45.86
C GLY A 418 1.38 1.92 46.19
N GLN A 419 0.35 2.39 45.47
CA GLN A 419 -1.01 1.96 45.74
C GLN A 419 -1.75 1.54 44.47
N SER A 420 -1.02 1.27 43.38
CA SER A 420 -1.64 0.86 42.12
C SER A 420 -2.78 1.79 41.71
N THR A 421 -2.56 3.09 41.89
CA THR A 421 -3.55 4.09 41.55
C THR A 421 -3.41 4.50 40.10
N GLY A 422 -4.54 4.82 39.47
CA GLY A 422 -4.56 5.14 38.05
C GLY A 422 -4.27 6.60 37.73
N GLU A 423 -3.34 7.20 38.47
CA GLU A 423 -2.96 8.58 38.25
C GLU A 423 -1.58 8.73 37.64
N PHE A 424 -0.86 7.64 37.44
CA PHE A 424 0.44 7.70 36.78
C PHE A 424 0.28 8.03 35.30
N LEU A 425 1.19 8.86 34.80
CA LEU A 425 1.10 9.42 33.47
C LEU A 425 2.14 8.80 32.56
N GLN A 426 1.69 8.23 31.46
CA GLN A 426 2.56 7.89 30.36
C GLN A 426 2.61 9.07 29.40
N VAL A 427 3.75 9.28 28.74
CA VAL A 427 4.04 10.52 28.06
C VAL A 427 4.53 10.24 26.63
N GLY A 428 4.62 11.32 25.87
CA GLY A 428 5.16 11.32 24.53
C GLY A 428 5.60 12.73 24.17
N GLY A 429 6.81 12.88 23.67
CA GLY A 429 7.34 14.20 23.44
C GLY A 429 7.77 14.92 24.70
N ILE A 430 8.07 14.18 25.76
CA ILE A 430 8.39 14.75 27.05
C ILE A 430 9.47 13.90 27.71
N HIS A 431 10.40 14.56 28.37
CA HIS A 431 11.44 13.91 29.15
C HIS A 431 11.36 14.42 30.57
N VAL A 432 11.09 13.53 31.52
CA VAL A 432 10.82 13.90 32.90
C VAL A 432 11.64 13.02 33.82
N VAL A 433 11.88 13.54 35.02
CA VAL A 433 12.68 12.89 36.04
C VAL A 433 12.02 13.13 37.39
N TYR A 434 12.22 12.19 38.31
CA TYR A 434 11.57 12.21 39.61
C TYR A 434 12.58 11.99 40.71
N ASP A 435 12.20 12.42 41.91
CA ASP A 435 12.99 12.16 43.13
C ASP A 435 11.97 11.98 44.26
N LEU A 436 11.63 10.72 44.53
CA LEU A 436 10.52 10.39 45.42
C LEU A 436 10.86 10.54 46.89
N SER A 437 12.08 11.01 47.21
CA SER A 437 12.49 11.21 48.59
C SER A 437 12.13 12.58 49.12
N ARG A 438 11.54 13.45 48.30
CA ARG A 438 11.19 14.80 48.72
C ARG A 438 9.73 14.88 49.12
N LYS A 439 9.36 16.01 49.71
CA LYS A 439 8.00 16.18 50.18
C LYS A 439 7.05 16.26 48.99
N PRO A 440 5.83 15.73 49.11
CA PRO A 440 4.89 15.80 47.99
C PRO A 440 4.66 17.22 47.54
N GLY A 441 4.51 17.38 46.22
CA GLY A 441 4.40 18.69 45.62
C GLY A 441 5.71 19.26 45.12
N ASP A 442 6.83 18.65 45.47
CA ASP A 442 8.14 19.11 45.02
C ASP A 442 9.00 17.90 44.65
N ARG A 443 8.39 16.95 43.95
CA ARG A 443 9.11 15.74 43.54
C ARG A 443 9.66 15.81 42.12
N VAL A 444 9.20 16.76 41.31
CA VAL A 444 9.66 16.86 39.92
C VAL A 444 10.83 17.85 39.88
N VAL A 445 11.96 17.37 39.39
CA VAL A 445 13.18 18.16 39.35
C VAL A 445 13.58 18.58 37.94
N LYS A 446 13.24 17.76 36.94
CA LYS A 446 13.55 18.11 35.53
C LYS A 446 12.32 17.84 34.66
N LEU A 447 12.16 18.60 33.59
CA LEU A 447 11.01 18.41 32.67
C LEU A 447 11.39 19.10 31.37
N ASP A 448 11.41 18.36 30.25
CA ASP A 448 11.85 18.91 28.96
C ASP A 448 10.81 18.58 27.90
N VAL A 449 10.59 19.44 26.93
CA VAL A 449 9.60 19.31 25.87
C VAL A 449 10.27 19.48 24.53
N LEU A 450 9.47 19.39 23.48
CA LEU A 450 9.94 19.30 22.11
C LEU A 450 9.62 20.58 21.35
N CYS A 451 10.66 21.21 20.82
CA CYS A 451 10.52 22.44 20.05
C CYS A 451 9.60 22.28 18.84
N THR A 452 8.72 23.28 18.68
CA THR A 452 7.91 23.47 17.48
C THR A 452 8.31 24.72 16.71
N LYS A 453 8.67 25.79 17.41
CA LYS A 453 9.08 27.03 16.76
C LYS A 453 10.50 26.85 16.23
N CYS A 454 10.62 25.90 15.31
CA CYS A 454 11.91 25.29 15.01
C CYS A 454 11.82 24.34 13.80
N ARG A 455 12.85 24.34 12.97
CA ARG A 455 12.90 23.47 11.79
C ARG A 455 13.46 22.09 12.12
N VAL A 456 14.41 22.04 13.04
CA VAL A 456 15.01 20.79 13.51
C VAL A 456 14.45 20.51 14.91
N PRO A 457 13.64 19.47 15.09
CA PRO A 457 13.12 19.19 16.43
C PRO A 457 14.23 18.94 17.43
N SER A 458 14.01 19.42 18.65
CA SER A 458 14.99 19.31 19.71
C SER A 458 14.31 19.50 21.04
N TYR A 459 14.87 18.90 22.08
CA TYR A 459 14.29 18.94 23.41
C TYR A 459 14.84 20.10 24.20
N ASP A 460 13.94 20.91 24.74
CA ASP A 460 14.26 22.15 25.43
C ASP A 460 13.54 22.17 26.77
N PRO A 461 14.03 22.95 27.73
CA PRO A 461 13.37 23.02 29.04
C PRO A 461 11.99 23.66 28.98
N LEU A 462 11.37 23.81 30.15
CA LEU A 462 10.02 24.35 30.26
C LEU A 462 10.06 25.75 30.86
N LYS A 463 9.23 26.64 30.32
CA LYS A 463 9.10 28.00 30.80
C LYS A 463 7.75 28.14 31.46
N MET A 464 7.75 28.60 32.71
CA MET A 464 6.54 28.58 33.51
C MET A 464 5.53 29.64 33.09
N ASP A 465 5.80 30.36 31.99
CA ASP A 465 4.82 31.27 31.39
C ASP A 465 4.93 31.18 29.87
N GLU A 466 4.14 30.28 29.30
CA GLU A 466 4.06 30.08 27.86
C GLU A 466 2.91 29.12 27.60
N VAL A 467 2.33 29.22 26.41
CA VAL A 467 1.21 28.39 26.03
C VAL A 467 1.72 27.17 25.27
N TYR A 468 1.33 26.00 25.74
CA TYR A 468 1.68 24.73 25.14
C TYR A 468 0.41 24.01 24.75
N LYS A 469 0.37 23.50 23.52
CA LYS A 469 -0.76 22.69 23.06
C LYS A 469 -0.45 21.23 23.30
N VAL A 470 -1.43 20.51 23.84
CA VAL A 470 -1.23 19.16 24.36
C VAL A 470 -2.39 18.28 23.95
N ILE A 471 -2.14 16.97 23.96
CA ILE A 471 -3.15 15.96 23.71
C ILE A 471 -3.34 15.15 24.98
N LEU A 472 -4.60 14.88 25.32
CA LEU A 472 -4.93 14.12 26.50
C LEU A 472 -6.37 13.64 26.40
N PRO A 473 -6.73 12.58 27.11
CA PRO A 473 -8.06 12.00 26.95
C PRO A 473 -9.16 12.85 27.58
N ASN A 474 -10.39 12.61 27.10
CA ASN A 474 -11.53 13.36 27.61
C ASN A 474 -11.74 13.12 29.11
N PHE A 475 -11.45 11.92 29.59
CA PHE A 475 -11.65 11.61 31.00
C PHE A 475 -10.79 12.52 31.88
N LEU A 476 -9.63 12.92 31.38
CA LEU A 476 -8.76 13.80 32.14
C LEU A 476 -9.19 15.26 32.02
N ALA A 477 -9.55 15.69 30.80
CA ALA A 477 -9.96 17.07 30.61
C ALA A 477 -11.20 17.40 31.43
N ASN A 478 -12.17 16.48 31.47
CA ASN A 478 -13.31 16.74 32.33
C ASN A 478 -13.01 16.55 33.81
N GLY A 479 -11.75 16.35 34.21
CA GLY A 479 -11.37 16.36 35.60
C GLY A 479 -11.28 15.01 36.27
N GLY A 480 -11.34 13.91 35.50
CA GLY A 480 -11.31 12.60 36.10
C GLY A 480 -9.99 12.34 36.83
N ASP A 481 -10.08 11.57 37.91
CA ASP A 481 -8.94 11.03 38.63
C ASP A 481 -8.23 12.08 39.49
N GLY A 482 -8.90 13.19 39.79
CA GLY A 482 -8.29 14.21 40.63
C GLY A 482 -7.62 15.34 39.87
N PHE A 483 -7.77 15.39 38.55
CA PHE A 483 -7.09 16.39 37.74
C PHE A 483 -8.02 17.57 37.50
N GLN A 484 -8.31 18.28 38.60
CA GLN A 484 -9.14 19.46 38.53
C GLN A 484 -8.39 20.66 37.95
N MET A 485 -7.09 20.73 38.20
CA MET A 485 -6.28 21.82 37.70
C MET A 485 -6.44 21.99 36.20
N ILE A 486 -6.52 20.88 35.48
CA ILE A 486 -6.68 20.93 34.03
C ILE A 486 -8.03 21.54 33.65
N LYS A 487 -9.08 21.13 34.35
CA LYS A 487 -10.42 21.62 34.03
C LYS A 487 -10.61 23.07 34.46
N ASP A 488 -9.77 23.58 35.35
CA ASP A 488 -9.91 24.93 35.87
C ASP A 488 -8.99 25.93 35.18
N GLU A 489 -7.78 25.49 34.82
CA GLU A 489 -6.79 26.42 34.23
C GLU A 489 -6.49 26.08 32.77
N LEU A 490 -7.47 25.61 31.98
CA LEU A 490 -7.16 25.39 30.55
C LEU A 490 -7.57 26.65 29.78
N LEU A 491 -7.10 26.83 28.54
CA LEU A 491 -7.38 28.06 27.77
C LEU A 491 -8.16 27.75 26.48
N ARG A 492 -8.50 26.49 26.22
CA ARG A 492 -9.36 26.07 25.10
C ARG A 492 -9.48 24.56 25.10
N HIS A 493 -10.45 24.00 24.38
CA HIS A 493 -10.70 22.57 24.38
C HIS A 493 -11.40 22.25 23.07
N ASP A 494 -10.86 21.29 22.34
CA ASP A 494 -11.46 20.81 21.09
C ASP A 494 -11.41 19.30 21.14
N SER A 495 -12.53 18.66 20.83
CA SER A 495 -12.59 17.21 20.82
C SER A 495 -11.84 16.64 19.62
N GLY A 496 -11.67 15.33 19.62
CA GLY A 496 -10.91 14.65 18.60
C GLY A 496 -11.53 13.32 18.21
N ASP A 497 -10.67 12.43 17.72
CA ASP A 497 -11.06 11.17 17.13
C ASP A 497 -11.09 10.06 18.16
N GLN A 498 -11.70 8.92 17.77
CA GLN A 498 -11.74 7.76 18.63
C GLN A 498 -10.35 7.17 18.81
N ASP A 499 -10.06 6.72 20.04
CA ASP A 499 -8.74 6.24 20.37
C ASP A 499 -8.38 4.97 19.59
N ILE A 500 -9.29 4.01 19.58
CA ILE A 500 -9.01 2.73 18.93
C ILE A 500 -8.71 2.93 17.44
N ASN A 501 -9.44 3.85 16.80
CA ASN A 501 -9.16 4.13 15.39
C ASN A 501 -7.76 4.74 15.21
N VAL A 502 -7.36 5.63 16.12
CA VAL A 502 -6.02 6.21 16.06
C VAL A 502 -4.98 5.09 16.07
N VAL A 503 -5.06 4.23 17.08
CA VAL A 503 -4.05 3.19 17.23
C VAL A 503 -4.15 2.27 16.02
N SER A 504 -5.37 1.99 15.57
CA SER A 504 -5.56 1.11 14.44
C SER A 504 -4.86 1.64 13.18
N THR A 505 -5.06 2.92 12.89
CA THR A 505 -4.39 3.51 11.73
C THR A 505 -2.89 3.54 11.97
N TYR A 506 -2.42 3.86 13.16
CA TYR A 506 -0.96 3.79 13.34
C TYR A 506 -0.49 2.39 12.96
N ILE A 507 -1.05 1.36 13.60
CA ILE A 507 -0.54 -0.02 13.34
C ILE A 507 -0.68 -0.55 11.90
N SER A 508 -1.74 -0.16 11.18
CA SER A 508 -1.93 -0.62 9.79
C SER A 508 -0.93 0.06 8.86
N LYS A 509 -0.25 1.11 9.33
CA LYS A 509 0.71 1.87 8.50
C LYS A 509 2.13 1.31 8.67
N MET A 510 2.59 1.20 9.91
CA MET A 510 3.93 0.63 10.20
C MET A 510 3.96 -0.83 9.74
N LYS A 511 2.85 -1.56 9.89
CA LYS A 511 2.70 -2.94 9.45
C LYS A 511 3.56 -3.91 10.26
N VAL A 512 4.52 -3.42 11.05
CA VAL A 512 5.26 -4.23 12.02
C VAL A 512 5.77 -3.27 13.07
N ILE A 513 5.53 -3.58 14.34
CA ILE A 513 5.89 -2.70 15.43
C ILE A 513 6.76 -3.43 16.42
N TYR A 514 7.86 -2.79 16.81
CA TYR A 514 8.74 -3.29 17.84
C TYR A 514 9.03 -2.18 18.83
N PRO A 515 8.01 -1.69 19.54
CA PRO A 515 8.22 -0.64 20.52
C PRO A 515 9.11 -1.08 21.67
N ALA A 516 9.71 -0.10 22.32
CA ALA A 516 10.72 -0.37 23.34
C ALA A 516 10.63 0.67 24.45
N VAL A 517 11.25 0.32 25.57
CA VAL A 517 11.38 1.22 26.70
C VAL A 517 12.65 2.02 26.52
N GLU A 518 12.52 3.35 26.47
CA GLU A 518 13.61 4.22 26.04
C GLU A 518 14.22 5.06 27.14
N GLY A 519 13.43 5.55 28.08
CA GLY A 519 13.95 6.43 29.11
C GLY A 519 13.24 7.77 29.16
N ARG A 520 11.98 7.80 28.74
CA ARG A 520 11.22 9.04 28.85
C ARG A 520 10.85 9.35 30.30
N ILE A 521 11.00 8.37 31.19
CA ILE A 521 10.79 8.54 32.61
C ILE A 521 11.92 7.83 33.34
N LYS A 522 12.41 8.45 34.42
CA LYS A 522 13.45 7.83 35.21
C LYS A 522 13.45 8.42 36.61
N PHE A 523 14.12 7.72 37.52
CA PHE A 523 14.19 8.11 38.92
C PHE A 523 15.67 8.30 39.29
N SER A 524 15.96 9.37 40.00
CA SER A 524 17.32 9.66 40.41
C SER A 524 17.52 9.34 41.90
N ASP B 1 -9.30 30.62 -17.72
CA ASP B 1 -8.17 30.83 -16.81
C ASP B 1 -7.14 31.74 -17.43
N ILE B 2 -6.37 31.19 -18.39
CA ILE B 2 -5.25 31.93 -18.95
C ILE B 2 -5.73 33.18 -19.68
N GLN B 3 -6.78 33.04 -20.51
CA GLN B 3 -7.15 34.12 -21.41
C GLN B 3 -7.77 35.29 -20.66
N MET B 4 -8.92 35.10 -20.00
CA MET B 4 -9.61 36.21 -19.29
C MET B 4 -10.05 37.38 -20.18
N THR B 5 -10.74 37.08 -21.26
CA THR B 5 -11.14 38.17 -22.19
C THR B 5 -12.12 39.03 -21.42
N GLN B 6 -11.90 40.36 -21.30
CA GLN B 6 -12.89 41.28 -20.69
C GLN B 6 -13.68 41.84 -21.86
N SER B 7 -14.78 41.19 -22.22
CA SER B 7 -15.55 41.53 -23.46
C SER B 7 -15.79 43.01 -23.78
N PRO B 8 -16.15 43.92 -22.86
CA PRO B 8 -16.55 45.27 -23.27
C PRO B 8 -15.27 46.11 -23.39
N SER B 9 -15.24 47.15 -24.24
CA SER B 9 -13.96 47.88 -24.44
C SER B 9 -14.16 49.38 -24.20
N SER B 10 -15.35 49.89 -24.48
CA SER B 10 -15.63 51.34 -24.32
C SER B 10 -17.15 51.55 -24.30
N LEU B 11 -17.70 51.98 -23.18
CA LEU B 11 -19.17 52.16 -23.07
C LEU B 11 -19.42 53.65 -22.87
N SER B 12 -20.49 54.19 -23.49
CA SER B 12 -20.82 55.59 -23.31
C SER B 12 -21.90 55.66 -22.24
N ALA B 13 -21.69 56.53 -21.25
CA ALA B 13 -22.61 56.62 -20.13
C ALA B 13 -22.71 58.05 -19.64
N SER B 14 -23.67 58.29 -18.77
CA SER B 14 -23.85 59.59 -18.12
C SER B 14 -24.44 59.35 -16.75
N VAL B 15 -24.25 60.32 -15.85
CA VAL B 15 -24.68 60.19 -14.46
C VAL B 15 -26.14 59.76 -14.41
N GLY B 16 -26.40 58.63 -13.74
CA GLY B 16 -27.76 58.18 -13.54
C GLY B 16 -28.09 56.82 -14.14
N ASP B 17 -27.42 56.45 -15.22
CA ASP B 17 -27.76 55.24 -15.95
C ASP B 17 -27.31 54.00 -15.18
N ARG B 18 -27.51 52.83 -15.78
CA ARG B 18 -27.09 51.56 -15.20
C ARG B 18 -26.16 50.86 -16.18
N VAL B 19 -24.92 50.63 -15.76
CA VAL B 19 -23.88 50.08 -16.62
C VAL B 19 -23.52 48.67 -16.15
N THR B 20 -23.22 47.80 -17.11
CA THR B 20 -22.88 46.42 -16.83
C THR B 20 -21.61 46.05 -17.59
N ILE B 21 -20.71 45.32 -16.92
CA ILE B 21 -19.43 44.93 -17.49
C ILE B 21 -19.27 43.43 -17.34
N THR B 22 -18.78 42.77 -18.38
CA THR B 22 -18.62 41.32 -18.39
C THR B 22 -17.15 40.97 -18.53
N CYS B 23 -16.81 39.78 -18.01
CA CYS B 23 -15.44 39.26 -18.06
C CYS B 23 -15.52 37.75 -18.23
N ARG B 24 -15.37 37.29 -19.47
CA ARG B 24 -15.50 35.88 -19.81
C ARG B 24 -14.14 35.20 -19.73
N ALA B 25 -14.01 34.21 -18.85
CA ALA B 25 -12.78 33.44 -18.71
C ALA B 25 -12.68 32.42 -19.83
N SER B 26 -11.71 31.50 -19.74
CA SER B 26 -11.46 30.58 -20.85
C SER B 26 -11.85 29.13 -20.55
N GLN B 27 -11.27 28.48 -19.53
CA GLN B 27 -11.60 27.11 -19.25
C GLN B 27 -12.61 27.05 -18.10
N ASP B 28 -12.19 27.37 -16.88
CA ASP B 28 -13.13 27.45 -15.75
C ASP B 28 -12.35 28.10 -14.60
N VAL B 29 -12.78 29.30 -14.18
CA VAL B 29 -12.10 29.93 -13.05
C VAL B 29 -12.73 29.52 -11.72
N GLY B 30 -13.89 28.87 -11.77
CA GLY B 30 -14.58 28.49 -10.55
C GLY B 30 -15.33 29.66 -9.95
N THR B 31 -14.82 30.20 -8.85
CA THR B 31 -15.38 31.42 -8.28
C THR B 31 -14.31 32.38 -7.81
N ALA B 32 -13.03 32.11 -8.08
CA ALA B 32 -11.93 32.99 -7.70
C ALA B 32 -11.73 34.02 -8.80
N GLU B 33 -12.06 35.29 -8.52
CA GLU B 33 -11.95 36.35 -9.50
C GLU B 33 -12.17 37.67 -8.79
N ALA B 34 -11.52 38.72 -9.30
CA ALA B 34 -11.54 40.03 -8.66
C ALA B 34 -11.72 41.11 -9.72
N TRP B 35 -12.13 42.29 -9.27
CA TRP B 35 -12.39 43.43 -10.14
C TRP B 35 -11.62 44.63 -9.64
N TYR B 36 -10.87 45.27 -10.55
CA TYR B 36 -10.02 46.40 -10.22
C TYR B 36 -10.46 47.64 -10.97
N GLN B 37 -10.09 48.80 -10.43
CA GLN B 37 -10.40 50.09 -11.05
C GLN B 37 -9.15 50.96 -11.00
N GLN B 38 -8.69 51.40 -12.17
CA GLN B 38 -7.51 52.24 -12.28
C GLN B 38 -7.91 53.57 -12.92
N LYS B 39 -7.69 54.66 -12.20
CA LYS B 39 -7.90 55.99 -12.75
C LYS B 39 -6.84 56.30 -13.80
N PRO B 40 -6.92 57.45 -14.45
CA PRO B 40 -5.89 57.80 -15.43
C PRO B 40 -4.54 58.07 -14.77
N GLY B 41 -3.60 57.15 -14.98
CA GLY B 41 -2.26 57.30 -14.44
C GLY B 41 -2.16 57.24 -12.92
N LYS B 42 -2.96 56.39 -12.28
CA LYS B 42 -2.87 56.17 -10.84
C LYS B 42 -2.86 54.67 -10.56
N ALA B 43 -2.47 54.32 -9.34
CA ALA B 43 -2.40 52.90 -8.96
C ALA B 43 -3.80 52.29 -8.90
N PRO B 44 -3.95 51.04 -9.33
CA PRO B 44 -5.27 50.40 -9.30
C PRO B 44 -5.78 50.24 -7.87
N LYS B 45 -7.05 49.86 -7.78
CA LYS B 45 -7.72 49.62 -6.50
C LYS B 45 -8.65 48.43 -6.65
N LEU B 46 -8.69 47.59 -5.62
CA LEU B 46 -9.53 46.40 -5.64
C LEU B 46 -10.93 46.73 -5.14
N LEU B 47 -11.94 46.18 -5.82
CA LEU B 47 -13.33 46.35 -5.43
C LEU B 47 -13.93 45.05 -4.92
N ILE B 48 -13.90 43.99 -5.71
CA ILE B 48 -14.61 42.76 -5.42
C ILE B 48 -13.67 41.57 -5.63
N TYR B 49 -13.57 40.72 -4.61
CA TYR B 49 -12.89 39.44 -4.75
C TYR B 49 -13.84 38.31 -4.38
N TRP B 50 -13.43 37.08 -4.66
CA TRP B 50 -14.28 35.91 -4.53
C TRP B 50 -15.48 35.99 -5.45
N ALA B 51 -15.47 36.98 -6.35
CA ALA B 51 -16.47 37.16 -7.40
C ALA B 51 -17.78 37.75 -6.88
N SER B 52 -17.94 37.86 -5.56
CA SER B 52 -19.11 38.53 -5.03
C SER B 52 -18.84 39.40 -3.80
N THR B 53 -17.71 39.24 -3.12
CA THR B 53 -17.43 40.01 -1.92
C THR B 53 -16.97 41.42 -2.28
N ARG B 54 -17.16 42.35 -1.35
CA ARG B 54 -16.82 43.75 -1.57
C ARG B 54 -15.75 44.17 -0.57
N HIS B 55 -14.66 44.73 -1.08
CA HIS B 55 -13.56 45.15 -0.24
C HIS B 55 -14.01 46.29 0.67
N THR B 56 -13.40 46.37 1.85
CA THR B 56 -13.77 47.35 2.85
C THR B 56 -13.49 48.75 2.33
N GLY B 57 -14.56 49.55 2.18
CA GLY B 57 -14.44 50.92 1.72
C GLY B 57 -15.01 51.17 0.33
N VAL B 58 -15.75 50.23 -0.26
CA VAL B 58 -16.27 50.41 -1.60
C VAL B 58 -17.73 50.88 -1.52
N PRO B 59 -18.19 51.73 -2.45
CA PRO B 59 -19.59 52.14 -2.42
C PRO B 59 -20.52 50.98 -2.70
N SER B 60 -21.73 51.07 -2.16
CA SER B 60 -22.70 50.00 -2.26
C SER B 60 -23.24 49.80 -3.68
N ARG B 61 -23.13 50.81 -4.55
CA ARG B 61 -23.65 50.65 -5.90
C ARG B 61 -22.84 49.64 -6.71
N PHE B 62 -21.66 49.26 -6.23
CA PHE B 62 -20.84 48.26 -6.89
C PHE B 62 -21.26 46.86 -6.42
N SER B 63 -21.47 45.97 -7.38
CA SER B 63 -21.91 44.63 -7.03
C SER B 63 -21.46 43.66 -8.12
N GLY B 64 -20.95 42.49 -7.70
CA GLY B 64 -20.53 41.47 -8.62
C GLY B 64 -21.50 40.31 -8.65
N SER B 65 -21.33 39.45 -9.64
CA SER B 65 -22.20 38.30 -9.82
C SER B 65 -21.47 37.25 -10.64
N GLY B 66 -22.22 36.25 -11.12
CA GLY B 66 -21.68 35.27 -12.05
C GLY B 66 -20.80 34.22 -11.38
N SER B 67 -20.71 33.07 -12.03
CA SER B 67 -19.85 31.98 -11.59
C SER B 67 -19.57 31.08 -12.78
N GLY B 68 -18.55 30.24 -12.64
CA GLY B 68 -18.18 29.36 -13.71
C GLY B 68 -17.18 30.00 -14.66
N THR B 69 -17.68 30.54 -15.78
CA THR B 69 -16.84 31.23 -16.75
C THR B 69 -17.42 32.56 -17.22
N ASP B 70 -18.49 33.04 -16.59
CA ASP B 70 -19.15 34.27 -17.00
C ASP B 70 -19.41 35.12 -15.77
N PHE B 71 -18.72 36.25 -15.66
CA PHE B 71 -18.86 37.17 -14.53
C PHE B 71 -19.43 38.49 -15.00
N THR B 72 -19.71 39.37 -14.05
CA THR B 72 -20.32 40.65 -14.36
C THR B 72 -20.13 41.62 -13.20
N LEU B 73 -19.75 42.85 -13.53
CA LEU B 73 -19.75 43.96 -12.58
C LEU B 73 -20.86 44.94 -12.98
N THR B 74 -21.65 45.35 -12.00
CA THR B 74 -22.78 46.23 -12.26
C THR B 74 -22.70 47.44 -11.37
N ILE B 75 -22.84 48.62 -11.96
CA ILE B 75 -22.94 49.88 -11.23
C ILE B 75 -24.29 50.50 -11.58
N SER B 76 -25.08 50.81 -10.55
CA SER B 76 -26.38 51.44 -10.74
C SER B 76 -26.29 52.90 -10.35
N SER B 77 -26.84 53.78 -11.19
CA SER B 77 -26.78 55.21 -10.93
C SER B 77 -25.34 55.69 -10.87
N LEU B 78 -24.68 55.68 -12.03
CA LEU B 78 -23.30 56.14 -12.14
C LEU B 78 -23.06 57.48 -11.44
N GLN B 79 -21.86 57.69 -10.91
CA GLN B 79 -21.56 58.91 -10.19
C GLN B 79 -20.42 59.65 -10.88
N PRO B 80 -20.21 60.94 -10.57
CA PRO B 80 -19.14 61.68 -11.25
C PRO B 80 -17.75 61.09 -11.02
N GLU B 81 -17.51 60.51 -9.84
CA GLU B 81 -16.19 59.96 -9.51
C GLU B 81 -15.99 58.54 -9.99
N ASP B 82 -16.79 58.08 -10.96
CA ASP B 82 -16.75 56.68 -11.38
C ASP B 82 -16.51 56.55 -12.88
N PHE B 83 -15.52 57.26 -13.42
CA PHE B 83 -15.13 57.16 -14.83
C PHE B 83 -13.64 56.81 -14.88
N ALA B 84 -13.36 55.51 -14.88
CA ALA B 84 -11.99 55.01 -14.83
C ALA B 84 -11.93 53.73 -15.66
N THR B 85 -10.85 52.99 -15.51
CA THR B 85 -10.65 51.72 -16.21
C THR B 85 -10.81 50.57 -15.22
N TYR B 86 -11.54 49.54 -15.63
CA TYR B 86 -11.88 48.41 -14.77
C TYR B 86 -11.27 47.14 -15.32
N TYR B 87 -10.62 46.37 -14.44
CA TYR B 87 -9.90 45.17 -14.83
C TYR B 87 -10.43 43.97 -14.05
N CYS B 88 -10.41 42.80 -14.70
CA CYS B 88 -10.87 41.55 -14.13
C CYS B 88 -9.73 40.54 -14.09
N GLN B 89 -9.55 39.89 -12.94
CA GLN B 89 -8.47 38.95 -12.71
C GLN B 89 -9.00 37.53 -12.67
N GLN B 90 -8.10 36.60 -12.37
CA GLN B 90 -8.44 35.22 -12.07
C GLN B 90 -7.26 34.57 -11.37
N TYR B 91 -7.53 33.87 -10.27
CA TYR B 91 -6.49 33.14 -9.57
C TYR B 91 -6.84 31.67 -9.39
N SER B 92 -7.27 31.03 -10.48
CA SER B 92 -7.50 29.58 -10.51
C SER B 92 -6.34 28.80 -11.10
N SER B 93 -5.62 29.38 -12.06
CA SER B 93 -4.38 28.85 -12.59
C SER B 93 -3.23 29.73 -12.09
N TYR B 94 -2.00 29.41 -12.48
CA TYR B 94 -0.96 30.24 -11.89
C TYR B 94 -0.06 30.95 -12.90
N PRO B 95 -0.59 31.57 -13.94
CA PRO B 95 0.13 32.72 -14.51
C PRO B 95 -0.48 34.02 -13.97
N LEU B 96 -1.57 33.88 -13.22
CA LEU B 96 -2.29 35.01 -12.64
C LEU B 96 -2.52 36.12 -13.65
N THR B 97 -3.28 35.83 -14.69
CA THR B 97 -3.54 36.77 -15.77
C THR B 97 -4.57 37.81 -15.36
N PHE B 98 -4.59 38.92 -16.10
CA PHE B 98 -5.52 40.01 -15.92
C PHE B 98 -6.40 40.16 -17.15
N GLY B 99 -7.20 41.22 -17.19
CA GLY B 99 -8.04 41.52 -18.33
C GLY B 99 -7.52 42.73 -19.07
N GLN B 100 -7.75 42.74 -20.39
CA GLN B 100 -7.27 43.81 -21.26
C GLN B 100 -7.64 45.19 -20.71
N GLY B 101 -8.92 45.42 -20.46
CA GLY B 101 -9.35 46.68 -19.88
C GLY B 101 -10.64 47.17 -20.49
N THR B 102 -11.24 48.14 -19.80
CA THR B 102 -12.46 48.78 -20.28
C THR B 102 -12.49 50.21 -19.74
N LYS B 103 -12.66 51.18 -20.64
CA LYS B 103 -12.68 52.58 -20.28
C LYS B 103 -14.12 53.06 -20.19
N LEU B 104 -14.43 53.76 -19.09
CA LEU B 104 -15.77 54.26 -18.84
C LEU B 104 -15.79 55.79 -18.77
N GLN C 1 -3.82 52.01 7.78
CA GLN C 1 -2.75 52.90 7.34
C GLN C 1 -1.62 52.09 6.71
N VAL C 2 -1.66 51.98 5.38
CA VAL C 2 -0.68 51.23 4.62
C VAL C 2 -0.18 52.08 3.48
N GLN C 3 1.14 52.15 3.31
CA GLN C 3 1.77 52.90 2.24
C GLN C 3 2.92 52.10 1.67
N LEU C 4 3.01 52.03 0.35
CA LEU C 4 4.09 51.34 -0.34
C LEU C 4 4.69 52.31 -1.37
N VAL C 5 5.96 52.68 -1.18
CA VAL C 5 6.65 53.63 -2.05
C VAL C 5 7.81 52.94 -2.73
N GLU C 6 7.85 53.02 -4.05
CA GLU C 6 8.90 52.37 -4.85
C GLU C 6 9.95 53.40 -5.25
N SER C 7 11.14 52.88 -5.57
CA SER C 7 12.24 53.75 -5.95
C SER C 7 13.30 52.89 -6.62
N GLY C 8 14.08 53.51 -7.49
CA GLY C 8 15.18 52.82 -8.13
C GLY C 8 14.98 52.67 -9.63
N GLY C 9 14.22 53.57 -10.23
CA GLY C 9 13.92 53.49 -11.66
C GLY C 9 14.51 54.63 -12.44
N GLY C 10 15.12 54.31 -13.57
CA GLY C 10 15.75 55.32 -14.41
C GLY C 10 15.87 54.86 -15.85
N LEU C 11 17.00 55.18 -16.48
CA LEU C 11 17.26 54.80 -17.86
C LEU C 11 18.47 53.87 -17.90
N VAL C 12 18.39 52.83 -18.73
CA VAL C 12 19.42 51.82 -18.82
C VAL C 12 19.61 51.43 -20.28
N LYS C 13 20.84 51.00 -20.59
CA LYS C 13 21.13 50.53 -21.94
C LYS C 13 20.78 49.06 -22.06
N PRO C 14 20.36 48.60 -23.24
CA PRO C 14 20.04 47.18 -23.41
C PRO C 14 21.16 46.28 -22.92
N GLY C 15 20.89 45.51 -21.87
CA GLY C 15 21.89 44.67 -21.24
C GLY C 15 22.32 45.13 -19.86
N GLY C 16 21.86 46.28 -19.38
CA GLY C 16 22.24 46.77 -18.06
C GLY C 16 21.47 46.08 -16.95
N SER C 17 21.76 46.51 -15.73
CA SER C 17 21.16 45.94 -14.53
C SER C 17 20.72 47.07 -13.60
N LEU C 18 19.56 46.89 -12.97
CA LEU C 18 19.01 47.88 -12.06
C LEU C 18 18.34 47.15 -10.90
N ARG C 19 18.31 47.80 -9.74
CA ARG C 19 17.74 47.22 -8.53
C ARG C 19 16.69 48.17 -7.97
N LEU C 20 15.44 47.72 -7.99
CA LEU C 20 14.32 48.46 -7.40
C LEU C 20 14.08 47.99 -5.97
N SER C 21 13.54 48.89 -5.15
CA SER C 21 13.29 48.59 -3.76
C SER C 21 11.93 49.14 -3.35
N CYS C 22 11.21 48.38 -2.53
CA CYS C 22 9.89 48.76 -2.02
C CYS C 22 9.97 48.92 -0.51
N ALA C 23 9.64 50.11 -0.02
CA ALA C 23 9.51 50.32 1.41
C ALA C 23 8.12 49.89 1.87
N ALA C 24 7.97 49.81 3.20
CA ALA C 24 6.69 49.40 3.77
C ALA C 24 6.60 49.89 5.21
N SER C 25 5.44 50.42 5.57
CA SER C 25 5.19 50.86 6.94
C SER C 25 3.69 51.00 7.13
N GLY C 26 3.23 50.72 8.35
CA GLY C 26 1.84 50.80 8.70
C GLY C 26 1.18 49.48 9.02
N PHE C 27 1.93 48.37 9.00
CA PHE C 27 1.38 47.07 9.36
C PHE C 27 2.54 46.17 9.76
N THR C 28 2.24 44.90 9.99
CA THR C 28 3.25 43.89 10.28
C THR C 28 3.71 43.29 8.95
N PHE C 29 4.98 43.52 8.61
CA PHE C 29 5.47 43.14 7.29
C PHE C 29 5.80 41.66 7.21
N SER C 30 5.89 40.97 8.35
CA SER C 30 6.32 39.58 8.37
C SER C 30 5.14 38.62 8.40
N LYS C 31 4.04 39.00 7.75
CA LYS C 31 2.85 38.16 7.72
C LYS C 31 2.25 38.01 6.32
N TYR C 32 2.64 38.87 5.39
CA TYR C 32 1.97 38.98 4.10
C TYR C 32 2.92 38.66 2.96
N ALA C 33 2.43 37.93 1.98
CA ALA C 33 3.14 37.73 0.73
C ALA C 33 3.01 38.97 -0.15
N MET C 34 4.01 39.18 -1.01
CA MET C 34 4.04 40.36 -1.84
C MET C 34 4.42 39.98 -3.27
N SER C 35 4.06 40.85 -4.21
CA SER C 35 4.24 40.58 -5.62
C SER C 35 4.72 41.83 -6.32
N TRP C 36 5.26 41.64 -7.53
CA TRP C 36 5.65 42.73 -8.41
C TRP C 36 4.83 42.66 -9.67
N ILE C 37 4.15 43.76 -10.00
CA ILE C 37 3.31 43.85 -11.18
C ILE C 37 3.77 45.03 -12.01
N ARG C 38 3.86 44.83 -13.32
CA ARG C 38 4.34 45.84 -14.25
C ARG C 38 3.28 46.14 -15.30
N GLN C 39 3.11 47.43 -15.60
CA GLN C 39 2.15 47.87 -16.59
C GLN C 39 2.90 48.50 -17.76
N ALA C 40 2.75 47.92 -18.95
CA ALA C 40 3.46 48.36 -20.14
C ALA C 40 3.03 49.78 -20.50
N PRO C 41 3.64 50.39 -21.52
CA PRO C 41 3.27 51.77 -21.86
C PRO C 41 1.88 51.85 -22.48
N GLY C 42 0.92 52.37 -21.71
CA GLY C 42 -0.44 52.49 -22.17
C GLY C 42 -1.05 51.16 -22.58
N LYS C 43 -0.89 50.14 -21.74
CA LYS C 43 -1.44 48.82 -22.02
C LYS C 43 -1.90 48.20 -20.70
N GLY C 44 -2.22 46.91 -20.73
CA GLY C 44 -2.78 46.23 -19.59
C GLY C 44 -1.73 45.83 -18.57
N LEU C 45 -2.23 45.30 -17.45
CA LEU C 45 -1.40 44.86 -16.34
C LEU C 45 -0.91 43.44 -16.56
N GLU C 46 0.21 43.11 -15.93
CA GLU C 46 0.81 41.79 -16.07
C GLU C 46 1.62 41.46 -14.81
N TRP C 47 1.66 40.17 -14.49
CA TRP C 47 2.24 39.67 -13.24
C TRP C 47 3.68 39.20 -13.48
N VAL C 48 4.56 39.53 -12.54
CA VAL C 48 6.00 39.32 -12.71
C VAL C 48 6.54 38.25 -11.77
N ALA C 49 6.46 38.50 -10.46
CA ALA C 49 7.08 37.60 -9.50
C ALA C 49 6.40 37.76 -8.14
N GLU C 50 6.78 36.89 -7.20
CA GLU C 50 6.17 36.84 -5.89
C GLU C 50 7.13 36.20 -4.90
N ILE C 51 6.83 36.34 -3.60
CA ILE C 51 7.70 35.79 -2.51
C ILE C 51 6.84 35.56 -1.26
N SER C 52 7.06 34.47 -0.53
CA SER C 52 6.22 34.14 0.66
C SER C 52 6.59 35.05 1.81
N SER C 53 5.98 34.86 2.97
CA SER C 53 6.21 35.78 4.14
C SER C 53 7.62 35.65 4.72
N GLY C 54 8.38 34.63 4.35
CA GLY C 54 9.71 34.43 4.97
C GLY C 54 10.77 34.14 3.93
N GLY C 55 10.50 34.46 2.68
CA GLY C 55 11.49 34.28 1.60
C GLY C 55 11.70 32.81 1.27
N GLY C 56 10.82 31.94 1.71
CA GLY C 56 11.10 30.51 1.48
C GLY C 56 10.61 30.08 0.13
N TYR C 57 9.42 30.52 -0.26
CA TYR C 57 8.83 30.06 -1.55
C TYR C 57 8.79 31.24 -2.52
N ILE C 58 9.64 31.20 -3.53
CA ILE C 58 9.72 32.30 -4.53
C ILE C 58 9.41 31.69 -5.89
N ASN C 59 8.45 32.23 -6.60
CA ASN C 59 8.02 31.70 -7.87
C ASN C 59 7.99 32.82 -8.90
N TYR C 60 8.28 32.48 -10.16
CA TYR C 60 8.54 33.47 -11.20
C TYR C 60 7.68 33.19 -12.41
N ALA C 61 7.45 34.24 -13.20
CA ALA C 61 6.78 34.08 -14.48
C ALA C 61 7.72 33.44 -15.48
N ASP C 62 7.25 33.29 -16.72
CA ASP C 62 8.08 32.68 -17.76
C ASP C 62 9.09 33.65 -18.35
N SER C 63 8.71 34.93 -18.49
CA SER C 63 9.61 35.91 -19.10
C SER C 63 10.84 36.14 -18.22
N VAL C 64 10.62 36.63 -17.01
CA VAL C 64 11.73 37.03 -16.13
C VAL C 64 12.39 35.83 -15.47
N LYS C 65 11.94 34.61 -15.79
CA LYS C 65 12.52 33.41 -15.20
C LYS C 65 13.92 33.21 -15.78
N GLY C 66 14.92 33.72 -15.07
CA GLY C 66 16.30 33.61 -15.51
C GLY C 66 17.00 34.94 -15.60
N ARG C 67 16.28 36.02 -15.31
CA ARG C 67 16.87 37.35 -15.31
C ARG C 67 16.55 38.19 -14.08
N PHE C 68 15.47 37.87 -13.35
CA PHE C 68 15.06 38.66 -12.20
C PHE C 68 15.34 37.88 -10.91
N THR C 69 15.22 38.58 -9.79
CA THR C 69 15.44 37.96 -8.49
C THR C 69 14.74 38.78 -7.42
N ILE C 70 13.72 38.22 -6.81
CA ILE C 70 12.97 38.88 -5.75
C ILE C 70 13.53 38.44 -4.40
N SER C 71 13.41 39.32 -3.41
CA SER C 71 13.88 39.02 -2.07
C SER C 71 13.32 40.08 -1.12
N ARG C 72 13.32 39.74 0.17
CA ARG C 72 12.79 40.63 1.19
C ARG C 72 13.66 40.55 2.43
N ASP C 73 13.65 41.63 3.21
CA ASP C 73 14.39 41.73 4.46
C ASP C 73 13.43 42.22 5.53
N ASN C 74 12.86 41.29 6.29
CA ASN C 74 11.85 41.64 7.28
C ASN C 74 12.38 42.60 8.34
N ALA C 75 13.68 42.55 8.63
CA ALA C 75 14.24 43.40 9.68
C ALA C 75 14.09 44.88 9.34
N LYS C 76 14.35 45.26 8.09
CA LYS C 76 14.25 46.64 7.65
C LYS C 76 12.90 46.94 6.98
N ASN C 77 12.04 45.94 6.84
CA ASN C 77 10.70 46.15 6.29
C ASN C 77 10.78 46.70 4.87
N SER C 78 11.39 45.92 3.97
CA SER C 78 11.59 46.37 2.61
C SER C 78 11.61 45.18 1.66
N LEU C 79 11.39 45.46 0.39
CA LEU C 79 11.41 44.46 -0.67
C LEU C 79 12.40 44.89 -1.74
N TYR C 80 13.02 43.91 -2.40
CA TYR C 80 14.00 44.19 -3.44
C TYR C 80 13.73 43.33 -4.67
N LEU C 81 14.05 43.90 -5.83
CA LEU C 81 13.99 43.18 -7.10
C LEU C 81 15.26 43.50 -7.88
N GLN C 82 15.80 42.48 -8.55
CA GLN C 82 17.05 42.61 -9.28
C GLN C 82 16.83 42.15 -10.72
N MET C 83 17.12 43.04 -11.67
CA MET C 83 16.99 42.74 -13.09
C MET C 83 18.36 42.81 -13.75
N ASN C 84 18.68 41.79 -14.54
CA ASN C 84 20.02 41.63 -15.09
C ASN C 84 20.09 41.82 -16.61
N SER C 85 19.32 41.06 -17.38
CA SER C 85 19.40 41.13 -18.83
C SER C 85 18.31 42.02 -19.41
N LEU C 86 18.33 43.31 -19.05
CA LEU C 86 17.29 44.23 -19.48
C LEU C 86 17.22 44.32 -20.99
N ARG C 87 16.12 43.85 -21.57
CA ARG C 87 15.89 43.96 -23.00
C ARG C 87 15.00 45.18 -23.28
N ALA C 88 14.58 45.33 -24.53
CA ALA C 88 13.76 46.47 -24.93
C ALA C 88 12.29 46.29 -24.55
N GLU C 89 11.90 45.09 -24.12
CA GLU C 89 10.52 44.81 -23.76
C GLU C 89 10.22 45.06 -22.29
N ASP C 90 11.24 45.41 -21.49
CA ASP C 90 11.06 45.64 -20.07
C ASP C 90 10.76 47.11 -19.77
N THR C 91 10.26 47.85 -20.75
CA THR C 91 9.94 49.27 -20.58
C THR C 91 8.50 49.39 -20.10
N ALA C 92 8.32 49.74 -18.83
CA ALA C 92 7.00 49.89 -18.26
C ALA C 92 7.14 50.35 -16.82
N VAL C 93 6.01 50.68 -16.20
CA VAL C 93 5.95 51.00 -14.78
C VAL C 93 5.96 49.70 -14.00
N TYR C 94 6.30 49.77 -12.72
CA TYR C 94 6.44 48.58 -11.88
C TYR C 94 5.77 48.83 -10.55
N TYR C 95 4.79 48.00 -10.21
CA TYR C 95 3.99 48.17 -9.01
C TYR C 95 4.39 47.13 -7.96
N CYS C 96 4.17 47.48 -6.69
CA CYS C 96 4.57 46.68 -5.55
C CYS C 96 3.33 46.43 -4.71
N ALA C 97 2.63 45.33 -4.98
CA ALA C 97 1.32 45.03 -4.41
C ALA C 97 1.44 44.02 -3.28
N ARG C 98 0.65 44.23 -2.23
CA ARG C 98 0.53 43.30 -1.13
C ARG C 98 -0.41 42.15 -1.51
N ALA C 99 -0.59 41.20 -0.60
CA ALA C 99 -1.38 40.02 -0.86
C ALA C 99 -2.37 39.75 0.27
N ILE C 100 -3.51 39.16 -0.10
CA ILE C 100 -4.52 38.81 0.90
C ILE C 100 -3.95 37.85 1.94
N TYR C 101 -4.56 37.83 3.12
CA TYR C 101 -4.16 36.94 4.19
C TYR C 101 -5.08 35.74 4.26
N TYR C 102 -4.49 34.54 4.38
CA TYR C 102 -5.22 33.29 4.55
C TYR C 102 -4.83 32.71 5.90
N TYR C 103 -5.83 32.47 6.76
CA TYR C 103 -5.57 32.12 8.13
C TYR C 103 -4.73 30.85 8.25
N GLY C 104 -5.27 29.72 7.81
CA GLY C 104 -4.59 28.46 8.03
C GLY C 104 -4.09 27.73 6.79
N SER C 105 -4.42 28.22 5.60
CA SER C 105 -4.03 27.58 4.36
C SER C 105 -2.73 28.20 3.83
N SER C 106 -2.33 27.83 2.62
CA SER C 106 -1.14 28.35 1.99
C SER C 106 -1.34 29.78 1.54
N TYR C 107 -0.35 30.37 0.87
CA TYR C 107 -0.43 31.74 0.42
C TYR C 107 -0.68 31.86 -1.08
N ASN C 108 -0.70 30.74 -1.80
CA ASN C 108 -0.81 30.77 -3.25
C ASN C 108 -2.21 31.17 -3.69
N TYR C 109 -2.32 31.62 -4.93
CA TYR C 109 -3.59 31.95 -5.57
C TYR C 109 -4.34 33.01 -4.78
N TYR C 110 -3.74 34.18 -4.75
CA TYR C 110 -4.23 35.31 -3.96
C TYR C 110 -4.70 36.44 -4.88
N ALA C 111 -5.25 37.48 -4.27
CA ALA C 111 -5.60 38.73 -4.92
C ALA C 111 -4.97 39.87 -4.13
N MET C 112 -4.67 40.96 -4.85
CA MET C 112 -3.87 42.04 -4.30
C MET C 112 -4.77 43.19 -3.90
N ASP C 113 -4.67 43.63 -2.64
CA ASP C 113 -5.56 44.65 -2.12
C ASP C 113 -4.92 46.03 -2.06
N TYR C 114 -3.65 46.12 -1.66
CA TYR C 114 -2.96 47.39 -1.51
C TYR C 114 -1.81 47.46 -2.49
N TRP C 115 -1.88 48.43 -3.42
CA TRP C 115 -0.86 48.62 -4.43
C TRP C 115 0.04 49.81 -4.05
N GLY C 116 0.92 50.18 -4.97
CA GLY C 116 1.83 51.30 -4.77
C GLY C 116 1.81 52.24 -5.96
N GLN C 117 2.49 53.38 -5.78
CA GLN C 117 2.51 54.39 -6.83
C GLN C 117 3.12 53.87 -8.11
N GLY C 118 4.38 53.48 -8.06
CA GLY C 118 5.05 52.88 -9.21
C GLY C 118 6.30 53.65 -9.60
N THR C 119 7.15 52.98 -10.37
CA THR C 119 8.37 53.58 -10.91
C THR C 119 8.44 53.29 -12.40
N THR C 120 9.20 54.13 -13.11
CA THR C 120 9.36 54.00 -14.55
C THR C 120 10.75 53.45 -14.85
N VAL C 121 10.81 52.44 -15.71
CA VAL C 121 12.07 51.84 -16.13
C VAL C 121 12.06 51.79 -17.66
N THR C 122 13.04 52.45 -18.27
CA THR C 122 13.16 52.52 -19.72
C THR C 122 14.46 51.88 -20.15
N VAL C 123 14.39 51.00 -21.15
CA VAL C 123 15.56 50.31 -21.68
C VAL C 123 15.56 50.51 -23.18
N SER C 124 16.43 51.39 -23.67
CA SER C 124 16.50 51.68 -25.09
C SER C 124 17.93 51.51 -25.62
N GLN D 1 -59.40 19.12 -9.90
CA GLN D 1 -58.79 17.96 -10.56
C GLN D 1 -58.33 18.38 -11.96
N VAL D 2 -59.06 19.32 -12.56
CA VAL D 2 -58.78 19.77 -13.91
C VAL D 2 -58.49 21.27 -13.88
N GLN D 3 -57.30 21.65 -14.31
CA GLN D 3 -57.00 23.05 -14.59
C GLN D 3 -57.79 23.48 -15.82
N LEU D 4 -58.42 24.66 -15.73
CA LEU D 4 -59.39 25.06 -16.74
C LEU D 4 -58.92 26.35 -17.40
N VAL D 5 -59.81 26.92 -18.22
CA VAL D 5 -59.48 27.99 -19.14
C VAL D 5 -58.71 29.10 -18.44
N GLN D 6 -57.71 29.64 -19.14
CA GLN D 6 -56.99 30.82 -18.69
C GLN D 6 -57.61 32.09 -19.26
N SER D 7 -57.64 32.19 -20.59
CA SER D 7 -58.22 33.32 -21.30
C SER D 7 -58.23 32.98 -22.78
N GLY D 8 -58.62 33.94 -23.62
CA GLY D 8 -58.72 33.72 -25.05
C GLY D 8 -57.51 34.21 -25.81
N ALA D 9 -57.66 35.34 -26.51
CA ALA D 9 -56.57 35.92 -27.29
C ALA D 9 -56.54 37.42 -27.03
N GLU D 10 -55.44 37.91 -26.48
CA GLU D 10 -55.26 39.32 -26.16
C GLU D 10 -54.07 39.85 -26.95
N VAL D 11 -54.25 41.03 -27.58
CA VAL D 11 -53.21 41.60 -28.41
C VAL D 11 -52.33 42.54 -27.57
N LYS D 12 -52.95 43.55 -26.96
CA LYS D 12 -52.25 44.46 -26.05
C LYS D 12 -50.95 45.00 -26.68
N LYS D 13 -51.09 45.84 -27.70
CA LYS D 13 -49.92 46.44 -28.35
C LYS D 13 -48.98 47.05 -27.31
N PRO D 14 -47.71 47.24 -27.67
CA PRO D 14 -46.70 47.64 -26.67
C PRO D 14 -47.10 48.87 -25.86
N GLY D 15 -47.03 48.75 -24.52
CA GLY D 15 -47.27 49.88 -23.66
C GLY D 15 -48.28 49.62 -22.57
N ALA D 16 -49.26 48.75 -22.83
CA ALA D 16 -50.36 48.54 -21.89
C ALA D 16 -49.97 47.48 -20.85
N SER D 17 -50.94 47.05 -20.05
CA SER D 17 -50.73 46.03 -19.04
C SER D 17 -51.84 44.99 -19.16
N VAL D 18 -51.47 43.71 -19.08
CA VAL D 18 -52.42 42.63 -19.22
C VAL D 18 -52.69 42.03 -17.84
N LYS D 19 -53.76 41.23 -17.76
CA LYS D 19 -54.12 40.56 -16.50
C LYS D 19 -54.79 39.24 -16.86
N LEU D 20 -54.06 38.14 -16.70
CA LEU D 20 -54.60 36.83 -17.03
C LEU D 20 -55.31 36.22 -15.82
N SER D 21 -55.76 34.99 -15.97
CA SER D 21 -56.43 34.26 -14.90
C SER D 21 -56.19 32.77 -15.07
N CYS D 22 -56.34 32.03 -13.97
CA CYS D 22 -56.13 30.59 -13.95
C CYS D 22 -57.14 30.08 -12.92
N LYS D 23 -58.21 29.46 -13.42
CA LYS D 23 -59.28 28.97 -12.54
C LYS D 23 -59.14 27.46 -12.43
N ALA D 24 -59.38 26.93 -11.23
CA ALA D 24 -59.18 25.51 -10.96
C ALA D 24 -60.44 25.00 -10.27
N SER D 25 -60.68 23.70 -10.42
CA SER D 25 -61.83 23.05 -9.81
C SER D 25 -61.52 21.57 -9.65
N GLY D 26 -62.27 20.93 -8.75
CA GLY D 26 -62.12 19.49 -8.54
C GLY D 26 -61.18 19.14 -7.39
N TYR D 27 -60.70 20.13 -6.64
CA TYR D 27 -59.85 19.87 -5.49
C TYR D 27 -59.93 21.07 -4.55
N THR D 28 -59.25 20.96 -3.41
CA THR D 28 -59.19 22.05 -2.45
C THR D 28 -58.14 23.06 -2.91
N PHE D 29 -58.59 24.25 -3.29
CA PHE D 29 -57.70 25.22 -3.91
C PHE D 29 -56.57 25.64 -2.95
N THR D 30 -56.90 25.91 -1.70
CA THR D 30 -55.93 26.47 -0.78
C THR D 30 -55.04 25.40 -0.15
N SER D 31 -54.43 24.54 -0.99
CA SER D 31 -53.54 23.52 -0.47
C SER D 31 -52.25 23.33 -1.27
N TYR D 32 -52.11 23.94 -2.45
CA TYR D 32 -50.98 23.64 -3.32
C TYR D 32 -50.39 24.95 -3.85
N TRP D 33 -49.10 24.89 -4.21
CA TRP D 33 -48.44 26.00 -4.87
C TRP D 33 -48.88 26.07 -6.33
N ILE D 34 -48.87 27.29 -6.88
CA ILE D 34 -49.20 27.52 -8.27
C ILE D 34 -48.05 28.26 -8.94
N HIS D 35 -47.63 27.77 -10.10
CA HIS D 35 -46.49 28.32 -10.82
C HIS D 35 -46.94 28.82 -12.19
N TRP D 36 -46.21 29.80 -12.72
CA TRP D 36 -46.46 30.35 -14.04
C TRP D 36 -45.22 30.22 -14.89
N VAL D 37 -45.41 29.79 -16.14
CA VAL D 37 -44.32 29.64 -17.10
C VAL D 37 -44.67 30.40 -18.37
N ARG D 38 -43.72 30.46 -19.29
CA ARG D 38 -43.88 31.21 -20.53
C ARG D 38 -42.94 30.66 -21.58
N GLN D 39 -43.48 30.28 -22.73
CA GLN D 39 -42.70 29.72 -23.83
C GLN D 39 -42.70 30.71 -24.99
N ALA D 40 -41.74 31.62 -24.99
CA ALA D 40 -41.74 32.52 -26.14
C ALA D 40 -41.22 31.79 -27.37
N PRO D 41 -41.76 32.09 -28.56
CA PRO D 41 -41.28 31.42 -29.77
C PRO D 41 -39.80 31.70 -30.01
N GLY D 42 -39.12 30.68 -30.55
CA GLY D 42 -37.71 30.80 -30.88
C GLY D 42 -36.78 30.35 -29.76
N GLN D 43 -37.29 30.08 -28.56
CA GLN D 43 -36.48 29.59 -27.47
C GLN D 43 -37.19 28.54 -26.62
N GLY D 44 -36.64 28.23 -25.45
CA GLY D 44 -37.19 27.20 -24.58
C GLY D 44 -38.24 27.83 -23.68
N LEU D 45 -38.50 27.17 -22.55
CA LEU D 45 -39.49 27.62 -21.60
C LEU D 45 -38.83 28.46 -20.51
N GLU D 46 -39.64 29.23 -19.79
CA GLU D 46 -39.17 30.15 -18.78
C GLU D 46 -40.04 30.03 -17.52
N TRP D 47 -39.39 29.94 -16.37
CA TRP D 47 -40.06 30.00 -15.09
C TRP D 47 -40.25 31.46 -14.66
N ILE D 48 -41.34 31.72 -13.96
CA ILE D 48 -41.66 33.10 -13.59
C ILE D 48 -41.67 33.26 -12.07
N GLY D 49 -42.55 32.54 -11.39
CA GLY D 49 -42.62 32.69 -9.95
C GLY D 49 -43.64 31.76 -9.33
N MET D 50 -43.68 31.78 -8.00
CA MET D 50 -44.57 30.96 -7.20
C MET D 50 -45.67 31.83 -6.59
N ILE D 51 -46.90 31.36 -6.67
CA ILE D 51 -48.02 31.95 -5.93
C ILE D 51 -48.76 30.83 -5.23
N HIS D 52 -48.93 30.99 -3.91
CA HIS D 52 -49.69 30.03 -3.11
C HIS D 52 -50.98 30.69 -2.64
N PRO D 53 -52.15 30.18 -2.99
CA PRO D 53 -53.38 30.66 -2.35
C PRO D 53 -53.21 30.57 -0.84
N ASN D 54 -54.13 31.16 -0.08
CA ASN D 54 -53.89 31.27 1.36
C ASN D 54 -52.70 32.18 1.64
N SER D 55 -52.86 33.47 1.34
CA SER D 55 -51.91 34.53 1.68
C SER D 55 -50.77 34.71 0.69
N GLY D 56 -50.69 33.87 -0.32
CA GLY D 56 -49.79 34.15 -1.44
C GLY D 56 -48.31 33.88 -1.18
N SER D 57 -47.66 34.76 -0.43
CA SER D 57 -46.24 34.65 -0.13
C SER D 57 -45.44 34.27 -1.38
N THR D 58 -45.45 35.13 -2.39
CA THR D 58 -44.91 34.79 -3.70
C THR D 58 -43.38 34.77 -3.69
N TYR D 59 -42.83 34.39 -4.84
CA TYR D 59 -41.39 34.31 -5.06
C TYR D 59 -41.12 34.31 -6.56
N TYR D 60 -40.33 35.27 -7.02
CA TYR D 60 -40.05 35.43 -8.44
C TYR D 60 -38.59 35.07 -8.73
N ASN D 61 -38.29 34.94 -10.02
CA ASN D 61 -37.00 34.40 -10.47
C ASN D 61 -35.98 35.49 -10.77
N GLU D 62 -36.10 36.66 -10.15
CA GLU D 62 -35.08 37.70 -10.23
C GLU D 62 -34.83 38.15 -11.66
N LYS D 63 -35.77 37.84 -12.56
CA LYS D 63 -35.79 38.44 -13.89
C LYS D 63 -37.05 39.24 -14.16
N PHE D 64 -38.14 38.99 -13.44
CA PHE D 64 -39.37 39.76 -13.52
C PHE D 64 -39.66 40.28 -12.11
N LYS D 65 -39.05 41.40 -11.76
CA LYS D 65 -39.19 41.94 -10.41
C LYS D 65 -40.35 42.93 -10.33
N GLY D 66 -40.27 44.01 -11.12
CA GLY D 66 -41.35 44.99 -11.17
C GLY D 66 -42.17 44.84 -12.44
N ARG D 67 -41.71 43.96 -13.34
CA ARG D 67 -42.38 43.76 -14.62
C ARG D 67 -43.55 42.78 -14.53
N ALA D 68 -43.78 42.17 -13.37
CA ALA D 68 -44.86 41.21 -13.21
C ALA D 68 -45.21 41.07 -11.74
N THR D 69 -46.47 40.79 -11.46
CA THR D 69 -46.95 40.58 -10.12
C THR D 69 -47.99 39.46 -10.11
N LEU D 70 -48.08 38.74 -8.99
CA LEU D 70 -48.97 37.60 -8.85
C LEU D 70 -50.06 37.88 -7.82
N THR D 71 -51.32 37.68 -8.23
CA THR D 71 -52.49 37.78 -7.34
C THR D 71 -53.39 36.56 -7.21
N VAL D 72 -54.17 36.43 -6.13
CA VAL D 72 -55.03 35.22 -5.92
C VAL D 72 -56.36 35.71 -5.37
N ASP D 73 -57.44 34.97 -5.64
CA ASP D 73 -58.81 35.35 -5.20
C ASP D 73 -59.37 34.17 -4.41
N LYS D 74 -59.45 32.98 -5.02
CA LYS D 74 -59.90 31.76 -4.29
C LYS D 74 -61.45 31.71 -3.99
N SER D 75 -61.93 32.82 -3.41
CA SER D 75 -63.38 32.97 -3.17
C SER D 75 -64.05 32.32 -4.40
N THR D 76 -63.64 32.72 -5.61
CA THR D 76 -64.15 32.06 -6.85
C THR D 76 -62.99 31.21 -7.43
N SER D 77 -62.00 30.94 -6.58
CA SER D 77 -60.82 30.12 -6.99
C SER D 77 -60.01 30.53 -8.22
N THR D 78 -59.55 31.79 -8.27
CA THR D 78 -58.82 32.28 -9.46
C THR D 78 -57.46 32.90 -9.17
N ALA D 79 -56.45 32.60 -9.99
CA ALA D 79 -55.12 33.20 -9.83
C ALA D 79 -54.95 34.27 -10.91
N TYR D 80 -54.31 35.39 -10.59
CA TYR D 80 -54.16 36.52 -11.50
C TYR D 80 -52.68 36.82 -11.73
N MET D 81 -52.31 36.98 -12.99
CA MET D 81 -51.01 37.52 -13.39
C MET D 81 -51.19 38.96 -13.85
N GLU D 82 -50.07 39.66 -14.02
CA GLU D 82 -50.12 41.05 -14.45
C GLU D 82 -48.78 41.43 -15.06
N LEU D 83 -48.79 41.69 -16.37
CA LEU D 83 -47.59 42.10 -17.09
C LEU D 83 -47.69 43.60 -17.36
N SER D 84 -46.74 44.35 -16.82
CA SER D 84 -46.68 45.80 -17.00
C SER D 84 -45.51 46.18 -17.91
N SER D 85 -45.62 47.36 -18.50
CA SER D 85 -44.60 47.86 -19.44
C SER D 85 -44.30 46.81 -20.51
N LEU D 86 -45.36 46.32 -21.15
CA LEU D 86 -45.24 45.24 -22.12
C LEU D 86 -44.25 45.64 -23.22
N ARG D 87 -43.38 44.70 -23.58
CA ARG D 87 -42.38 44.91 -24.61
C ARG D 87 -42.76 44.11 -25.86
N SER D 88 -41.99 44.32 -26.93
CA SER D 88 -42.33 43.74 -28.23
C SER D 88 -42.15 42.23 -28.23
N GLU D 89 -41.01 41.75 -27.73
CA GLU D 89 -40.65 40.33 -27.80
C GLU D 89 -41.39 39.47 -26.77
N ASP D 90 -42.34 40.04 -26.04
CA ASP D 90 -43.06 39.31 -25.00
C ASP D 90 -44.11 38.35 -25.57
N THR D 91 -44.24 38.27 -26.90
CA THR D 91 -45.17 37.32 -27.47
C THR D 91 -44.77 35.90 -27.05
N ALA D 92 -45.73 35.16 -26.50
CA ALA D 92 -45.47 33.82 -26.00
C ALA D 92 -46.76 33.25 -25.45
N VAL D 93 -46.69 31.98 -25.04
CA VAL D 93 -47.82 31.27 -24.45
C VAL D 93 -47.60 31.23 -22.93
N TYR D 94 -48.62 31.65 -22.18
CA TYR D 94 -48.56 31.67 -20.73
C TYR D 94 -49.33 30.49 -20.17
N TYR D 95 -48.72 29.78 -19.23
CA TYR D 95 -49.26 28.54 -18.70
C TYR D 95 -49.59 28.67 -17.23
N CYS D 96 -50.28 27.65 -16.72
CA CYS D 96 -50.57 27.51 -15.30
C CYS D 96 -50.28 26.07 -14.92
N ALA D 97 -49.90 25.86 -13.66
CA ALA D 97 -49.51 24.54 -13.23
C ALA D 97 -49.67 24.42 -11.72
N ARG D 98 -49.65 23.18 -11.25
CA ARG D 98 -49.75 22.87 -9.83
C ARG D 98 -48.56 22.03 -9.42
N TYR D 99 -48.11 22.21 -8.18
CA TYR D 99 -46.96 21.48 -7.67
C TYR D 99 -47.44 20.33 -6.79
N TYR D 100 -46.97 19.12 -7.10
CA TYR D 100 -47.49 17.92 -6.47
C TYR D 100 -46.34 16.98 -6.12
N GLY D 101 -46.40 16.41 -4.92
CA GLY D 101 -45.34 15.55 -4.45
C GLY D 101 -45.38 15.43 -2.93
N SER D 102 -44.63 14.46 -2.41
CA SER D 102 -44.73 14.15 -0.98
C SER D 102 -43.44 14.42 -0.22
N ASP D 103 -42.34 13.75 -0.59
CA ASP D 103 -41.12 13.90 0.19
C ASP D 103 -39.99 14.54 -0.61
N TYR D 104 -39.62 13.89 -1.73
CA TYR D 104 -38.61 14.42 -2.62
C TYR D 104 -39.06 14.40 -4.08
N GLU D 105 -40.18 13.75 -4.38
CA GLU D 105 -40.64 13.55 -5.74
C GLU D 105 -41.71 14.59 -6.06
N TRP D 106 -41.29 15.71 -6.63
CA TRP D 106 -42.20 16.79 -6.99
C TRP D 106 -42.22 16.96 -8.50
N TYR D 107 -43.37 17.37 -9.02
CA TYR D 107 -43.53 17.54 -10.46
C TYR D 107 -44.84 18.27 -10.74
N PHE D 108 -44.88 18.93 -11.89
CA PHE D 108 -46.09 19.59 -12.36
C PHE D 108 -47.03 18.54 -12.93
N ASP D 109 -48.27 18.52 -12.44
CA ASP D 109 -49.24 17.50 -12.85
C ASP D 109 -50.42 18.05 -13.62
N VAL D 110 -51.17 19.00 -13.06
CA VAL D 110 -52.31 19.58 -13.78
C VAL D 110 -51.85 20.81 -14.55
N TRP D 111 -51.36 20.61 -15.77
CA TRP D 111 -50.94 21.73 -16.60
C TRP D 111 -52.15 22.45 -17.16
N GLY D 112 -52.14 23.78 -17.07
CA GLY D 112 -53.23 24.58 -17.57
C GLY D 112 -53.21 24.70 -19.09
N GLN D 113 -54.22 25.37 -19.61
CA GLN D 113 -54.32 25.58 -21.05
C GLN D 113 -53.41 26.73 -21.46
N GLY D 114 -53.39 27.06 -22.75
CA GLY D 114 -52.53 28.12 -23.24
C GLY D 114 -53.28 29.43 -23.44
N THR D 115 -52.58 30.55 -23.25
CA THR D 115 -53.15 31.89 -23.44
C THR D 115 -52.16 32.71 -24.26
N THR D 116 -52.29 32.62 -25.59
CA THR D 116 -51.36 33.33 -26.47
C THR D 116 -51.50 34.84 -26.28
N VAL D 117 -50.37 35.53 -26.36
CA VAL D 117 -50.35 36.98 -26.23
C VAL D 117 -49.26 37.58 -27.12
N ILE E 1 -27.55 23.78 -13.95
CA ILE E 1 -28.22 24.88 -14.66
C ILE E 1 -27.87 24.84 -16.16
N GLN E 2 -28.71 25.52 -16.94
CA GLN E 2 -28.54 25.67 -18.38
C GLN E 2 -28.93 24.41 -19.15
N MET E 3 -29.07 23.28 -18.45
CA MET E 3 -29.86 22.13 -18.90
C MET E 3 -29.85 21.76 -20.37
N THR E 4 -28.70 21.84 -21.04
CA THR E 4 -28.63 21.56 -22.47
C THR E 4 -29.03 20.15 -22.91
N GLN E 5 -29.58 20.08 -24.12
CA GLN E 5 -29.99 18.81 -24.72
C GLN E 5 -29.19 18.50 -25.98
N SER E 6 -28.87 17.22 -26.19
CA SER E 6 -28.02 16.80 -27.30
C SER E 6 -28.76 16.79 -28.64
N PRO E 7 -29.79 15.96 -28.79
CA PRO E 7 -30.35 15.70 -30.12
C PRO E 7 -31.48 16.64 -30.52
N SER E 8 -31.11 17.86 -30.93
CA SER E 8 -32.12 18.83 -31.35
C SER E 8 -32.95 18.29 -32.53
N SER E 9 -32.27 17.68 -33.51
CA SER E 9 -32.96 17.13 -34.68
C SER E 9 -32.69 15.63 -34.74
N MET E 10 -33.63 14.87 -34.19
CA MET E 10 -33.54 13.40 -34.17
C MET E 10 -34.79 12.80 -34.78
N SER E 11 -34.60 11.87 -35.72
CA SER E 11 -35.70 11.26 -36.46
C SER E 11 -35.47 9.76 -36.55
N ALA E 12 -36.53 8.99 -36.30
CA ALA E 12 -36.47 7.53 -36.40
C ALA E 12 -37.85 7.01 -36.77
N SER E 13 -37.87 5.79 -37.31
CA SER E 13 -39.10 5.15 -37.75
C SER E 13 -39.58 4.15 -36.71
N VAL E 14 -40.90 4.01 -36.61
CA VAL E 14 -41.52 3.14 -35.61
C VAL E 14 -40.90 1.75 -35.68
N GLY E 15 -40.50 1.22 -34.52
CA GLY E 15 -39.98 -0.13 -34.45
C GLY E 15 -38.59 -0.23 -33.86
N ASP E 16 -37.88 0.89 -33.76
CA ASP E 16 -36.51 0.91 -33.25
C ASP E 16 -36.48 1.55 -31.86
N ARG E 17 -35.27 1.67 -31.33
CA ARG E 17 -35.04 2.25 -30.01
C ARG E 17 -34.35 3.60 -30.15
N VAL E 18 -34.87 4.59 -29.43
CA VAL E 18 -34.32 5.95 -29.49
C VAL E 18 -33.94 6.40 -28.09
N THR E 19 -33.07 7.40 -28.04
CA THR E 19 -32.55 7.93 -26.78
C THR E 19 -32.40 9.43 -26.87
N ILE E 20 -32.53 10.11 -25.71
CA ILE E 20 -32.34 11.54 -25.60
C ILE E 20 -31.45 11.81 -24.39
N THR E 21 -30.53 12.76 -24.53
CA THR E 21 -29.56 13.06 -23.49
C THR E 21 -29.72 14.50 -23.00
N CYS E 22 -29.62 14.66 -21.69
CA CYS E 22 -29.69 15.96 -21.03
C CYS E 22 -28.46 16.15 -20.17
N LYS E 23 -27.80 17.30 -20.30
CA LYS E 23 -26.58 17.59 -19.56
C LYS E 23 -26.71 18.96 -18.92
N ALA E 24 -26.35 19.04 -17.63
CA ALA E 24 -26.45 20.26 -16.86
C ALA E 24 -25.09 20.87 -16.62
N SER E 25 -25.08 22.18 -16.36
CA SER E 25 -23.83 22.89 -16.10
C SER E 25 -23.24 22.48 -14.74
N GLN E 26 -24.08 22.46 -13.71
CA GLN E 26 -23.66 22.15 -12.35
C GLN E 26 -24.19 20.77 -11.96
N ASN E 27 -23.94 20.40 -10.69
CA ASN E 27 -24.32 19.10 -10.18
C ASN E 27 -25.72 19.18 -9.58
N VAL E 28 -26.70 18.63 -10.30
CA VAL E 28 -28.07 18.50 -9.79
C VAL E 28 -28.25 17.02 -9.46
N ARG E 29 -28.42 16.72 -8.19
CA ARG E 29 -28.41 15.32 -7.73
C ARG E 29 -29.77 14.68 -8.02
N THR E 30 -29.87 14.02 -9.16
CA THR E 30 -31.05 13.25 -9.54
C THR E 30 -32.34 13.99 -9.20
N ALA E 31 -32.42 15.23 -9.66
CA ALA E 31 -33.59 16.09 -9.46
C ALA E 31 -34.09 16.61 -10.80
N VAL E 32 -34.22 15.71 -11.77
CA VAL E 32 -34.63 16.05 -13.13
C VAL E 32 -35.93 15.33 -13.43
N VAL E 33 -36.85 16.03 -14.08
CA VAL E 33 -38.14 15.47 -14.47
C VAL E 33 -38.31 15.65 -15.97
N TRP E 34 -38.56 14.55 -16.67
CA TRP E 34 -38.73 14.58 -18.12
C TRP E 34 -40.20 14.86 -18.48
N TYR E 35 -40.40 15.78 -19.42
CA TYR E 35 -41.73 16.20 -19.82
C TYR E 35 -41.94 15.93 -21.30
N GLN E 36 -43.22 15.84 -21.68
CA GLN E 36 -43.63 15.61 -23.06
C GLN E 36 -44.71 16.62 -23.41
N GLN E 37 -44.59 17.23 -24.59
CA GLN E 37 -45.54 18.24 -25.05
C GLN E 37 -46.00 17.87 -26.46
N LYS E 38 -47.26 17.47 -26.58
CA LYS E 38 -47.86 17.30 -27.89
C LYS E 38 -48.08 18.68 -28.50
N PRO E 39 -47.94 18.84 -29.83
CA PRO E 39 -48.01 20.18 -30.42
C PRO E 39 -49.37 20.83 -30.14
N GLY E 40 -49.31 22.13 -29.84
CA GLY E 40 -50.52 22.89 -29.60
C GLY E 40 -51.30 22.48 -28.36
N LYS E 41 -50.62 21.90 -27.36
CA LYS E 41 -51.27 21.47 -26.14
C LYS E 41 -50.28 21.61 -24.99
N ALA E 42 -50.81 21.49 -23.76
CA ALA E 42 -49.97 21.56 -22.58
C ALA E 42 -49.17 20.27 -22.41
N PRO E 43 -47.95 20.36 -21.86
CA PRO E 43 -47.13 19.16 -21.70
C PRO E 43 -47.74 18.20 -20.68
N LYS E 44 -47.06 17.07 -20.52
CA LYS E 44 -47.46 16.05 -19.56
C LYS E 44 -46.22 15.35 -19.02
N ALA E 45 -46.25 15.06 -17.72
CA ALA E 45 -45.09 14.47 -17.05
C ALA E 45 -44.91 13.01 -17.45
N LEU E 46 -43.65 12.59 -17.56
CA LEU E 46 -43.29 11.22 -17.86
C LEU E 46 -42.53 10.55 -16.72
N ILE E 47 -41.41 11.13 -16.29
CA ILE E 47 -40.55 10.55 -15.28
C ILE E 47 -40.16 11.63 -14.28
N TYR E 48 -40.32 11.32 -12.99
CA TYR E 48 -39.89 12.22 -11.93
C TYR E 48 -38.77 11.57 -11.13
N LEU E 49 -37.83 12.39 -10.68
CA LEU E 49 -36.64 11.93 -9.96
C LEU E 49 -35.69 11.18 -10.87
N ALA E 50 -35.95 11.18 -12.19
CA ALA E 50 -35.05 10.63 -13.19
C ALA E 50 -35.05 9.10 -13.21
N SER E 51 -35.76 8.47 -12.27
CA SER E 51 -35.80 7.01 -12.29
C SER E 51 -37.22 6.45 -12.20
N ASN E 52 -38.09 7.08 -11.43
CA ASN E 52 -39.45 6.57 -11.28
C ASN E 52 -40.28 6.87 -12.52
N ARG E 53 -41.32 6.06 -12.73
CA ARG E 53 -42.22 6.22 -13.85
C ARG E 53 -43.60 6.66 -13.35
N HIS E 54 -44.16 7.67 -14.00
CA HIS E 54 -45.44 8.23 -13.61
C HIS E 54 -46.53 7.17 -13.80
N THR E 55 -47.44 7.09 -12.83
CA THR E 55 -48.51 6.10 -12.90
C THR E 55 -49.35 6.31 -14.16
N GLY E 56 -49.30 5.31 -15.05
CA GLY E 56 -49.99 5.38 -16.31
C GLY E 56 -49.09 5.46 -17.54
N VAL E 57 -47.79 5.19 -17.38
CA VAL E 57 -46.87 5.25 -18.50
C VAL E 57 -46.49 3.82 -18.90
N PRO E 58 -46.33 3.54 -20.20
CA PRO E 58 -45.94 2.20 -20.62
C PRO E 58 -44.56 1.84 -20.11
N ASP E 59 -44.32 0.53 -19.98
CA ASP E 59 -43.03 0.04 -19.51
C ASP E 59 -41.90 0.34 -20.49
N ARG E 60 -42.22 0.75 -21.70
CA ARG E 60 -41.22 1.08 -22.72
C ARG E 60 -40.45 2.36 -22.39
N PHE E 61 -40.87 3.11 -21.37
CA PHE E 61 -40.16 4.30 -20.94
C PHE E 61 -39.28 3.95 -19.74
N SER E 62 -38.04 4.47 -19.75
CA SER E 62 -37.09 4.21 -18.67
C SER E 62 -36.42 5.52 -18.29
N GLY E 63 -35.38 5.43 -17.47
CA GLY E 63 -34.67 6.61 -17.04
C GLY E 63 -33.34 6.24 -16.40
N SER E 64 -32.48 7.26 -16.30
CA SER E 64 -31.17 7.11 -15.69
C SER E 64 -30.76 8.45 -15.09
N GLY E 65 -29.52 8.53 -14.60
CA GLY E 65 -29.05 9.78 -14.03
C GLY E 65 -28.01 9.64 -12.95
N SER E 66 -28.27 10.22 -11.78
CA SER E 66 -27.34 10.23 -10.66
C SER E 66 -26.05 10.96 -11.02
N GLY E 67 -26.19 12.25 -11.27
CA GLY E 67 -25.04 13.10 -11.51
C GLY E 67 -25.36 14.32 -12.35
N THR E 68 -24.49 14.63 -13.32
CA THR E 68 -24.71 15.74 -14.23
C THR E 68 -25.21 15.28 -15.59
N ASP E 69 -25.23 13.97 -15.85
CA ASP E 69 -25.62 13.41 -17.14
C ASP E 69 -26.88 12.57 -16.96
N PHE E 70 -27.92 12.90 -17.71
CA PHE E 70 -29.21 12.23 -17.60
C PHE E 70 -29.67 11.80 -18.99
N THR E 71 -30.26 10.60 -19.08
CA THR E 71 -30.65 10.05 -20.36
C THR E 71 -32.05 9.46 -20.27
N LEU E 72 -32.81 9.58 -21.36
CA LEU E 72 -34.12 8.96 -21.49
C LEU E 72 -34.08 7.99 -22.67
N THR E 73 -34.50 6.74 -22.42
CA THR E 73 -34.42 5.68 -23.42
C THR E 73 -35.84 5.26 -23.80
N ILE E 74 -36.11 5.21 -25.11
CA ILE E 74 -37.41 4.81 -25.62
C ILE E 74 -37.23 3.58 -26.51
N SER E 75 -38.06 2.57 -26.28
CA SER E 75 -38.03 1.35 -27.08
C SER E 75 -39.46 0.94 -27.40
N SER E 76 -39.59 0.10 -28.42
CA SER E 76 -40.89 -0.34 -28.91
C SER E 76 -41.71 0.87 -29.39
N LEU E 77 -41.18 1.55 -30.40
CA LEU E 77 -41.79 2.78 -30.90
C LEU E 77 -43.23 2.51 -31.33
N GLN E 78 -44.10 3.46 -31.01
CA GLN E 78 -45.50 3.43 -31.39
C GLN E 78 -45.86 4.79 -31.99
N PRO E 79 -46.97 4.88 -32.73
CA PRO E 79 -47.36 6.17 -33.34
C PRO E 79 -47.98 7.14 -32.32
N GLU E 80 -47.36 7.21 -31.13
CA GLU E 80 -47.77 8.14 -30.09
C GLU E 80 -46.48 8.68 -29.47
N ASP E 81 -45.31 8.28 -29.99
CA ASP E 81 -44.03 8.65 -29.44
C ASP E 81 -43.31 9.91 -30.02
N PHE E 82 -43.96 10.50 -31.03
CA PHE E 82 -43.39 11.62 -31.77
C PHE E 82 -43.85 13.01 -31.35
N ALA E 83 -43.13 13.58 -30.39
CA ALA E 83 -43.44 14.91 -29.87
C ALA E 83 -42.14 15.51 -29.32
N THR E 84 -42.28 16.61 -28.57
CA THR E 84 -41.13 17.30 -28.00
C THR E 84 -40.94 16.86 -26.55
N TYR E 85 -39.70 16.52 -26.20
CA TYR E 85 -39.38 15.97 -24.88
C TYR E 85 -38.44 16.92 -24.16
N PHE E 86 -38.99 17.72 -23.25
CA PHE E 86 -38.22 18.71 -22.51
C PHE E 86 -37.47 18.05 -21.35
N CYS E 87 -36.72 18.86 -20.61
CA CYS E 87 -35.89 18.37 -19.51
C CYS E 87 -35.60 19.55 -18.61
N LEU E 88 -36.18 19.56 -17.40
CA LEU E 88 -36.02 20.68 -16.49
C LEU E 88 -35.35 20.22 -15.19
N GLN E 89 -35.33 21.14 -14.23
CA GLN E 89 -34.68 20.95 -12.95
C GLN E 89 -35.53 21.55 -11.83
N HIS E 90 -35.46 20.95 -10.64
CA HIS E 90 -36.09 21.55 -9.47
C HIS E 90 -35.14 21.61 -8.28
N TRP E 91 -33.85 21.37 -8.52
CA TRP E 91 -32.82 21.35 -7.43
C TRP E 91 -32.61 22.67 -6.72
N ASN E 92 -32.07 23.68 -7.41
CA ASN E 92 -31.86 25.02 -6.78
C ASN E 92 -33.03 25.94 -7.14
N TYR E 93 -33.17 27.06 -6.42
CA TYR E 93 -34.43 27.85 -6.58
C TYR E 93 -34.72 28.31 -8.02
N PRO E 94 -33.87 29.02 -8.81
CA PRO E 94 -34.28 29.42 -10.18
C PRO E 94 -34.31 28.20 -11.11
N TYR E 95 -35.50 27.70 -11.47
CA TYR E 95 -35.62 26.45 -12.26
C TYR E 95 -35.34 26.68 -13.74
N THR E 96 -34.51 25.84 -14.37
CA THR E 96 -34.14 26.02 -15.78
C THR E 96 -34.64 24.86 -16.61
N PHE E 97 -35.46 25.12 -17.62
CA PHE E 97 -35.91 24.03 -18.52
C PHE E 97 -34.80 23.76 -19.55
N GLY E 98 -35.09 22.91 -20.53
CA GLY E 98 -34.12 22.64 -21.61
C GLY E 98 -34.68 23.18 -22.91
N GLN E 99 -33.94 23.09 -24.02
CA GLN E 99 -34.45 23.71 -25.24
C GLN E 99 -35.56 22.86 -25.87
N GLY E 100 -35.37 21.56 -25.89
CA GLY E 100 -36.39 20.67 -26.45
C GLY E 100 -35.90 19.98 -27.70
N THR E 101 -36.04 18.65 -27.73
CA THR E 101 -35.66 17.84 -28.86
C THR E 101 -36.92 17.22 -29.46
N LYS E 102 -37.10 17.40 -30.77
CA LYS E 102 -38.28 16.91 -31.45
C LYS E 102 -38.02 15.54 -32.06
N LEU E 103 -39.06 14.72 -32.10
CA LEU E 103 -38.95 13.37 -32.66
C LEU E 103 -40.17 13.04 -33.53
N ALA F 1 45.46 -37.05 -21.06
CA ALA F 1 44.48 -37.57 -22.03
C ALA F 1 43.45 -36.49 -22.36
N TRP F 2 42.40 -36.39 -21.55
CA TRP F 2 41.33 -35.45 -21.77
C TRP F 2 41.62 -34.15 -21.06
N GLU F 3 41.23 -33.04 -21.69
CA GLU F 3 41.49 -31.70 -21.17
C GLU F 3 40.21 -30.87 -21.22
N LEU F 4 39.98 -30.09 -20.16
CA LEU F 4 38.94 -29.08 -20.16
C LEU F 4 39.45 -27.84 -19.48
N THR F 5 38.90 -26.69 -19.88
CA THR F 5 39.18 -25.41 -19.24
C THR F 5 37.90 -24.92 -18.57
N ILE F 6 38.09 -24.24 -17.44
CA ILE F 6 36.99 -23.86 -16.57
C ILE F 6 37.00 -22.34 -16.43
N LEU F 7 35.85 -21.72 -16.70
CA LEU F 7 35.67 -20.29 -16.57
C LEU F 7 34.61 -20.02 -15.50
N HIS F 8 34.97 -19.30 -14.45
CA HIS F 8 34.05 -19.06 -13.37
C HIS F 8 34.02 -17.59 -12.99
N THR F 9 32.86 -17.14 -12.53
CA THR F 9 32.67 -15.84 -11.95
C THR F 9 31.96 -16.00 -10.62
N ASN F 10 32.03 -14.99 -9.76
CA ASN F 10 31.30 -15.03 -8.52
C ASN F 10 31.16 -13.62 -7.95
N ASP F 11 30.14 -13.47 -7.12
CA ASP F 11 29.87 -12.24 -6.38
C ASP F 11 29.89 -10.97 -7.24
N VAL F 12 29.28 -11.09 -8.42
CA VAL F 12 29.13 -9.93 -9.29
C VAL F 12 28.42 -8.76 -8.64
N HIS F 13 27.48 -9.10 -7.76
CA HIS F 13 26.71 -8.08 -6.98
C HIS F 13 26.18 -7.00 -7.92
N SER F 14 25.55 -7.41 -9.02
CA SER F 14 24.86 -6.46 -9.95
C SER F 14 25.77 -5.42 -10.62
N ARG F 15 27.08 -5.65 -10.71
CA ARG F 15 27.97 -4.76 -11.52
C ARG F 15 27.76 -5.21 -12.96
N LEU F 16 26.69 -4.77 -13.60
CA LEU F 16 26.23 -5.18 -14.91
C LEU F 16 26.76 -4.29 -16.04
N GLU F 17 27.03 -3.01 -15.77
CA GLU F 17 27.69 -2.15 -16.74
C GLU F 17 29.11 -1.86 -16.27
N GLN F 18 29.88 -1.26 -17.15
CA GLN F 18 31.32 -1.14 -16.96
C GLN F 18 31.64 -0.24 -15.76
N THR F 19 32.74 -0.56 -15.10
CA THR F 19 33.03 -0.01 -13.78
C THR F 19 34.47 0.49 -13.73
N SER F 20 34.80 1.11 -12.60
CA SER F 20 36.12 1.68 -12.39
C SER F 20 37.05 0.63 -11.77
N GLU F 21 38.22 1.09 -11.33
CA GLU F 21 39.17 0.19 -10.69
C GLU F 21 38.75 -0.14 -9.25
N ASP F 22 38.04 0.76 -8.60
CA ASP F 22 37.44 0.48 -7.30
C ASP F 22 36.06 -0.16 -7.43
N SER F 23 35.59 -0.37 -8.65
CA SER F 23 34.32 -1.04 -8.90
C SER F 23 33.16 -0.32 -8.22
N SER F 24 33.16 1.01 -8.32
CA SER F 24 32.06 1.82 -7.83
C SER F 24 31.31 2.51 -8.98
N LYS F 25 32.01 3.35 -9.74
CA LYS F 25 31.46 3.95 -10.95
C LYS F 25 32.57 4.69 -11.68
N CYS F 26 32.70 4.45 -12.98
CA CYS F 26 33.82 4.98 -13.76
C CYS F 26 33.30 6.03 -14.73
N VAL F 27 33.97 7.20 -14.74
CA VAL F 27 33.54 8.35 -15.52
C VAL F 27 34.49 8.65 -16.65
N ASN F 28 35.73 8.13 -16.60
CA ASN F 28 36.69 8.29 -17.70
C ASN F 28 36.71 6.98 -18.47
N ALA F 29 36.05 6.97 -19.63
CA ALA F 29 35.89 5.73 -20.38
C ALA F 29 37.23 5.08 -20.72
N SER F 30 38.28 5.88 -20.84
CA SER F 30 39.58 5.28 -21.24
C SER F 30 40.35 4.47 -20.19
N ARG F 31 39.90 4.57 -18.94
CA ARG F 31 40.47 3.79 -17.82
C ARG F 31 39.24 3.33 -17.05
N CYS F 32 38.68 2.18 -17.40
CA CYS F 32 37.40 1.75 -16.81
C CYS F 32 37.64 0.25 -16.88
N MET F 33 36.71 -0.52 -16.34
CA MET F 33 36.89 -1.96 -16.26
C MET F 33 35.55 -2.68 -16.21
N GLY F 34 35.61 -3.99 -16.38
CA GLY F 34 34.48 -4.87 -16.21
C GLY F 34 33.42 -4.71 -17.28
N GLY F 35 32.25 -5.25 -16.96
CA GLY F 35 31.11 -5.24 -17.84
C GLY F 35 30.77 -6.62 -18.35
N VAL F 36 29.55 -6.76 -18.86
CA VAL F 36 29.08 -8.04 -19.37
C VAL F 36 29.41 -8.22 -20.85
N ALA F 37 29.52 -7.13 -21.62
CA ALA F 37 29.83 -7.25 -23.03
C ALA F 37 31.29 -7.63 -23.25
N ARG F 38 32.19 -7.00 -22.50
CA ARG F 38 33.59 -7.38 -22.54
C ARG F 38 33.77 -8.84 -22.17
N LEU F 39 33.00 -9.29 -21.18
CA LEU F 39 33.03 -10.68 -20.76
C LEU F 39 32.54 -11.59 -21.87
N PHE F 40 31.45 -11.20 -22.54
CA PHE F 40 30.98 -11.92 -23.72
C PHE F 40 32.10 -12.09 -24.74
N THR F 41 32.81 -11.00 -25.01
CA THR F 41 33.88 -11.04 -26.00
C THR F 41 34.94 -12.08 -25.63
N LYS F 42 35.46 -11.96 -24.41
CA LYS F 42 36.55 -12.84 -23.98
C LYS F 42 36.08 -14.29 -23.99
N VAL F 43 34.86 -14.53 -23.50
CA VAL F 43 34.32 -15.88 -23.43
C VAL F 43 34.21 -16.47 -24.83
N GLN F 44 33.73 -15.69 -25.78
CA GLN F 44 33.54 -16.23 -27.12
C GLN F 44 34.89 -16.54 -27.77
N GLN F 45 35.90 -15.71 -27.52
CA GLN F 45 37.23 -16.01 -28.06
C GLN F 45 37.72 -17.34 -27.51
N ILE F 46 37.62 -17.53 -26.19
CA ILE F 46 38.10 -18.79 -25.62
C ILE F 46 37.30 -19.96 -26.15
N ARG F 47 35.99 -19.77 -26.35
CA ARG F 47 35.16 -20.87 -26.80
C ARG F 47 35.53 -21.30 -28.22
N ARG F 48 35.78 -20.34 -29.11
CA ARG F 48 36.22 -20.71 -30.45
C ARG F 48 37.60 -21.36 -30.44
N ALA F 49 38.49 -20.86 -29.59
CA ALA F 49 39.84 -21.44 -29.55
C ALA F 49 39.82 -22.87 -29.02
N GLU F 50 39.06 -23.13 -27.91
CA GLU F 50 39.13 -24.43 -27.24
C GLU F 50 37.80 -25.17 -27.36
N PRO F 51 37.83 -26.52 -27.50
CA PRO F 51 36.58 -27.26 -27.74
C PRO F 51 35.83 -27.66 -26.47
N ASN F 52 36.56 -27.88 -25.38
CA ASN F 52 35.97 -28.31 -24.11
C ASN F 52 36.04 -27.17 -23.11
N VAL F 53 34.89 -26.62 -22.73
CA VAL F 53 34.84 -25.42 -21.93
C VAL F 53 33.63 -25.50 -21.00
N LEU F 54 33.70 -24.78 -19.89
CA LEU F 54 32.63 -24.71 -18.91
C LEU F 54 32.57 -23.32 -18.32
N LEU F 55 31.41 -22.69 -18.38
CA LEU F 55 31.17 -21.41 -17.73
C LEU F 55 30.22 -21.62 -16.56
N LEU F 56 30.66 -21.20 -15.37
CA LEU F 56 29.92 -21.44 -14.14
C LEU F 56 29.80 -20.13 -13.36
N ASP F 57 28.77 -20.08 -12.53
CA ASP F 57 28.57 -18.99 -11.58
C ASP F 57 28.34 -19.58 -10.21
N ALA F 58 28.84 -18.91 -9.18
CA ALA F 58 28.78 -19.40 -7.81
C ALA F 58 27.94 -18.50 -6.89
N GLY F 59 26.97 -17.79 -7.45
CA GLY F 59 25.94 -17.16 -6.67
C GLY F 59 26.15 -15.67 -6.47
N ASP F 60 25.21 -15.07 -5.73
CA ASP F 60 25.23 -13.67 -5.37
C ASP F 60 25.36 -12.68 -6.52
N GLN F 61 24.51 -12.76 -7.52
CA GLN F 61 24.43 -11.67 -8.50
C GLN F 61 23.03 -10.95 -8.47
N TYR F 62 22.75 -10.41 -7.27
CA TYR F 62 21.42 -9.81 -7.01
C TYR F 62 21.54 -8.51 -6.21
N GLN F 63 22.28 -8.46 -5.11
CA GLN F 63 22.22 -7.17 -4.34
C GLN F 63 23.35 -6.22 -4.72
N GLY F 64 23.03 -4.95 -4.95
CA GLY F 64 24.03 -3.94 -5.33
C GLY F 64 23.47 -3.10 -6.45
N THR F 65 24.16 -2.00 -6.83
CA THR F 65 23.78 -1.14 -7.99
C THR F 65 22.36 -0.56 -7.98
N ILE F 66 21.67 -0.39 -9.12
CA ILE F 66 20.34 0.32 -9.13
C ILE F 66 19.50 -0.53 -10.10
N TRP F 67 20.08 -1.57 -10.65
CA TRP F 67 19.40 -2.48 -11.62
C TRP F 67 18.51 -3.44 -10.86
N PHE F 68 18.90 -3.79 -9.63
CA PHE F 68 18.15 -4.74 -8.83
C PHE F 68 16.93 -4.08 -8.18
N THR F 69 17.11 -2.83 -7.73
CA THR F 69 15.99 -2.09 -7.16
C THR F 69 14.86 -1.93 -8.15
N VAL F 70 15.17 -1.77 -9.43
CA VAL F 70 14.13 -1.46 -10.42
C VAL F 70 13.55 -2.73 -11.03
N TYR F 71 14.41 -3.61 -11.57
CA TYR F 71 13.91 -4.76 -12.32
C TYR F 71 13.71 -6.01 -11.48
N LYS F 72 14.58 -6.23 -10.48
CA LYS F 72 14.40 -7.31 -9.52
C LYS F 72 14.69 -8.79 -9.85
N GLY F 73 15.40 -9.00 -10.95
CA GLY F 73 15.99 -10.29 -11.25
C GLY F 73 15.79 -10.58 -12.71
N ALA F 74 15.09 -9.71 -13.46
CA ALA F 74 14.85 -9.98 -14.87
C ALA F 74 16.13 -9.82 -15.70
N GLU F 75 16.89 -8.77 -15.40
CA GLU F 75 18.13 -8.52 -16.12
C GLU F 75 19.14 -9.66 -15.91
N VAL F 76 19.21 -10.16 -14.68
CA VAL F 76 20.07 -11.30 -14.40
C VAL F 76 19.79 -12.43 -15.37
N ALA F 77 18.52 -12.84 -15.45
CA ALA F 77 18.15 -13.97 -16.31
C ALA F 77 18.44 -13.66 -17.77
N HIS F 78 18.06 -12.45 -18.22
CA HIS F 78 18.24 -12.10 -19.62
C HIS F 78 19.71 -12.21 -20.03
N PHE F 79 20.59 -11.53 -19.30
CA PHE F 79 21.98 -11.48 -19.71
C PHE F 79 22.75 -12.74 -19.35
N MET F 80 22.25 -13.55 -18.43
CA MET F 80 22.82 -14.89 -18.23
C MET F 80 22.49 -15.78 -19.41
N ASN F 81 21.23 -15.78 -19.84
CA ASN F 81 20.84 -16.54 -21.01
C ASN F 81 21.61 -16.10 -22.25
N ALA F 82 21.91 -14.81 -22.36
CA ALA F 82 22.66 -14.32 -23.51
C ALA F 82 24.08 -14.88 -23.52
N LEU F 83 24.75 -14.91 -22.36
CA LEU F 83 26.12 -15.38 -22.26
C LEU F 83 26.33 -16.89 -22.33
N ARG F 84 25.27 -17.67 -22.29
CA ARG F 84 25.38 -19.16 -22.40
C ARG F 84 25.97 -19.81 -21.15
N TYR F 85 25.68 -19.27 -19.97
CA TYR F 85 26.00 -19.93 -18.71
C TYR F 85 25.61 -21.40 -18.70
N ASP F 86 26.51 -22.24 -18.20
CA ASP F 86 26.31 -23.68 -18.22
C ASP F 86 25.72 -24.23 -16.94
N ALA F 87 25.78 -23.48 -15.84
CA ALA F 87 25.18 -23.90 -14.59
C ALA F 87 25.23 -22.71 -13.63
N MET F 88 24.74 -22.93 -12.41
CA MET F 88 24.69 -21.87 -11.40
C MET F 88 24.30 -22.49 -10.07
N ALA F 89 24.81 -21.90 -9.01
CA ALA F 89 24.45 -22.23 -7.64
C ALA F 89 23.65 -21.08 -7.02
N LEU F 90 23.23 -21.28 -5.78
CA LEU F 90 22.42 -20.32 -5.06
C LEU F 90 23.22 -19.74 -3.91
N GLY F 91 23.12 -18.41 -3.76
CA GLY F 91 23.81 -17.70 -2.72
C GLY F 91 22.89 -17.25 -1.60
N ASN F 92 23.35 -16.24 -0.88
CA ASN F 92 22.61 -15.75 0.27
C ASN F 92 21.76 -14.52 -0.06
N HIS F 93 22.03 -13.86 -1.19
CA HIS F 93 21.28 -12.68 -1.58
C HIS F 93 20.19 -12.97 -2.59
N GLU F 94 20.10 -14.21 -3.05
CA GLU F 94 18.97 -14.61 -3.89
C GLU F 94 17.67 -14.65 -3.12
N PHE F 95 17.73 -14.63 -1.79
CA PHE F 95 16.54 -14.71 -0.94
C PHE F 95 16.19 -13.36 -0.32
N ASP F 96 16.73 -12.27 -0.89
CA ASP F 96 16.51 -10.95 -0.30
C ASP F 96 15.05 -10.53 -0.40
N ASN F 97 14.47 -10.64 -1.59
CA ASN F 97 13.08 -10.30 -1.81
C ASN F 97 12.13 -11.44 -1.48
N GLY F 98 12.64 -12.52 -0.89
CA GLY F 98 11.84 -13.67 -0.55
C GLY F 98 11.80 -14.72 -1.64
N VAL F 99 11.31 -15.89 -1.27
CA VAL F 99 11.23 -17.00 -2.21
C VAL F 99 10.27 -16.67 -3.34
N GLU F 100 9.20 -15.94 -3.04
CA GLU F 100 8.28 -15.54 -4.09
C GLU F 100 8.96 -14.60 -5.08
N GLY F 101 9.93 -13.82 -4.62
CA GLY F 101 10.75 -13.02 -5.50
C GLY F 101 11.84 -13.78 -6.21
N LEU F 102 12.17 -14.98 -5.71
CA LEU F 102 13.11 -15.87 -6.39
C LEU F 102 12.47 -16.69 -7.50
N ILE F 103 11.32 -17.31 -7.22
CA ILE F 103 10.82 -18.36 -8.08
C ILE F 103 10.47 -17.84 -9.46
N GLU F 104 9.76 -16.73 -9.53
CA GLU F 104 9.23 -16.25 -10.80
C GLU F 104 10.34 -15.73 -11.71
N PRO F 105 11.06 -14.67 -11.33
CA PRO F 105 12.07 -14.13 -12.24
C PRO F 105 13.15 -15.13 -12.64
N LEU F 106 13.87 -15.68 -11.66
CA LEU F 106 15.06 -16.49 -11.94
C LEU F 106 14.73 -17.95 -12.24
N LEU F 107 14.11 -18.64 -11.28
CA LEU F 107 14.02 -20.09 -11.36
C LEU F 107 13.16 -20.56 -12.53
N LYS F 108 12.25 -19.73 -13.03
CA LYS F 108 11.34 -20.15 -14.09
C LYS F 108 11.77 -19.71 -15.48
N GLU F 109 12.42 -18.55 -15.62
CA GLU F 109 12.87 -18.09 -16.92
C GLU F 109 14.25 -18.60 -17.30
N ALA F 110 15.10 -18.89 -16.32
CA ALA F 110 16.46 -19.33 -16.61
C ALA F 110 16.48 -20.61 -17.41
N LYS F 111 17.32 -20.66 -18.43
CA LYS F 111 17.45 -21.81 -19.30
C LYS F 111 18.54 -22.77 -18.87
N PHE F 112 19.14 -22.53 -17.71
CA PHE F 112 20.22 -23.34 -17.17
C PHE F 112 19.89 -23.77 -15.75
N PRO F 113 20.44 -24.88 -15.29
CA PRO F 113 20.10 -25.39 -13.96
C PRO F 113 20.61 -24.51 -12.83
N ILE F 114 19.91 -24.56 -11.71
CA ILE F 114 20.31 -23.94 -10.47
C ILE F 114 20.32 -25.01 -9.38
N LEU F 115 21.40 -25.06 -8.60
CA LEU F 115 21.73 -26.21 -7.79
C LEU F 115 21.84 -25.85 -6.31
N SER F 116 21.43 -26.80 -5.47
CA SER F 116 21.71 -26.77 -4.04
C SER F 116 21.29 -28.11 -3.46
N ALA F 117 22.15 -28.68 -2.61
CA ALA F 117 21.94 -30.02 -2.07
C ALA F 117 21.73 -30.04 -0.57
N ASN F 118 21.78 -28.90 0.12
CA ASN F 118 21.48 -28.85 1.53
C ASN F 118 20.19 -28.11 1.82
N ILE F 119 19.39 -27.81 0.81
CA ILE F 119 18.19 -27.02 0.95
C ILE F 119 16.99 -27.94 0.82
N LYS F 120 16.19 -28.02 1.88
CA LYS F 120 15.05 -28.93 1.93
C LYS F 120 13.83 -28.19 2.42
N ALA F 121 12.68 -28.55 1.86
CA ALA F 121 11.42 -27.84 2.11
C ALA F 121 10.47 -28.70 2.94
N LYS F 122 9.81 -28.07 3.90
CA LYS F 122 8.85 -28.72 4.77
C LYS F 122 7.54 -27.94 4.77
N GLY F 123 6.43 -28.66 4.74
CA GLY F 123 5.13 -28.05 4.78
C GLY F 123 4.58 -27.73 3.40
N PRO F 124 3.69 -26.73 3.33
CA PRO F 124 3.08 -26.37 2.04
C PRO F 124 4.07 -25.92 0.98
N LEU F 125 5.27 -25.49 1.40
CA LEU F 125 6.29 -25.08 0.44
C LEU F 125 6.96 -26.26 -0.23
N ALA F 126 6.59 -27.49 0.13
CA ALA F 126 7.16 -28.66 -0.53
C ALA F 126 6.57 -28.85 -1.92
N SER F 127 5.28 -28.57 -2.08
CA SER F 127 4.62 -28.74 -3.37
C SER F 127 5.03 -27.65 -4.35
N GLN F 128 5.21 -26.43 -3.86
CA GLN F 128 5.41 -25.30 -4.75
C GLN F 128 6.81 -25.32 -5.39
N ILE F 129 7.84 -25.58 -4.59
CA ILE F 129 9.22 -25.35 -5.01
C ILE F 129 9.92 -26.65 -5.38
N SER F 130 9.16 -27.71 -5.65
CA SER F 130 9.73 -29.00 -5.99
C SER F 130 9.84 -29.13 -7.51
N GLY F 131 11.03 -29.45 -8.00
CA GLY F 131 11.28 -29.55 -9.42
C GLY F 131 11.92 -28.31 -10.01
N LEU F 132 12.24 -27.32 -9.18
CA LEU F 132 12.77 -26.05 -9.66
C LEU F 132 14.23 -25.84 -9.32
N TYR F 133 14.72 -26.47 -8.25
CA TYR F 133 16.14 -26.53 -7.96
C TYR F 133 16.54 -27.98 -7.76
N LEU F 134 17.80 -28.29 -8.06
CA LEU F 134 18.28 -29.65 -8.09
C LEU F 134 19.46 -29.83 -7.17
N PRO F 135 19.69 -31.05 -6.68
CA PRO F 135 20.88 -31.31 -5.87
C PRO F 135 22.14 -31.52 -6.69
N TYR F 136 21.98 -32.07 -7.89
CA TYR F 136 23.12 -32.38 -8.74
C TYR F 136 22.66 -32.48 -10.18
N LYS F 137 23.62 -32.45 -11.10
CA LYS F 137 23.37 -32.45 -12.52
C LYS F 137 24.44 -33.23 -13.25
N VAL F 138 24.09 -33.71 -14.44
CA VAL F 138 25.01 -34.40 -15.34
C VAL F 138 25.05 -33.62 -16.64
N LEU F 139 26.25 -33.32 -17.12
CA LEU F 139 26.42 -32.56 -18.33
C LEU F 139 27.39 -33.24 -19.29
N PRO F 140 27.07 -33.29 -20.59
CA PRO F 140 28.03 -33.81 -21.56
C PRO F 140 28.97 -32.72 -22.04
N VAL F 141 30.24 -32.81 -21.68
CA VAL F 141 31.24 -31.81 -22.06
C VAL F 141 32.20 -32.48 -23.03
N GLY F 142 32.26 -31.95 -24.24
CA GLY F 142 33.07 -32.55 -25.27
C GLY F 142 32.57 -33.94 -25.65
N ASP F 143 33.45 -34.93 -25.48
CA ASP F 143 33.11 -36.32 -25.73
C ASP F 143 33.04 -37.13 -24.44
N GLU F 144 32.77 -36.47 -23.32
CA GLU F 144 32.74 -37.11 -22.03
C GLU F 144 31.60 -36.55 -21.20
N VAL F 145 31.47 -37.06 -19.98
CA VAL F 145 30.39 -36.69 -19.07
C VAL F 145 31.02 -36.11 -17.82
N VAL F 146 30.42 -35.03 -17.32
CA VAL F 146 30.90 -34.32 -16.15
C VAL F 146 29.76 -34.21 -15.16
N GLY F 147 30.03 -34.59 -13.91
CA GLY F 147 29.02 -34.48 -12.86
C GLY F 147 29.25 -33.29 -11.97
N ILE F 148 28.17 -32.56 -11.69
CA ILE F 148 28.22 -31.37 -10.87
C ILE F 148 27.43 -31.60 -9.58
N VAL F 149 27.75 -30.81 -8.56
CA VAL F 149 27.04 -30.86 -7.29
C VAL F 149 27.16 -29.49 -6.64
N GLY F 150 26.09 -29.08 -5.96
CA GLY F 150 25.97 -27.76 -5.40
C GLY F 150 25.78 -27.76 -3.90
N TYR F 151 26.06 -26.61 -3.30
CA TYR F 151 25.89 -26.41 -1.87
C TYR F 151 25.80 -24.92 -1.59
N THR F 152 25.29 -24.59 -0.42
CA THR F 152 24.96 -23.22 -0.08
C THR F 152 25.13 -23.01 1.41
N SER F 153 25.30 -21.76 1.80
CA SER F 153 25.67 -21.43 3.17
C SER F 153 24.58 -21.84 4.15
N LYS F 154 24.99 -22.00 5.40
CA LYS F 154 24.11 -22.37 6.50
C LYS F 154 23.61 -21.16 7.30
N GLU F 155 24.22 -20.00 7.12
CA GLU F 155 23.84 -18.79 7.81
C GLU F 155 22.87 -17.92 7.02
N THR F 156 22.36 -18.45 5.92
CA THR F 156 21.41 -17.70 5.11
C THR F 156 20.20 -17.21 5.90
N PRO F 157 19.62 -18.01 6.82
CA PRO F 157 18.49 -17.51 7.58
C PRO F 157 18.80 -16.25 8.37
N PHE F 158 20.02 -16.10 8.82
CA PHE F 158 20.46 -14.89 9.52
C PHE F 158 21.10 -13.87 8.60
N LEU F 159 21.19 -14.17 7.29
CA LEU F 159 21.74 -13.23 6.33
C LEU F 159 20.77 -12.86 5.22
N SER F 160 19.52 -13.29 5.31
CA SER F 160 18.52 -12.97 4.30
C SER F 160 17.15 -13.31 4.86
N ASN F 161 16.14 -13.30 3.99
CA ASN F 161 14.74 -13.50 4.37
C ASN F 161 14.12 -14.62 3.57
N PRO F 162 14.62 -15.85 3.73
CA PRO F 162 14.10 -16.98 2.96
C PRO F 162 12.66 -17.35 3.31
N GLY F 163 12.43 -17.57 4.59
CA GLY F 163 11.15 -18.06 5.05
C GLY F 163 11.34 -18.81 6.36
N THR F 164 10.32 -19.60 6.68
CA THR F 164 10.39 -20.51 7.83
C THR F 164 10.19 -21.96 7.45
N ASN F 165 9.85 -22.23 6.19
CA ASN F 165 9.65 -23.60 5.71
C ASN F 165 10.76 -24.07 4.78
N LEU F 166 11.96 -23.47 4.91
CA LEU F 166 13.13 -23.91 4.17
C LEU F 166 14.24 -24.20 5.16
N VAL F 167 14.93 -25.31 4.95
CA VAL F 167 15.92 -25.80 5.90
C VAL F 167 17.29 -25.74 5.23
N PHE F 168 18.31 -25.56 6.03
CA PHE F 168 19.68 -25.43 5.56
C PHE F 168 20.56 -26.33 6.41
N GLU F 169 20.92 -27.49 5.86
CA GLU F 169 21.64 -28.51 6.60
C GLU F 169 23.15 -28.27 6.54
N ASP F 170 23.91 -29.17 7.14
CA ASP F 170 25.36 -29.16 7.02
C ASP F 170 25.76 -29.59 5.61
N GLU F 171 26.85 -29.02 5.10
CA GLU F 171 27.23 -29.23 3.72
C GLU F 171 27.72 -30.65 3.49
N ILE F 172 28.63 -31.11 4.35
CA ILE F 172 29.36 -32.34 4.10
C ILE F 172 28.43 -33.55 4.09
N THR F 173 27.55 -33.65 5.10
CA THR F 173 26.69 -34.80 5.23
C THR F 173 25.67 -34.85 4.10
N ALA F 174 25.22 -33.69 3.64
CA ALA F 174 24.29 -33.63 2.53
C ALA F 174 24.98 -33.79 1.18
N LEU F 175 26.31 -33.66 1.14
CA LEU F 175 27.05 -33.71 -0.09
C LEU F 175 27.54 -35.12 -0.41
N GLN F 176 28.06 -35.82 0.59
CA GLN F 176 28.65 -37.14 0.39
C GLN F 176 27.73 -38.12 -0.33
N PRO F 177 26.46 -38.27 0.06
CA PRO F 177 25.61 -39.27 -0.59
C PRO F 177 25.44 -39.07 -2.09
N GLU F 178 25.33 -37.83 -2.53
CA GLU F 178 25.15 -37.59 -3.97
C GLU F 178 26.41 -37.94 -4.73
N VAL F 179 27.58 -37.68 -4.16
CA VAL F 179 28.83 -38.10 -4.78
C VAL F 179 28.86 -39.61 -4.91
N ASP F 180 28.50 -40.32 -3.83
CA ASP F 180 28.49 -41.77 -3.88
C ASP F 180 27.57 -42.27 -4.99
N LYS F 181 26.35 -41.74 -5.05
CA LYS F 181 25.41 -42.15 -6.09
C LYS F 181 25.98 -41.85 -7.47
N LEU F 182 26.56 -40.66 -7.65
CA LEU F 182 27.12 -40.29 -8.94
C LEU F 182 28.18 -41.30 -9.37
N LYS F 183 29.01 -41.75 -8.43
CA LYS F 183 29.99 -42.78 -8.75
C LYS F 183 29.31 -44.08 -9.14
N THR F 184 28.25 -44.46 -8.43
CA THR F 184 27.50 -45.65 -8.85
C THR F 184 26.82 -45.47 -10.20
N LEU F 185 26.71 -44.24 -10.69
CA LEU F 185 26.16 -43.97 -12.01
C LEU F 185 27.22 -44.05 -13.11
N ASN F 186 28.39 -44.61 -12.82
CA ASN F 186 29.48 -44.68 -13.80
C ASN F 186 29.88 -43.29 -14.28
N VAL F 187 30.05 -42.37 -13.32
CA VAL F 187 30.51 -41.02 -13.58
C VAL F 187 31.67 -40.76 -12.63
N ASN F 188 32.83 -40.44 -13.20
CA ASN F 188 34.09 -40.40 -12.44
C ASN F 188 34.68 -39.01 -12.32
N LYS F 189 34.15 -38.03 -13.05
CA LYS F 189 34.61 -36.65 -12.99
C LYS F 189 33.56 -35.86 -12.25
N ILE F 190 33.98 -35.16 -11.19
CA ILE F 190 33.08 -34.48 -10.26
C ILE F 190 33.60 -33.08 -10.03
N ILE F 191 32.69 -32.11 -9.94
CA ILE F 191 33.02 -30.72 -9.62
C ILE F 191 32.04 -30.26 -8.56
N ALA F 192 32.55 -29.61 -7.52
CA ALA F 192 31.72 -28.96 -6.52
C ALA F 192 31.65 -27.46 -6.81
N LEU F 193 30.49 -26.88 -6.53
CA LEU F 193 30.19 -25.53 -6.95
C LEU F 193 29.22 -25.07 -5.87
N GLY F 194 29.49 -23.92 -5.27
CA GLY F 194 28.66 -23.50 -4.16
C GLY F 194 29.11 -22.16 -3.60
N HIS F 195 28.29 -21.64 -2.69
CA HIS F 195 28.46 -20.32 -2.10
C HIS F 195 28.46 -20.48 -0.58
N SER F 196 29.62 -20.80 -0.03
CA SER F 196 29.75 -21.05 1.40
C SER F 196 30.94 -20.31 2.00
N GLY F 197 32.01 -20.17 1.23
CA GLY F 197 33.21 -19.51 1.70
C GLY F 197 34.47 -20.22 1.26
N PHE F 198 35.61 -19.79 1.78
CA PHE F 198 36.89 -20.40 1.41
C PHE F 198 37.21 -21.57 2.32
N GLU F 199 37.13 -21.36 3.63
CA GLU F 199 37.50 -22.38 4.59
C GLU F 199 36.67 -23.64 4.43
N MET F 200 35.34 -23.47 4.28
CA MET F 200 34.50 -24.63 4.13
C MET F 200 34.82 -25.33 2.81
N ASP F 201 35.28 -24.55 1.83
CA ASP F 201 35.72 -25.16 0.55
C ASP F 201 36.89 -26.08 0.84
N LYS F 202 37.85 -25.58 1.61
CA LYS F 202 39.00 -26.40 1.99
C LYS F 202 38.59 -27.67 2.70
N LEU F 203 37.65 -27.58 3.65
CA LEU F 203 37.19 -28.77 4.36
C LEU F 203 36.50 -29.75 3.41
N ILE F 204 35.72 -29.25 2.47
CA ILE F 204 35.05 -30.13 1.52
C ILE F 204 36.06 -30.89 0.69
N ALA F 205 37.22 -30.29 0.44
CA ALA F 205 38.28 -30.98 -0.31
C ALA F 205 39.02 -31.98 0.60
N GLN F 206 39.00 -31.81 1.93
CA GLN F 206 39.56 -32.86 2.82
C GLN F 206 38.53 -33.90 3.30
N LYS F 207 37.46 -33.46 3.95
CA LYS F 207 36.53 -34.48 4.51
C LYS F 207 35.71 -35.23 3.43
N VAL F 208 35.22 -34.55 2.39
CA VAL F 208 34.33 -35.23 1.39
C VAL F 208 35.25 -36.09 0.52
N ARG F 209 34.72 -37.16 -0.08
CA ARG F 209 35.55 -38.12 -0.86
C ARG F 209 34.96 -38.34 -2.25
N GLY F 210 35.75 -38.13 -3.30
CA GLY F 210 35.26 -38.27 -4.69
C GLY F 210 35.22 -36.93 -5.41
N VAL F 211 35.65 -35.85 -4.74
CA VAL F 211 35.56 -34.48 -5.33
C VAL F 211 36.91 -34.16 -6.00
N ASP F 212 36.93 -34.00 -7.32
CA ASP F 212 38.13 -33.69 -8.07
C ASP F 212 38.52 -32.22 -7.96
N VAL F 213 37.57 -31.30 -8.06
CA VAL F 213 37.85 -29.89 -7.94
C VAL F 213 36.74 -29.22 -7.14
N VAL F 214 37.06 -28.05 -6.59
CA VAL F 214 36.15 -27.26 -5.78
C VAL F 214 36.15 -25.83 -6.31
N VAL F 215 34.98 -25.39 -6.76
CA VAL F 215 34.74 -24.00 -7.16
C VAL F 215 33.87 -23.35 -6.10
N GLY F 216 34.15 -22.09 -5.78
CA GLY F 216 33.48 -21.47 -4.67
C GLY F 216 33.46 -19.95 -4.68
N GLY F 217 33.01 -19.37 -3.57
CA GLY F 217 32.95 -17.93 -3.46
C GLY F 217 32.47 -17.51 -2.09
N HIS F 218 31.85 -16.34 -2.06
CA HIS F 218 31.18 -15.72 -0.93
C HIS F 218 32.15 -15.03 0.03
N SER F 219 33.45 -15.15 -0.17
CA SER F 219 34.43 -14.56 0.71
C SER F 219 35.20 -13.41 0.07
N ASN F 220 35.09 -13.23 -1.24
CA ASN F 220 35.72 -12.12 -1.95
C ASN F 220 37.24 -12.20 -1.79
N THR F 221 37.81 -13.30 -2.26
CA THR F 221 39.20 -13.65 -2.06
C THR F 221 39.93 -13.64 -3.38
N PHE F 222 41.18 -13.18 -3.35
CA PHE F 222 42.02 -13.07 -4.55
C PHE F 222 43.10 -14.14 -4.52
N LEU F 223 43.21 -14.88 -5.62
CA LEU F 223 44.24 -15.91 -5.77
C LEU F 223 45.01 -15.65 -7.06
N TYR F 224 46.26 -15.19 -6.93
CA TYR F 224 47.15 -15.00 -8.06
C TYR F 224 48.50 -15.63 -7.73
N THR F 225 49.12 -16.22 -8.75
CA THR F 225 50.51 -16.66 -8.66
C THR F 225 51.32 -15.87 -9.68
N GLY F 226 52.35 -15.18 -9.21
CA GLY F 226 53.12 -14.31 -10.06
C GLY F 226 53.15 -12.90 -9.50
N ASN F 227 53.02 -11.92 -10.39
CA ASN F 227 53.00 -10.51 -9.95
C ASN F 227 51.61 -9.94 -10.19
N PRO F 228 50.88 -9.51 -9.14
CA PRO F 228 49.53 -8.98 -9.32
C PRO F 228 49.52 -7.81 -10.28
N PRO F 229 48.54 -7.74 -11.19
CA PRO F 229 48.46 -6.62 -12.13
C PRO F 229 47.70 -5.40 -11.63
N SER F 230 47.19 -5.42 -10.40
CA SER F 230 46.39 -4.30 -9.90
C SER F 230 46.44 -4.29 -8.38
N LYS F 231 45.50 -3.56 -7.77
CA LYS F 231 45.63 -3.16 -6.37
C LYS F 231 45.49 -4.34 -5.42
N GLU F 232 44.79 -5.39 -5.84
CA GLU F 232 44.42 -6.45 -4.91
C GLU F 232 45.62 -7.29 -4.52
N VAL F 233 45.75 -7.52 -3.21
CA VAL F 233 46.85 -8.29 -2.64
C VAL F 233 46.41 -9.75 -2.55
N PRO F 234 47.11 -10.69 -3.17
CA PRO F 234 46.66 -12.08 -3.16
C PRO F 234 46.86 -12.74 -1.80
N ALA F 235 45.90 -13.56 -1.41
CA ALA F 235 45.98 -14.30 -0.16
C ALA F 235 46.62 -15.68 -0.32
N GLY F 236 46.89 -16.09 -1.56
CA GLY F 236 47.41 -17.42 -1.78
C GLY F 236 47.78 -17.62 -3.23
N LYS F 237 48.11 -18.87 -3.60
CA LYS F 237 48.45 -19.17 -5.02
C LYS F 237 47.15 -19.47 -5.78
N TYR F 238 47.19 -19.59 -7.11
CA TYR F 238 45.90 -19.75 -7.83
C TYR F 238 45.22 -21.12 -7.70
N PRO F 239 45.77 -22.28 -8.12
CA PRO F 239 45.01 -23.50 -8.01
C PRO F 239 45.44 -23.93 -6.60
N PHE F 240 44.83 -23.35 -5.56
CA PHE F 240 45.18 -23.70 -4.14
C PHE F 240 45.20 -25.21 -4.02
N ILE F 241 46.10 -25.77 -3.19
CA ILE F 241 46.25 -27.22 -3.14
C ILE F 241 46.08 -27.68 -1.70
N VAL F 242 45.37 -28.79 -1.52
CA VAL F 242 45.09 -29.35 -0.20
C VAL F 242 45.28 -30.86 -0.27
N THR F 243 45.90 -31.43 0.76
CA THR F 243 46.08 -32.87 0.82
C THR F 243 44.85 -33.51 1.44
N SER F 244 44.12 -34.27 0.63
CA SER F 244 42.89 -34.90 1.09
C SER F 244 43.22 -36.07 2.02
N ASP F 245 42.26 -36.37 2.91
CA ASP F 245 42.40 -37.50 3.80
C ASP F 245 42.46 -38.84 3.05
N ASP F 246 41.99 -38.87 1.80
CA ASP F 246 42.01 -40.08 0.99
C ASP F 246 43.23 -40.16 0.08
N GLY F 247 44.23 -39.30 0.31
CA GLY F 247 45.47 -39.35 -0.45
C GLY F 247 45.31 -38.87 -1.89
N ARG F 248 45.05 -37.58 -2.06
CA ARG F 248 44.90 -37.00 -3.38
C ARG F 248 45.21 -35.51 -3.32
N LYS F 249 45.39 -34.93 -4.51
CA LYS F 249 45.55 -33.49 -4.66
C LYS F 249 44.27 -32.92 -5.26
N VAL F 250 43.67 -31.94 -4.59
CA VAL F 250 42.41 -31.35 -5.00
C VAL F 250 42.56 -29.84 -5.05
N PRO F 251 42.36 -29.19 -6.19
CA PRO F 251 42.51 -27.74 -6.26
C PRO F 251 41.33 -27.00 -5.65
N VAL F 252 41.51 -25.69 -5.54
CA VAL F 252 40.50 -24.75 -5.05
C VAL F 252 40.72 -23.43 -5.74
N VAL F 253 39.64 -22.74 -6.10
CA VAL F 253 39.71 -21.57 -6.95
C VAL F 253 38.69 -20.51 -6.55
N GLN F 254 38.98 -19.24 -6.84
CA GLN F 254 38.01 -18.15 -6.57
C GLN F 254 38.45 -16.86 -7.25
N ALA F 255 37.62 -16.22 -8.08
CA ALA F 255 38.04 -15.03 -8.85
C ALA F 255 37.53 -13.71 -8.25
N TYR F 256 38.05 -13.29 -7.10
CA TYR F 256 37.68 -12.00 -6.43
C TYR F 256 36.19 -11.71 -6.50
N ALA F 257 35.81 -10.50 -6.88
CA ALA F 257 34.37 -10.13 -6.87
C ALA F 257 34.04 -9.19 -8.02
N PHE F 258 32.83 -8.62 -8.00
CA PHE F 258 32.38 -7.69 -9.06
C PHE F 258 32.77 -8.30 -10.41
N GLY F 259 33.19 -7.52 -11.39
CA GLY F 259 33.43 -8.14 -12.71
C GLY F 259 34.88 -7.88 -13.02
N LYS F 260 35.65 -7.37 -12.07
CA LYS F 260 37.03 -6.97 -12.39
C LYS F 260 37.81 -8.17 -12.93
N TYR F 261 37.44 -9.41 -12.57
CA TYR F 261 38.29 -10.55 -13.02
C TYR F 261 37.50 -11.73 -13.58
N LEU F 262 38.21 -12.70 -14.15
CA LEU F 262 37.66 -13.94 -14.68
C LEU F 262 38.61 -15.07 -14.30
N GLY F 263 38.08 -16.28 -14.25
CA GLY F 263 38.92 -17.42 -13.93
C GLY F 263 39.22 -18.27 -15.16
N TYR F 264 40.37 -18.93 -15.12
CA TYR F 264 40.82 -19.74 -16.24
C TYR F 264 41.72 -20.83 -15.67
N LEU F 265 41.18 -22.03 -15.53
CA LEU F 265 41.89 -23.16 -14.95
C LEU F 265 41.82 -24.32 -15.92
N LYS F 266 42.98 -24.77 -16.39
CA LYS F 266 43.09 -25.90 -17.29
C LYS F 266 43.46 -27.14 -16.50
N ILE F 267 42.86 -28.27 -16.86
CA ILE F 267 43.09 -29.53 -16.17
C ILE F 267 43.41 -30.61 -17.17
N GLU F 268 44.09 -31.65 -16.69
CA GLU F 268 44.38 -32.85 -17.47
C GLU F 268 43.95 -34.06 -16.66
N PHE F 269 43.17 -34.93 -17.29
CA PHE F 269 42.57 -36.08 -16.64
C PHE F 269 43.30 -37.31 -17.17
N ASP F 270 42.84 -38.48 -16.75
CA ASP F 270 43.36 -39.75 -17.31
C ASP F 270 42.17 -40.64 -17.61
N GLU F 271 42.35 -41.95 -17.77
CA GLU F 271 41.23 -42.82 -18.17
C GLU F 271 40.23 -43.18 -17.07
N ARG F 272 40.66 -43.03 -15.81
CA ARG F 272 39.78 -43.42 -14.66
C ARG F 272 39.08 -42.17 -14.10
N GLY F 273 39.60 -40.98 -14.38
CA GLY F 273 38.99 -39.79 -13.82
C GLY F 273 39.69 -39.24 -12.60
N ASN F 274 40.99 -38.99 -12.72
CA ASN F 274 41.79 -38.46 -11.63
C ASN F 274 42.59 -37.27 -12.14
N VAL F 275 42.73 -36.24 -11.31
CA VAL F 275 43.39 -35.02 -11.73
C VAL F 275 44.89 -35.25 -11.76
N ILE F 276 45.52 -34.90 -12.89
CA ILE F 276 46.95 -35.07 -13.07
C ILE F 276 47.66 -33.72 -12.90
N SER F 277 47.33 -32.77 -13.76
CA SER F 277 47.98 -31.46 -13.77
C SER F 277 46.92 -30.37 -13.71
N SER F 278 47.32 -29.23 -13.16
CA SER F 278 46.40 -28.09 -13.01
C SER F 278 47.22 -26.81 -12.99
N HIS F 279 46.89 -25.89 -13.89
CA HIS F 279 47.58 -24.61 -13.94
C HIS F 279 46.67 -23.57 -14.57
N GLY F 280 46.81 -22.33 -14.13
CA GLY F 280 46.06 -21.24 -14.71
C GLY F 280 46.28 -19.97 -13.88
N ASN F 281 45.52 -18.93 -14.25
CA ASN F 281 45.58 -17.67 -13.54
C ASN F 281 44.34 -16.87 -13.91
N PRO F 282 43.84 -16.00 -13.02
CA PRO F 282 42.69 -15.18 -13.37
C PRO F 282 43.05 -14.13 -14.41
N ILE F 283 42.02 -13.68 -15.12
CA ILE F 283 42.14 -12.70 -16.18
C ILE F 283 41.70 -11.35 -15.65
N LEU F 284 42.24 -10.29 -16.23
CA LEU F 284 41.87 -8.92 -15.87
C LEU F 284 41.32 -8.24 -17.11
N LEU F 285 40.11 -7.70 -16.97
CA LEU F 285 39.37 -7.16 -18.12
C LEU F 285 39.59 -5.66 -18.22
N ASN F 286 40.80 -5.30 -18.67
CA ASN F 286 41.12 -3.90 -18.91
C ASN F 286 40.53 -3.48 -20.24
N SER F 287 40.68 -2.19 -20.56
CA SER F 287 40.10 -1.65 -21.79
C SER F 287 40.76 -2.21 -23.04
N SER F 288 41.90 -2.90 -22.89
CA SER F 288 42.53 -3.52 -24.05
C SER F 288 41.60 -4.53 -24.72
N ILE F 289 40.63 -5.02 -23.96
CA ILE F 289 39.64 -5.97 -24.46
C ILE F 289 38.39 -5.19 -24.83
N PRO F 290 37.95 -5.21 -26.09
CA PRO F 290 36.82 -4.37 -26.49
C PRO F 290 35.48 -4.97 -26.12
N GLU F 291 34.42 -4.20 -26.40
CA GLU F 291 33.06 -4.62 -25.97
C GLU F 291 32.28 -5.25 -27.12
N ASP F 292 31.03 -5.61 -26.87
CA ASP F 292 30.21 -6.27 -27.91
C ASP F 292 28.93 -5.45 -28.07
N PRO F 293 28.72 -4.77 -29.23
CA PRO F 293 27.58 -3.87 -29.39
C PRO F 293 26.21 -4.51 -29.19
N SER F 294 25.99 -5.69 -29.76
CA SER F 294 24.62 -6.28 -29.67
C SER F 294 24.20 -6.37 -28.19
N ILE F 295 25.17 -6.29 -27.26
CA ILE F 295 24.83 -6.26 -25.81
C ILE F 295 24.61 -4.79 -25.44
N LYS F 296 25.56 -3.90 -25.74
CA LYS F 296 25.43 -2.52 -25.31
C LYS F 296 24.17 -1.84 -25.80
N ALA F 297 23.69 -2.22 -26.99
CA ALA F 297 22.40 -1.69 -27.45
C ALA F 297 21.28 -2.10 -26.50
N ASP F 298 21.26 -3.39 -26.13
CA ASP F 298 20.24 -3.86 -25.21
C ASP F 298 20.35 -3.15 -23.86
N ILE F 299 21.58 -2.99 -23.36
CA ILE F 299 21.78 -2.28 -22.11
C ILE F 299 21.25 -0.85 -22.20
N ASN F 300 21.62 -0.15 -23.27
CA ASN F 300 21.24 1.25 -23.43
C ASN F 300 19.73 1.40 -23.50
N LYS F 301 19.05 0.44 -24.11
CA LYS F 301 17.59 0.54 -24.14
C LYS F 301 16.96 0.12 -22.82
N TRP F 302 17.67 -0.65 -22.00
CA TRP F 302 17.17 -0.98 -20.67
C TRP F 302 17.47 0.10 -19.63
N ARG F 303 18.34 1.06 -19.94
CA ARG F 303 18.79 2.02 -18.96
C ARG F 303 17.86 3.23 -18.83
N ILE F 304 16.81 3.31 -19.65
CA ILE F 304 15.97 4.50 -19.67
C ILE F 304 15.19 4.62 -18.36
N LYS F 305 14.57 3.52 -17.94
CA LYS F 305 13.75 3.56 -16.73
C LYS F 305 14.59 3.89 -15.50
N LEU F 306 15.89 3.60 -15.54
CA LEU F 306 16.75 3.95 -14.42
C LEU F 306 16.81 5.46 -14.23
N ASP F 307 16.93 6.21 -15.33
CA ASP F 307 16.95 7.67 -15.22
C ASP F 307 15.55 8.22 -14.99
N ASN F 308 14.53 7.58 -15.56
CA ASN F 308 13.16 8.03 -15.33
C ASN F 308 12.78 7.86 -13.85
N TYR F 309 13.38 6.88 -13.18
CA TYR F 309 12.98 6.52 -11.83
C TYR F 309 13.74 7.28 -10.75
N SER F 310 14.86 7.92 -11.11
CA SER F 310 15.70 8.63 -10.16
C SER F 310 15.25 10.08 -9.93
N THR F 311 14.15 10.49 -10.56
CA THR F 311 13.63 11.84 -10.40
C THR F 311 12.28 11.81 -9.70
N GLN F 312 11.87 10.64 -9.22
CA GLN F 312 10.53 10.41 -8.72
C GLN F 312 10.49 10.53 -7.20
N GLU F 313 9.29 10.74 -6.68
CA GLU F 313 9.09 10.83 -5.24
C GLU F 313 9.16 9.44 -4.60
N LEU F 314 9.93 9.35 -3.51
CA LEU F 314 9.88 8.20 -2.63
C LEU F 314 8.97 8.43 -1.43
N GLY F 315 9.13 9.55 -0.76
CA GLY F 315 8.37 9.86 0.43
C GLY F 315 8.32 11.34 0.63
N LYS F 316 8.36 11.76 1.90
CA LYS F 316 8.22 13.15 2.26
C LYS F 316 8.89 13.40 3.59
N THR F 317 9.20 14.66 3.84
CA THR F 317 9.69 15.10 5.13
C THR F 317 9.13 16.47 5.45
N ILE F 318 9.04 16.77 6.74
CA ILE F 318 8.56 18.04 7.23
C ILE F 318 9.60 18.74 8.09
N VAL F 319 10.80 18.17 8.21
CA VAL F 319 11.89 18.75 8.97
C VAL F 319 13.09 18.91 8.05
N TYR F 320 14.10 19.60 8.55
CA TYR F 320 15.35 19.77 7.85
C TYR F 320 16.34 18.68 8.29
N LEU F 321 16.82 17.91 7.32
CA LEU F 321 17.75 16.82 7.59
C LEU F 321 19.18 17.36 7.50
N ASP F 322 19.77 17.62 8.67
CA ASP F 322 21.06 18.31 8.75
C ASP F 322 22.17 17.28 8.55
N GLY F 323 22.52 17.08 7.28
CA GLY F 323 23.66 16.25 6.94
C GLY F 323 24.88 17.11 6.66
N SER F 324 25.08 18.12 7.51
CA SER F 324 26.17 19.06 7.35
C SER F 324 27.45 18.51 7.95
N SER F 325 28.46 19.37 8.08
CA SER F 325 29.76 19.00 8.62
C SER F 325 30.02 19.58 9.99
N GLN F 326 29.42 20.72 10.32
CA GLN F 326 29.59 21.32 11.64
C GLN F 326 28.69 20.69 12.69
N SER F 327 27.78 19.79 12.28
CA SER F 327 26.85 19.15 13.19
C SER F 327 27.06 17.63 13.25
N CYS F 328 27.09 16.97 12.11
CA CYS F 328 27.18 15.52 12.07
C CYS F 328 28.55 15.01 12.52
N ARG F 329 29.53 15.90 12.68
CA ARG F 329 30.86 15.53 13.17
C ARG F 329 31.21 16.14 14.51
N PHE F 330 30.27 16.82 15.16
CA PHE F 330 30.55 17.48 16.43
C PHE F 330 29.49 17.15 17.48
N ARG F 331 28.30 16.78 17.02
CA ARG F 331 27.20 16.50 17.93
C ARG F 331 26.33 15.41 17.31
N GLU F 332 25.17 15.19 17.89
CA GLU F 332 24.18 14.28 17.35
C GLU F 332 23.40 14.98 16.24
N CYS F 333 23.17 14.27 15.15
CA CYS F 333 22.55 14.83 13.96
C CYS F 333 21.49 13.88 13.46
N ASN F 334 20.27 14.40 13.26
CA ASN F 334 19.09 13.59 13.07
C ASN F 334 19.14 12.73 11.82
N MET F 335 20.03 13.05 10.86
CA MET F 335 20.16 12.20 9.69
C MET F 335 20.66 10.81 10.07
N GLY F 336 21.62 10.73 10.99
CA GLY F 336 22.08 9.44 11.46
C GLY F 336 20.99 8.68 12.21
N ASN F 337 20.22 9.40 13.02
CA ASN F 337 19.10 8.78 13.70
C ASN F 337 18.11 8.19 12.71
N LEU F 338 17.96 8.81 11.54
CA LEU F 338 17.13 8.22 10.50
C LEU F 338 17.81 7.01 9.88
N ILE F 339 19.13 7.09 9.69
CA ILE F 339 19.83 6.07 8.92
C ILE F 339 19.85 4.73 9.67
N CYS F 340 20.20 4.76 10.97
CA CYS F 340 20.21 3.51 11.72
C CYS F 340 18.83 2.89 11.88
N ASP F 341 17.78 3.69 11.98
CA ASP F 341 16.45 3.11 12.06
C ASP F 341 16.18 2.22 10.85
N ALA F 342 16.54 2.72 9.66
CA ALA F 342 16.40 1.93 8.45
C ALA F 342 17.30 0.70 8.50
N MET F 343 18.53 0.88 8.99
CA MET F 343 19.45 -0.25 9.07
C MET F 343 18.85 -1.41 9.86
N ILE F 344 18.26 -1.12 11.02
CA ILE F 344 17.64 -2.17 11.82
C ILE F 344 16.40 -2.70 11.13
N ASN F 345 15.55 -1.80 10.62
CA ASN F 345 14.34 -2.25 9.95
C ASN F 345 14.66 -3.23 8.82
N ASN F 346 15.86 -3.16 8.25
CA ASN F 346 16.27 -4.14 7.26
C ASN F 346 16.65 -5.47 7.91
N ASN F 347 17.32 -5.40 9.06
CA ASN F 347 17.83 -6.60 9.74
C ASN F 347 16.81 -7.17 10.72
N LEU F 348 15.59 -7.40 10.25
CA LEU F 348 14.54 -8.01 11.04
C LEU F 348 14.25 -9.38 10.46
N ARG F 349 14.61 -10.42 11.20
CA ARG F 349 14.50 -11.78 10.61
C ARG F 349 13.47 -12.81 11.05
N HIS F 350 13.77 -13.51 12.15
CA HIS F 350 12.83 -14.53 12.69
C HIS F 350 12.85 -14.45 14.21
N THR F 351 11.72 -14.78 14.84
CA THR F 351 11.65 -14.82 16.32
C THR F 351 11.99 -16.21 16.86
N ASP F 352 13.20 -16.43 17.38
CA ASP F 352 13.60 -17.79 17.81
C ASP F 352 12.75 -18.26 19.00
N GLU F 353 11.88 -17.39 19.51
CA GLU F 353 10.99 -17.74 20.65
C GLU F 353 11.76 -17.57 21.97
N MET F 354 13.04 -17.23 21.90
CA MET F 354 13.82 -16.93 23.13
C MET F 354 14.41 -15.53 22.97
N PHE F 355 14.25 -14.94 21.79
CA PHE F 355 14.72 -13.56 21.52
C PHE F 355 13.73 -12.91 20.54
N TRP F 356 13.59 -11.59 20.57
CA TRP F 356 12.75 -10.92 19.59
C TRP F 356 13.49 -10.61 18.29
N ASN F 357 14.82 -10.47 18.33
CA ASN F 357 15.63 -10.29 17.15
C ASN F 357 17.09 -10.39 17.54
N HIS F 358 17.92 -10.91 16.63
CA HIS F 358 19.28 -11.26 16.98
C HIS F 358 20.19 -10.04 17.11
N VAL F 359 19.93 -8.98 16.34
CA VAL F 359 20.77 -7.80 16.32
C VAL F 359 19.91 -6.58 16.58
N SER F 360 20.43 -5.66 17.39
CA SER F 360 19.66 -4.50 17.82
C SER F 360 20.49 -3.23 17.89
N MET F 361 21.52 -3.08 17.07
CA MET F 361 22.48 -2.00 17.24
C MET F 361 22.95 -1.46 15.89
N CYS F 362 23.48 -0.25 15.93
CA CYS F 362 23.98 0.45 14.74
C CYS F 362 25.19 1.27 15.12
N ILE F 363 26.09 1.45 14.17
CA ILE F 363 27.20 2.37 14.28
C ILE F 363 27.45 2.97 12.91
N LEU F 364 27.78 4.26 12.89
CA LEU F 364 27.99 4.98 11.64
C LEU F 364 28.86 6.17 11.92
N ASN F 365 29.82 6.43 11.04
CA ASN F 365 30.75 7.54 11.24
C ASN F 365 30.30 8.75 10.42
N GLY F 366 30.65 9.93 10.92
CA GLY F 366 30.20 11.16 10.31
C GLY F 366 30.83 11.49 8.97
N GLY F 367 31.94 10.84 8.62
CA GLY F 367 32.55 11.04 7.33
C GLY F 367 31.78 10.49 6.15
N GLY F 368 30.80 9.63 6.41
CA GLY F 368 29.94 9.09 5.38
C GLY F 368 28.69 9.90 5.14
N ILE F 369 28.62 11.12 5.66
CA ILE F 369 27.47 11.98 5.53
C ILE F 369 27.96 13.29 4.94
N ARG F 370 27.66 13.52 3.66
CA ARG F 370 28.19 14.64 2.90
C ARG F 370 27.28 15.85 2.88
N SER F 371 26.03 15.68 2.44
CA SER F 371 25.14 16.79 2.12
C SER F 371 23.88 16.77 2.96
N PRO F 372 23.23 17.93 3.16
CA PRO F 372 21.91 17.94 3.80
C PRO F 372 20.77 17.74 2.80
N ILE F 373 19.55 17.80 3.30
CA ILE F 373 18.34 17.77 2.48
C ILE F 373 17.39 18.82 3.01
N ASP F 374 16.92 19.70 2.12
CA ASP F 374 16.02 20.78 2.48
C ASP F 374 14.59 20.41 2.10
N GLU F 375 13.65 20.81 2.95
CA GLU F 375 12.26 20.40 2.84
C GLU F 375 11.41 21.36 2.00
N ARG F 376 12.03 22.35 1.36
CA ARG F 376 11.30 23.44 0.74
C ARG F 376 11.14 23.23 -0.77
N ASN F 377 10.95 21.98 -1.18
CA ASN F 377 10.63 21.61 -2.55
C ASN F 377 9.39 20.72 -2.53
N ASN F 378 8.34 21.20 -1.86
CA ASN F 378 7.09 20.49 -1.68
C ASN F 378 7.24 19.35 -0.68
N GLY F 379 8.33 19.30 0.07
CA GLY F 379 8.59 18.21 0.98
C GLY F 379 8.78 16.91 0.21
N THR F 380 9.86 16.84 -0.57
CA THR F 380 10.07 15.74 -1.50
C THR F 380 11.48 15.21 -1.32
N ILE F 381 11.61 13.90 -1.51
CA ILE F 381 12.89 13.21 -1.43
C ILE F 381 13.07 12.37 -2.69
N THR F 382 14.30 12.36 -3.20
CA THR F 382 14.60 11.75 -4.48
C THR F 382 15.88 10.92 -4.36
N TRP F 383 16.00 9.92 -5.22
CA TRP F 383 17.17 9.06 -5.18
C TRP F 383 18.47 9.87 -5.28
N GLU F 384 18.47 10.93 -6.08
CA GLU F 384 19.65 11.76 -6.20
C GLU F 384 19.99 12.46 -4.88
N ASN F 385 18.96 12.95 -4.18
CA ASN F 385 19.18 13.60 -2.90
C ASN F 385 19.84 12.64 -1.91
N LEU F 386 19.60 11.34 -2.07
CA LEU F 386 20.23 10.36 -1.20
C LEU F 386 21.63 10.02 -1.66
N ALA F 387 21.80 9.82 -2.98
CA ALA F 387 23.11 9.55 -3.53
C ALA F 387 24.10 10.67 -3.23
N ALA F 388 23.62 11.89 -3.02
CA ALA F 388 24.49 12.99 -2.65
C ALA F 388 24.90 12.94 -1.18
N VAL F 389 24.34 12.02 -0.40
CA VAL F 389 24.68 11.90 1.01
C VAL F 389 25.69 10.76 1.19
N LEU F 390 25.57 9.72 0.37
CA LEU F 390 26.38 8.52 0.48
C LEU F 390 26.98 8.20 -0.89
N PRO F 391 27.95 9.00 -1.35
CA PRO F 391 28.39 8.88 -2.74
C PRO F 391 29.53 7.89 -2.97
N PHE F 392 29.42 6.68 -2.42
CA PHE F 392 30.54 5.75 -2.45
C PHE F 392 30.19 4.34 -2.87
N GLY F 393 28.90 4.02 -3.01
CA GLY F 393 28.52 2.65 -3.35
C GLY F 393 28.93 1.63 -2.30
N GLY F 394 28.76 1.97 -1.03
CA GLY F 394 29.15 1.11 0.07
C GLY F 394 28.08 0.11 0.44
N THR F 395 28.24 -0.47 1.63
CA THR F 395 27.29 -1.44 2.16
C THR F 395 27.30 -1.36 3.67
N PHE F 396 26.26 -1.91 4.27
CA PHE F 396 26.12 -2.01 5.72
C PHE F 396 26.39 -3.46 6.10
N ASP F 397 27.38 -3.67 6.97
CA ASP F 397 27.93 -4.98 7.22
C ASP F 397 27.60 -5.45 8.62
N LEU F 398 27.22 -6.72 8.74
CA LEU F 398 26.95 -7.37 10.01
C LEU F 398 28.17 -8.14 10.48
N VAL F 399 28.55 -7.94 11.74
CA VAL F 399 29.73 -8.54 12.32
C VAL F 399 29.43 -8.94 13.76
N GLN F 400 30.43 -9.49 14.45
CA GLN F 400 30.38 -9.76 15.86
C GLN F 400 31.60 -9.15 16.54
N LEU F 401 31.41 -8.72 17.78
CA LEU F 401 32.48 -8.13 18.57
C LEU F 401 32.30 -8.50 20.03
N LYS F 402 33.40 -8.49 20.76
CA LYS F 402 33.31 -8.52 22.21
C LYS F 402 32.81 -7.16 22.71
N GLY F 403 32.74 -7.03 24.03
CA GLY F 403 32.31 -5.79 24.62
C GLY F 403 33.43 -4.82 24.95
N SER F 404 34.67 -5.13 24.56
CA SER F 404 35.81 -4.28 24.81
C SER F 404 36.29 -3.55 23.56
N THR F 405 36.30 -4.25 22.41
CA THR F 405 36.57 -3.59 21.15
C THR F 405 35.64 -2.42 20.92
N LEU F 406 34.38 -2.57 21.32
CA LEU F 406 33.40 -1.50 21.15
C LEU F 406 33.77 -0.27 21.97
N LYS F 407 34.19 -0.49 23.22
CA LYS F 407 34.60 0.63 24.06
C LYS F 407 35.86 1.28 23.47
N LYS F 408 36.77 0.47 22.95
CA LYS F 408 37.94 1.01 22.28
C LYS F 408 37.54 1.93 21.13
N ALA F 409 36.56 1.48 20.33
CA ALA F 409 36.08 2.30 19.22
C ALA F 409 35.48 3.61 19.72
N PHE F 410 34.64 3.54 20.74
CA PHE F 410 33.98 4.73 21.22
C PHE F 410 34.95 5.67 21.92
N GLU F 411 36.10 5.17 22.36
CA GLU F 411 37.11 6.04 22.94
C GLU F 411 37.99 6.66 21.87
N HIS F 412 38.28 5.91 20.81
CA HIS F 412 39.06 6.45 19.71
C HIS F 412 38.30 7.50 18.93
N SER F 413 36.97 7.39 18.90
CA SER F 413 36.17 8.35 18.15
C SER F 413 36.28 9.78 18.70
N VAL F 414 36.76 9.94 19.93
CA VAL F 414 36.68 11.23 20.60
C VAL F 414 38.02 11.64 21.20
N HIS F 415 39.13 11.11 20.67
CA HIS F 415 40.43 11.39 21.26
C HIS F 415 41.07 12.66 20.72
N ARG F 416 40.50 13.28 19.69
CA ARG F 416 40.94 14.60 19.23
C ARG F 416 39.69 15.34 18.74
N TYR F 417 39.14 16.17 19.62
CA TYR F 417 37.84 16.78 19.38
C TYR F 417 38.03 18.25 19.01
N GLY F 418 37.52 18.64 17.84
CA GLY F 418 37.59 20.02 17.40
C GLY F 418 38.34 20.22 16.11
N GLN F 419 38.37 19.20 15.26
CA GLN F 419 39.11 19.27 14.00
C GLN F 419 38.26 18.82 12.81
N SER F 420 36.94 18.76 12.95
CA SER F 420 36.06 18.34 11.87
C SER F 420 36.53 17.03 11.23
N THR F 421 36.97 16.09 12.07
CA THR F 421 37.44 14.81 11.60
C THR F 421 36.28 13.83 11.48
N GLY F 422 36.39 12.94 10.48
CA GLY F 422 35.32 12.01 10.19
C GLY F 422 35.34 10.73 11.01
N GLU F 423 35.70 10.85 12.28
CA GLU F 423 35.75 9.70 13.17
C GLU F 423 34.63 9.70 14.21
N PHE F 424 33.81 10.74 14.24
CA PHE F 424 32.67 10.76 15.14
C PHE F 424 31.61 9.75 14.72
N LEU F 425 31.01 9.10 15.70
CA LEU F 425 30.11 7.97 15.48
C LEU F 425 28.68 8.39 15.78
N GLN F 426 27.81 8.22 14.81
CA GLN F 426 26.37 8.25 15.05
C GLN F 426 25.91 6.83 15.34
N VAL F 427 24.89 6.70 16.18
CA VAL F 427 24.55 5.43 16.79
C VAL F 427 23.06 5.15 16.63
N GLY F 428 22.70 3.92 16.97
CA GLY F 428 21.33 3.46 17.02
C GLY F 428 21.25 2.24 17.93
N GLY F 429 20.30 2.24 18.85
CA GLY F 429 20.26 1.18 19.84
C GLY F 429 21.30 1.30 20.91
N ILE F 430 21.83 2.50 21.14
CA ILE F 430 22.93 2.71 22.06
C ILE F 430 22.72 4.04 22.76
N HIS F 431 23.02 4.08 24.05
CA HIS F 431 22.99 5.30 24.85
C HIS F 431 24.37 5.49 25.45
N VAL F 432 25.02 6.60 25.10
CA VAL F 432 26.39 6.86 25.47
C VAL F 432 26.52 8.26 26.03
N VAL F 433 27.57 8.45 26.83
CA VAL F 433 27.84 9.70 27.51
C VAL F 433 29.34 9.94 27.49
N TYR F 434 29.74 11.20 27.49
CA TYR F 434 31.13 11.60 27.35
C TYR F 434 31.51 12.60 28.43
N ASP F 435 32.80 12.68 28.69
CA ASP F 435 33.38 13.70 29.58
C ASP F 435 34.74 14.08 29.00
N LEU F 436 34.75 15.15 28.22
CA LEU F 436 35.91 15.51 27.41
C LEU F 436 37.02 16.16 28.22
N SER F 437 36.86 16.28 29.54
CA SER F 437 37.86 16.88 30.39
C SER F 437 38.89 15.86 30.89
N ARG F 438 38.74 14.58 30.55
CA ARG F 438 39.64 13.55 31.02
C ARG F 438 40.70 13.24 29.96
N LYS F 439 41.69 12.46 30.35
CA LYS F 439 42.77 12.14 29.45
C LYS F 439 42.25 11.24 28.33
N PRO F 440 42.78 11.36 27.10
CA PRO F 440 42.29 10.52 26.02
C PRO F 440 42.45 9.05 26.35
N GLY F 441 41.47 8.25 25.90
CA GLY F 441 41.41 6.85 26.22
C GLY F 441 40.55 6.53 27.43
N ASP F 442 40.14 7.53 28.19
CA ASP F 442 39.28 7.34 29.35
C ASP F 442 38.21 8.43 29.40
N ARG F 443 37.63 8.72 28.23
CA ARG F 443 36.60 9.75 28.14
C ARG F 443 35.18 9.20 28.20
N VAL F 444 35.00 7.89 28.01
CA VAL F 444 33.67 7.29 28.02
C VAL F 444 33.37 6.81 29.43
N VAL F 445 32.29 7.31 30.01
CA VAL F 445 31.91 6.99 31.38
C VAL F 445 30.69 6.10 31.47
N LYS F 446 29.76 6.22 30.51
CA LYS F 446 28.55 5.37 30.49
C LYS F 446 28.33 4.83 29.08
N LEU F 447 27.74 3.65 28.97
CA LEU F 447 27.46 3.03 27.65
C LEU F 447 26.39 1.98 27.89
N ASP F 448 25.24 2.08 27.23
CA ASP F 448 24.12 1.15 27.45
C ASP F 448 23.63 0.63 26.11
N VAL F 449 23.18 -0.62 26.04
CA VAL F 449 22.73 -1.28 24.82
C VAL F 449 21.35 -1.85 25.05
N LEU F 450 20.82 -2.50 24.02
CA LEU F 450 19.43 -2.91 23.96
C LEU F 450 19.32 -4.44 24.05
N CYS F 451 18.59 -4.90 25.05
CA CYS F 451 18.37 -6.32 25.27
C CYS F 451 17.75 -7.03 24.07
N THR F 452 18.33 -8.19 23.74
CA THR F 452 17.77 -9.15 22.79
C THR F 452 17.31 -10.43 23.47
N LYS F 453 18.04 -10.90 24.49
CA LYS F 453 17.67 -12.11 25.20
C LYS F 453 16.51 -11.80 26.14
N CYS F 454 15.40 -11.39 25.52
CA CYS F 454 14.37 -10.63 26.21
C CYS F 454 13.13 -10.43 25.33
N ARG F 455 11.95 -10.51 25.94
CA ARG F 455 10.70 -10.32 25.21
C ARG F 455 10.29 -8.86 25.14
N VAL F 456 10.60 -8.09 26.18
CA VAL F 456 10.34 -6.65 26.25
C VAL F 456 11.68 -5.94 26.08
N PRO F 457 11.90 -5.23 24.98
CA PRO F 457 13.18 -4.53 24.82
C PRO F 457 13.42 -3.53 25.93
N SER F 458 14.68 -3.41 26.34
CA SER F 458 15.06 -2.54 27.43
C SER F 458 16.55 -2.29 27.36
N TYR F 459 16.98 -1.14 27.87
CA TYR F 459 18.36 -0.72 27.80
C TYR F 459 19.11 -1.16 29.04
N ASP F 460 20.22 -1.85 28.83
CA ASP F 460 21.01 -2.48 29.88
C ASP F 460 22.47 -2.09 29.71
N PRO F 461 23.27 -2.15 30.76
CA PRO F 461 24.69 -1.79 30.65
C PRO F 461 25.47 -2.76 29.78
N LEU F 462 26.78 -2.54 29.69
CA LEU F 462 27.67 -3.33 28.85
C LEU F 462 28.56 -4.20 29.72
N LYS F 463 28.77 -5.44 29.27
CA LYS F 463 29.62 -6.40 29.95
C LYS F 463 30.86 -6.61 29.08
N MET F 464 32.03 -6.41 29.68
CA MET F 464 33.27 -6.39 28.91
C MET F 464 33.69 -7.77 28.43
N ASP F 465 32.88 -8.80 28.65
CA ASP F 465 33.09 -10.13 28.08
C ASP F 465 31.75 -10.73 27.67
N GLU F 466 31.38 -10.47 26.42
CA GLU F 466 30.17 -10.99 25.82
C GLU F 466 30.20 -10.65 24.34
N VAL F 467 29.52 -11.46 23.54
CA VAL F 467 29.49 -11.27 22.11
C VAL F 467 28.25 -10.45 21.74
N TYR F 468 28.48 -9.37 21.01
CA TYR F 468 27.44 -8.49 20.53
C TYR F 468 27.50 -8.44 19.02
N LYS F 469 26.34 -8.60 18.37
CA LYS F 469 26.25 -8.47 16.92
C LYS F 469 25.87 -7.05 16.57
N VAL F 470 26.57 -6.49 15.59
CA VAL F 470 26.50 -5.07 15.29
C VAL F 470 26.45 -4.86 13.79
N ILE F 471 25.96 -3.69 13.39
CA ILE F 471 25.92 -3.26 12.01
C ILE F 471 26.83 -2.05 11.86
N LEU F 472 27.62 -2.04 10.79
CA LEU F 472 28.54 -0.95 10.52
C LEU F 472 28.99 -1.03 9.08
N PRO F 473 29.43 0.09 8.49
CA PRO F 473 29.76 0.10 7.07
C PRO F 473 31.05 -0.65 6.74
N ASN F 474 31.16 -1.03 5.47
CA ASN F 474 32.33 -1.76 5.01
C ASN F 474 33.60 -0.93 5.19
N PHE F 475 33.52 0.39 5.02
CA PHE F 475 34.68 1.23 5.15
C PHE F 475 35.29 1.14 6.54
N LEU F 476 34.44 0.91 7.55
CA LEU F 476 34.93 0.80 8.91
C LEU F 476 35.47 -0.61 9.19
N ALA F 477 34.75 -1.63 8.71
CA ALA F 477 35.18 -3.00 8.96
C ALA F 477 36.55 -3.26 8.33
N ASN F 478 36.77 -2.77 7.11
CA ASN F 478 38.10 -2.91 6.54
C ASN F 478 39.13 -1.98 7.16
N GLY F 479 38.81 -1.27 8.23
CA GLY F 479 39.79 -0.51 8.98
C GLY F 479 39.90 0.96 8.63
N GLY F 480 38.97 1.50 7.83
CA GLY F 480 39.07 2.89 7.43
C GLY F 480 38.98 3.83 8.63
N ASP F 481 39.68 4.94 8.53
CA ASP F 481 39.59 6.06 9.45
C ASP F 481 40.29 5.80 10.79
N GLY F 482 41.17 4.81 10.84
CA GLY F 482 41.89 4.53 12.07
C GLY F 482 41.28 3.44 12.93
N PHE F 483 40.26 2.73 12.42
CA PHE F 483 39.56 1.72 13.20
C PHE F 483 40.16 0.34 12.91
N GLN F 484 41.41 0.18 13.33
CA GLN F 484 42.11 -1.08 13.16
C GLN F 484 41.62 -2.12 14.16
N MET F 485 41.23 -1.68 15.36
CA MET F 485 40.76 -2.59 16.39
C MET F 485 39.64 -3.47 15.87
N ILE F 486 38.75 -2.91 15.07
CA ILE F 486 37.63 -3.67 14.52
C ILE F 486 38.14 -4.74 13.57
N LYS F 487 39.09 -4.39 12.71
CA LYS F 487 39.60 -5.35 11.73
C LYS F 487 40.47 -6.41 12.37
N ASP F 488 40.97 -6.18 13.59
CA ASP F 488 41.86 -7.11 14.25
C ASP F 488 41.16 -7.99 15.27
N GLU F 489 40.16 -7.43 15.96
CA GLU F 489 39.48 -8.19 17.03
C GLU F 489 38.02 -8.50 16.68
N LEU F 490 37.68 -8.76 15.42
CA LEU F 490 36.28 -9.15 15.13
C LEU F 490 36.21 -10.68 15.14
N LEU F 491 35.01 -11.26 15.24
CA LEU F 491 34.86 -12.73 15.34
C LEU F 491 34.07 -13.30 14.15
N ARG F 492 33.64 -12.47 13.21
CA ARG F 492 32.98 -12.90 11.97
C ARG F 492 32.59 -11.67 11.16
N HIS F 493 32.29 -11.82 9.87
CA HIS F 493 31.98 -10.70 9.00
C HIS F 493 31.12 -11.24 7.87
N ASP F 494 29.98 -10.62 7.65
CA ASP F 494 29.08 -10.98 6.55
C ASP F 494 28.65 -9.68 5.91
N SER F 495 28.73 -9.62 4.58
CA SER F 495 28.32 -8.43 3.85
C SER F 495 26.80 -8.30 3.84
N GLY F 496 26.34 -7.14 3.38
CA GLY F 496 24.93 -6.83 3.39
C GLY F 496 24.50 -6.08 2.13
N ASP F 497 23.43 -5.31 2.29
CA ASP F 497 22.75 -4.66 1.20
C ASP F 497 23.29 -3.25 0.97
N GLN F 498 22.92 -2.67 -0.18
CA GLN F 498 23.31 -1.31 -0.49
C GLN F 498 22.63 -0.32 0.45
N ASP F 499 23.39 0.71 0.85
CA ASP F 499 22.90 1.66 1.83
C ASP F 499 21.71 2.45 1.30
N ILE F 500 21.84 2.99 0.10
CA ILE F 500 20.79 3.84 -0.46
C ILE F 500 19.47 3.07 -0.57
N ASN F 501 19.54 1.79 -0.94
CA ASN F 501 18.33 0.99 -1.01
C ASN F 501 17.71 0.80 0.38
N VAL F 502 18.54 0.59 1.40
CA VAL F 502 18.03 0.49 2.76
C VAL F 502 17.22 1.72 3.11
N VAL F 503 17.84 2.89 2.95
CA VAL F 503 17.18 4.14 3.35
C VAL F 503 15.94 4.31 2.48
N SER F 504 16.06 3.96 1.21
CA SER F 504 14.94 4.13 0.29
C SER F 504 13.73 3.31 0.73
N THR F 505 13.96 2.04 1.08
CA THR F 505 12.87 1.21 1.55
C THR F 505 12.36 1.75 2.88
N TYR F 506 13.23 2.17 3.79
CA TYR F 506 12.67 2.74 5.03
C TYR F 506 11.72 3.87 4.65
N ILE F 507 12.20 4.86 3.90
CA ILE F 507 11.34 6.05 3.61
C ILE F 507 10.06 5.77 2.81
N SER F 508 10.07 4.81 1.89
CA SER F 508 8.87 4.48 1.09
C SER F 508 7.83 3.78 1.95
N LYS F 509 8.20 3.33 3.15
CA LYS F 509 7.29 2.59 4.04
C LYS F 509 6.60 3.56 5.02
N MET F 510 7.38 4.36 5.73
CA MET F 510 6.82 5.37 6.67
C MET F 510 6.00 6.37 5.87
N LYS F 511 6.42 6.73 4.66
CA LYS F 511 5.73 7.64 3.76
C LYS F 511 5.71 9.08 4.28
N VAL F 512 6.06 9.33 5.54
CA VAL F 512 6.28 10.66 6.08
C VAL F 512 7.20 10.50 7.27
N ILE F 513 8.28 11.28 7.31
CA ILE F 513 9.27 11.15 8.35
C ILE F 513 9.47 12.49 9.04
N TYR F 514 9.47 12.45 10.36
CA TYR F 514 9.76 13.62 11.18
C TYR F 514 10.78 13.23 12.24
N PRO F 515 11.99 12.85 11.83
CA PRO F 515 13.01 12.48 12.80
C PRO F 515 13.43 13.64 13.68
N ALA F 516 13.98 13.31 14.83
CA ALA F 516 14.27 14.31 15.86
C ALA F 516 15.54 13.93 16.60
N VAL F 517 16.09 14.92 17.30
CA VAL F 517 17.23 14.73 18.16
C VAL F 517 16.71 14.35 19.55
N GLU F 518 17.13 13.18 20.04
CA GLU F 518 16.52 12.59 21.21
C GLU F 518 17.39 12.57 22.44
N GLY F 519 18.69 12.36 22.30
CA GLY F 519 19.57 12.26 23.45
C GLY F 519 20.34 10.95 23.51
N ARG F 520 20.60 10.35 22.34
CA ARG F 520 21.40 9.16 22.31
C ARG F 520 22.87 9.46 22.59
N ILE F 521 23.25 10.74 22.54
CA ILE F 521 24.59 11.19 22.87
C ILE F 521 24.46 12.45 23.70
N LYS F 522 25.30 12.58 24.72
CA LYS F 522 25.29 13.78 25.54
C LYS F 522 26.63 13.93 26.25
N PHE F 523 26.87 15.14 26.76
CA PHE F 523 28.11 15.48 27.43
C PHE F 523 27.78 15.94 28.85
N SER F 524 28.55 15.44 29.82
CA SER F 524 28.33 15.80 31.21
C SER F 524 29.39 16.82 31.67
N ASP G 1 -1.32 -36.53 1.07
CA ASP G 1 -1.03 -35.95 2.39
C ASP G 1 -1.76 -36.71 3.48
N ILE G 2 -3.08 -36.46 3.57
CA ILE G 2 -3.85 -37.01 4.67
C ILE G 2 -3.87 -38.53 4.63
N GLN G 3 -4.10 -39.10 3.44
CA GLN G 3 -4.36 -40.53 3.35
C GLN G 3 -3.09 -41.36 3.62
N MET G 4 -2.07 -41.22 2.77
CA MET G 4 -0.82 -42.03 2.93
C MET G 4 -1.01 -43.55 2.84
N THR G 5 -1.67 -44.01 1.79
CA THR G 5 -1.94 -45.46 1.68
C THR G 5 -0.58 -46.11 1.50
N GLN G 6 -0.19 -47.10 2.33
CA GLN G 6 1.06 -47.89 2.13
C GLN G 6 0.61 -49.13 1.37
N SER G 7 0.64 -49.08 0.04
CA SER G 7 0.07 -50.16 -0.82
C SER G 7 0.35 -51.61 -0.43
N PRO G 8 1.56 -52.06 -0.02
CA PRO G 8 1.81 -53.49 0.14
C PRO G 8 1.35 -53.87 1.56
N SER G 9 0.94 -55.12 1.81
CA SER G 9 0.40 -55.45 3.15
C SER G 9 1.12 -56.65 3.76
N SER G 10 1.61 -57.56 2.92
CA SER G 10 2.30 -58.78 3.40
C SER G 10 3.08 -59.39 2.24
N LEU G 11 4.41 -59.39 2.33
CA LEU G 11 5.24 -59.93 1.22
C LEU G 11 5.97 -61.16 1.76
N SER G 12 6.11 -62.20 0.94
CA SER G 12 6.82 -63.39 1.37
C SER G 12 8.25 -63.28 0.83
N ALA G 13 9.23 -63.48 1.71
CA ALA G 13 10.62 -63.30 1.33
C ALA G 13 11.50 -64.30 2.06
N SER G 14 12.75 -64.39 1.63
CA SER G 14 13.75 -65.22 2.28
C SER G 14 15.11 -64.56 2.10
N VAL G 15 16.05 -64.90 2.98
CA VAL G 15 17.36 -64.28 2.99
C VAL G 15 17.97 -64.32 1.59
N GLY G 16 18.31 -63.14 1.05
CA GLY G 16 18.99 -63.08 -0.23
C GLY G 16 18.24 -62.31 -1.32
N ASP G 17 16.91 -62.32 -1.26
CA ASP G 17 16.10 -61.74 -2.33
C ASP G 17 16.17 -60.21 -2.29
N ARG G 18 15.41 -59.57 -3.18
CA ARG G 18 15.33 -58.11 -3.25
C ARG G 18 13.86 -57.72 -3.09
N VAL G 19 13.57 -56.96 -2.04
CA VAL G 19 12.20 -56.59 -1.70
C VAL G 19 12.01 -55.09 -1.91
N THR G 20 10.81 -54.72 -2.35
CA THR G 20 10.47 -53.33 -2.63
C THR G 20 9.14 -53.00 -1.97
N ILE G 21 9.06 -51.83 -1.36
CA ILE G 21 7.86 -51.38 -0.64
C ILE G 21 7.47 -50.01 -1.17
N THR G 22 6.18 -49.80 -1.38
CA THR G 22 5.67 -48.55 -1.92
C THR G 22 4.76 -47.88 -0.91
N CYS G 23 4.67 -46.55 -1.01
CA CYS G 23 3.84 -45.73 -0.14
C CYS G 23 3.29 -44.57 -0.96
N ARG G 24 2.05 -44.72 -1.41
CA ARG G 24 1.42 -43.74 -2.28
C ARG G 24 0.63 -42.73 -1.44
N ALA G 25 1.02 -41.46 -1.53
CA ALA G 25 0.33 -40.39 -0.81
C ALA G 25 -0.96 -40.03 -1.54
N SER G 26 -1.60 -38.92 -1.14
CA SER G 26 -2.91 -38.59 -1.70
C SER G 26 -2.91 -37.36 -2.61
N GLN G 27 -2.53 -36.18 -2.11
CA GLN G 27 -2.54 -34.99 -2.94
C GLN G 27 -1.14 -34.72 -3.46
N ASP G 28 -0.21 -34.29 -2.58
CA ASP G 28 1.18 -34.11 -2.98
C ASP G 28 1.96 -33.89 -1.69
N VAL G 29 2.87 -34.82 -1.36
CA VAL G 29 3.68 -34.62 -0.16
C VAL G 29 4.95 -33.86 -0.46
N GLY G 30 5.27 -33.67 -1.75
CA GLY G 30 6.50 -33.00 -2.13
C GLY G 30 7.70 -33.93 -2.03
N THR G 31 8.53 -33.70 -1.02
CA THR G 31 9.62 -34.63 -0.74
C THR G 31 9.80 -34.90 0.74
N ALA G 32 8.89 -34.42 1.60
CA ALA G 32 8.96 -34.65 3.04
C ALA G 32 8.24 -35.96 3.35
N GLU G 33 9.01 -36.98 3.74
CA GLU G 33 8.46 -38.29 4.03
C GLU G 33 9.55 -39.13 4.68
N ALA G 34 9.13 -40.06 5.54
CA ALA G 34 10.06 -40.86 6.33
C ALA G 34 9.58 -42.30 6.36
N TRP G 35 10.50 -43.21 6.70
CA TRP G 35 10.23 -44.63 6.75
C TRP G 35 10.63 -45.18 8.10
N TYR G 36 9.72 -45.92 8.74
CA TYR G 36 9.93 -46.45 10.08
C TYR G 36 9.88 -47.97 10.06
N GLN G 37 10.50 -48.58 11.07
CA GLN G 37 10.50 -50.03 11.22
C GLN G 37 10.22 -50.36 12.68
N GLN G 38 9.16 -51.13 12.91
CA GLN G 38 8.77 -51.55 14.24
C GLN G 38 8.81 -53.07 14.34
N LYS G 39 9.63 -53.58 15.24
CA LYS G 39 9.66 -55.01 15.52
C LYS G 39 8.39 -55.43 16.22
N PRO G 40 8.22 -56.73 16.49
CA PRO G 40 7.03 -57.18 17.22
C PRO G 40 7.02 -56.68 18.66
N GLY G 41 6.14 -55.73 18.95
CA GLY G 41 6.00 -55.21 20.30
C GLY G 41 7.20 -54.43 20.82
N LYS G 42 7.85 -53.66 19.96
CA LYS G 42 8.94 -52.78 20.36
C LYS G 42 8.72 -51.41 19.77
N ALA G 43 9.45 -50.42 20.30
CA ALA G 43 9.32 -49.04 19.82
C ALA G 43 9.84 -48.92 18.39
N PRO G 44 9.19 -48.12 17.55
CA PRO G 44 9.64 -47.96 16.17
C PRO G 44 11.03 -47.31 16.10
N LYS G 45 11.59 -47.33 14.89
CA LYS G 45 12.88 -46.73 14.62
C LYS G 45 12.87 -46.09 13.24
N LEU G 46 13.48 -44.92 13.14
CA LEU G 46 13.51 -44.19 11.88
C LEU G 46 14.68 -44.63 11.02
N LEU G 47 14.42 -44.79 9.72
CA LEU G 47 15.45 -45.17 8.77
C LEU G 47 15.78 -44.02 7.81
N ILE G 48 14.79 -43.50 7.11
CA ILE G 48 15.00 -42.54 6.03
C ILE G 48 14.04 -41.37 6.20
N TYR G 49 14.58 -40.16 6.20
CA TYR G 49 13.77 -38.95 6.13
C TYR G 49 14.19 -38.11 4.93
N TRP G 50 13.39 -37.10 4.62
CA TRP G 50 13.56 -36.31 3.40
C TRP G 50 13.38 -37.16 2.16
N ALA G 51 12.92 -38.40 2.35
CA ALA G 51 12.57 -39.33 1.28
C ALA G 51 13.79 -39.97 0.63
N SER G 52 15.00 -39.50 0.95
CA SER G 52 16.20 -40.16 0.44
C SER G 52 17.34 -40.24 1.45
N THR G 53 17.33 -39.46 2.53
CA THR G 53 18.42 -39.46 3.48
C THR G 53 18.32 -40.68 4.41
N ARG G 54 19.46 -41.07 4.96
CA ARG G 54 19.53 -42.24 5.83
C ARG G 54 19.99 -41.81 7.21
N HIS G 55 19.21 -42.19 8.23
CA HIS G 55 19.53 -41.83 9.60
C HIS G 55 20.82 -42.49 10.03
N THR G 56 21.54 -41.82 10.93
CA THR G 56 22.85 -42.29 11.38
C THR G 56 22.69 -43.63 12.10
N GLY G 57 23.31 -44.67 11.54
CA GLY G 57 23.27 -45.99 12.13
C GLY G 57 22.46 -47.02 11.36
N VAL G 58 22.04 -46.72 10.12
CA VAL G 58 21.22 -47.65 9.36
C VAL G 58 22.11 -48.43 8.39
N PRO G 59 21.81 -49.70 8.12
CA PRO G 59 22.61 -50.45 7.16
C PRO G 59 22.47 -49.89 5.76
N SER G 60 23.52 -50.08 4.96
CA SER G 60 23.57 -49.51 3.62
C SER G 60 22.58 -50.17 2.65
N ARG G 61 22.11 -51.39 2.94
CA ARG G 61 21.18 -52.03 2.03
C ARG G 61 19.83 -51.32 1.98
N PHE G 62 19.57 -50.43 2.94
CA PHE G 62 18.33 -49.66 2.95
C PHE G 62 18.50 -48.41 2.10
N SER G 63 17.55 -48.17 1.21
CA SER G 63 17.63 -47.01 0.34
C SER G 63 16.24 -46.57 -0.07
N GLY G 64 16.01 -45.26 -0.07
CA GLY G 64 14.73 -44.70 -0.46
C GLY G 64 14.82 -44.03 -1.83
N SER G 65 13.67 -43.72 -2.38
CA SER G 65 13.59 -43.11 -3.70
C SER G 65 12.25 -42.40 -3.83
N GLY G 66 11.91 -42.01 -5.06
CA GLY G 66 10.59 -41.45 -5.35
C GLY G 66 10.42 -40.01 -4.89
N SER G 67 9.50 -39.32 -5.55
CA SER G 67 9.15 -37.95 -5.21
C SER G 67 7.75 -37.67 -5.76
N GLY G 68 7.15 -36.60 -5.26
CA GLY G 68 5.81 -36.26 -5.68
C GLY G 68 4.75 -36.94 -4.83
N THR G 69 4.21 -38.06 -5.34
CA THR G 69 3.21 -38.82 -4.62
C THR G 69 3.49 -40.32 -4.63
N ASP G 70 4.65 -40.75 -5.11
CA ASP G 70 4.99 -42.17 -5.21
C ASP G 70 6.39 -42.38 -4.66
N PHE G 71 6.49 -43.08 -3.52
CA PHE G 71 7.76 -43.35 -2.88
C PHE G 71 8.03 -44.85 -2.88
N THR G 72 9.22 -45.22 -2.41
CA THR G 72 9.62 -46.62 -2.42
C THR G 72 10.78 -46.84 -1.46
N LEU G 73 10.70 -47.90 -0.67
CA LEU G 73 11.81 -48.39 0.13
C LEU G 73 12.28 -49.72 -0.45
N THR G 74 13.60 -49.84 -0.63
CA THR G 74 14.17 -51.03 -1.24
C THR G 74 15.24 -51.60 -0.34
N ILE G 75 15.16 -52.91 -0.09
CA ILE G 75 16.18 -53.65 0.64
C ILE G 75 16.71 -54.72 -0.31
N SER G 76 18.02 -54.74 -0.50
CA SER G 76 18.67 -55.74 -1.35
C SER G 76 19.38 -56.75 -0.48
N SER G 77 19.20 -58.04 -0.79
CA SER G 77 19.82 -59.09 0.01
C SER G 77 19.32 -59.04 1.45
N LEU G 78 18.05 -59.38 1.63
CA LEU G 78 17.45 -59.40 2.97
C LEU G 78 18.32 -60.12 4.00
N GLN G 79 18.26 -59.71 5.25
CA GLN G 79 19.07 -60.30 6.29
C GLN G 79 18.18 -60.90 7.38
N PRO G 80 18.72 -61.77 8.24
CA PRO G 80 17.87 -62.38 9.27
C PRO G 80 17.24 -61.37 10.21
N GLU G 81 17.94 -60.27 10.51
CA GLU G 81 17.43 -59.28 11.45
C GLU G 81 16.51 -58.24 10.81
N ASP G 82 15.94 -58.55 9.64
CA ASP G 82 15.16 -57.57 8.90
C ASP G 82 13.77 -58.08 8.57
N PHE G 83 13.06 -58.63 9.57
CA PHE G 83 11.68 -59.09 9.41
C PHE G 83 10.84 -58.38 10.47
N ALA G 84 10.32 -57.22 10.11
CA ALA G 84 9.56 -56.36 11.03
C ALA G 84 8.47 -55.66 10.23
N THR G 85 7.87 -54.65 10.83
CA THR G 85 6.82 -53.86 10.19
C THR G 85 7.37 -52.49 9.83
N TYR G 86 7.07 -52.03 8.62
CA TYR G 86 7.62 -50.80 8.07
C TYR G 86 6.50 -49.80 7.83
N TYR G 87 6.68 -48.57 8.28
CA TYR G 87 5.68 -47.53 8.20
C TYR G 87 6.21 -46.32 7.44
N CYS G 88 5.33 -45.65 6.71
CA CYS G 88 5.65 -44.47 5.93
C CYS G 88 4.85 -43.28 6.42
N GLN G 89 5.52 -42.15 6.62
CA GLN G 89 4.93 -40.94 7.16
C GLN G 89 4.79 -39.87 6.07
N GLN G 90 4.34 -38.69 6.47
CA GLN G 90 4.34 -37.50 5.63
C GLN G 90 4.18 -36.29 6.53
N TYR G 91 5.00 -35.27 6.32
CA TYR G 91 4.89 -34.03 7.06
C TYR G 91 4.76 -32.83 6.15
N SER G 92 3.88 -32.92 5.15
CA SER G 92 3.53 -31.80 4.28
C SER G 92 2.26 -31.08 4.71
N SER G 93 1.30 -31.80 5.28
CA SER G 93 0.12 -31.22 5.91
C SER G 93 0.26 -31.39 7.41
N TYR G 94 -0.75 -30.94 8.18
CA TYR G 94 -0.50 -31.05 9.60
C TYR G 94 -1.55 -31.84 10.38
N PRO G 95 -1.98 -33.00 9.91
CA PRO G 95 -2.45 -34.02 10.86
C PRO G 95 -1.33 -35.02 11.13
N LEU G 96 -0.24 -34.88 10.38
CA LEU G 96 0.91 -35.77 10.48
C LEU G 96 0.52 -37.24 10.50
N THR G 97 -0.08 -37.71 9.42
CA THR G 97 -0.58 -39.07 9.32
C THR G 97 0.56 -40.06 9.07
N PHE G 98 0.28 -41.32 9.33
CA PHE G 98 1.19 -42.43 9.12
C PHE G 98 0.61 -43.39 8.09
N GLY G 99 1.28 -44.52 7.89
CA GLY G 99 0.81 -45.55 6.99
C GLY G 99 0.30 -46.75 7.76
N GLN G 100 -0.68 -47.44 7.17
CA GLN G 100 -1.31 -48.60 7.79
C GLN G 100 -0.27 -49.61 8.30
N GLY G 101 0.61 -50.06 7.41
CA GLY G 101 1.66 -50.96 7.82
C GLY G 101 1.91 -52.04 6.79
N THR G 102 3.05 -52.71 6.95
CA THR G 102 3.41 -53.83 6.09
C THR G 102 4.30 -54.78 6.89
N LYS G 103 3.91 -56.05 6.92
CA LYS G 103 4.64 -57.06 7.67
C LYS G 103 5.54 -57.86 6.72
N LEU G 104 6.80 -58.01 7.12
CA LEU G 104 7.78 -58.71 6.31
C LEU G 104 8.30 -59.96 7.03
N GLN H 1 23.65 -40.94 23.32
CA GLN H 1 23.05 -41.58 24.49
C GLN H 1 21.75 -40.87 24.86
N VAL H 2 20.63 -41.40 24.37
CA VAL H 2 19.32 -40.83 24.60
C VAL H 2 18.38 -41.93 25.08
N GLN H 3 17.65 -41.68 26.15
CA GLN H 3 16.68 -42.61 26.69
C GLN H 3 15.43 -41.86 27.11
N LEU H 4 14.26 -42.40 26.75
CA LEU H 4 12.98 -41.83 27.12
C LEU H 4 12.14 -42.94 27.75
N VAL H 5 11.80 -42.77 29.03
CA VAL H 5 11.04 -43.76 29.79
C VAL H 5 9.72 -43.15 30.23
N GLU H 6 8.62 -43.83 29.89
CA GLU H 6 7.28 -43.35 30.22
C GLU H 6 6.75 -44.08 31.44
N SER H 7 5.78 -43.45 32.10
CA SER H 7 5.20 -44.02 33.30
C SER H 7 3.89 -43.30 33.58
N GLY H 8 2.98 -44.00 34.26
CA GLY H 8 1.73 -43.39 34.66
C GLY H 8 0.54 -44.01 33.96
N GLY H 9 0.66 -45.27 33.56
CA GLY H 9 -0.41 -45.95 32.84
C GLY H 9 -1.00 -47.11 33.63
N GLY H 10 -2.33 -47.18 33.64
CA GLY H 10 -3.02 -48.22 34.37
C GLY H 10 -4.41 -48.47 33.82
N LEU H 11 -5.36 -48.70 34.72
CA LEU H 11 -6.75 -48.94 34.34
C LEU H 11 -7.63 -47.82 34.90
N VAL H 12 -8.59 -47.37 34.10
CA VAL H 12 -9.45 -46.25 34.46
C VAL H 12 -10.87 -46.55 34.00
N LYS H 13 -11.83 -45.98 34.72
CA LYS H 13 -13.22 -46.13 34.33
C LYS H 13 -13.59 -45.05 33.32
N PRO H 14 -14.52 -45.35 32.41
CA PRO H 14 -14.93 -44.33 31.43
C PRO H 14 -15.31 -43.01 32.08
N GLY H 15 -14.54 -41.97 31.83
CA GLY H 15 -14.74 -40.68 32.46
C GLY H 15 -13.64 -40.30 33.45
N GLY H 16 -12.69 -41.18 33.75
CA GLY H 16 -11.64 -40.85 34.69
C GLY H 16 -10.55 -40.00 34.08
N SER H 17 -9.55 -39.70 34.89
CA SER H 17 -8.43 -38.85 34.48
C SER H 17 -7.13 -39.49 34.93
N LEU H 18 -6.11 -39.38 34.07
CA LEU H 18 -4.79 -39.95 34.35
C LEU H 18 -3.74 -39.00 33.81
N ARG H 19 -2.56 -39.01 34.44
CA ARG H 19 -1.46 -38.14 34.06
C ARG H 19 -0.22 -38.98 33.80
N LEU H 20 0.23 -38.99 32.54
CA LEU H 20 1.45 -39.66 32.14
C LEU H 20 2.62 -38.67 32.16
N SER H 21 3.81 -39.21 32.38
CA SER H 21 5.01 -38.39 32.45
C SER H 21 6.14 -39.06 31.69
N CYS H 22 6.95 -38.26 31.00
CA CYS H 22 8.09 -38.73 30.24
C CYS H 22 9.36 -38.14 30.84
N ALA H 23 10.28 -39.00 31.25
CA ALA H 23 11.59 -38.57 31.69
C ALA H 23 12.50 -38.39 30.47
N ALA H 24 13.65 -37.75 30.71
CA ALA H 24 14.61 -37.53 29.63
C ALA H 24 15.99 -37.29 30.22
N SER H 25 16.99 -37.90 29.61
CA SER H 25 18.38 -37.72 30.03
C SER H 25 19.29 -38.20 28.90
N GLY H 26 20.42 -37.52 28.76
CA GLY H 26 21.40 -37.85 27.75
C GLY H 26 21.59 -36.78 26.68
N PHE H 27 20.89 -35.65 26.79
CA PHE H 27 21.06 -34.55 25.84
C PHE H 27 20.58 -33.28 26.51
N THR H 28 20.54 -32.19 25.73
CA THR H 28 20.01 -30.92 26.20
C THR H 28 18.51 -30.90 25.90
N PHE H 29 17.70 -30.88 26.95
CA PHE H 29 16.26 -31.03 26.78
C PHE H 29 15.59 -29.73 26.35
N SER H 30 16.29 -28.60 26.46
CA SER H 30 15.70 -27.29 26.17
C SER H 30 16.00 -26.83 24.75
N LYS H 31 16.09 -27.77 23.81
CA LYS H 31 16.37 -27.44 22.43
C LYS H 31 15.44 -28.15 21.44
N TYR H 32 14.74 -29.18 21.87
CA TYR H 32 14.02 -30.07 20.98
C TYR H 32 12.53 -30.05 21.27
N ALA H 33 11.72 -30.03 20.22
CA ALA H 33 10.29 -30.24 20.34
C ALA H 33 10.00 -31.72 20.54
N MET H 34 8.88 -32.01 21.20
CA MET H 34 8.51 -33.37 21.52
C MET H 34 7.03 -33.59 21.23
N SER H 35 6.68 -34.86 21.04
CA SER H 35 5.33 -35.24 20.63
C SER H 35 4.89 -36.47 21.41
N TRP H 36 3.58 -36.71 21.39
CA TRP H 36 2.99 -37.91 21.97
C TRP H 36 2.30 -38.68 20.86
N ILE H 37 2.67 -39.96 20.72
CA ILE H 37 2.11 -40.82 19.68
C ILE H 37 1.56 -42.07 20.37
N ARG H 38 0.37 -42.47 19.95
CA ARG H 38 -0.33 -43.60 20.54
C ARG H 38 -0.62 -44.66 19.48
N GLN H 39 -0.40 -45.92 19.83
CA GLN H 39 -0.65 -47.04 18.94
C GLN H 39 -1.79 -47.88 19.51
N ALA H 40 -2.88 -47.99 18.74
CA ALA H 40 -4.07 -48.70 19.17
C ALA H 40 -3.76 -50.18 19.38
N PRO H 41 -4.70 -50.98 19.84
CA PRO H 41 -4.41 -52.40 20.07
C PRO H 41 -4.25 -53.17 18.77
N GLY H 42 -3.00 -53.53 18.45
CA GLY H 42 -2.71 -54.25 17.23
C GLY H 42 -3.15 -53.52 15.98
N LYS H 43 -2.83 -52.22 15.90
CA LYS H 43 -3.20 -51.41 14.74
C LYS H 43 -2.08 -50.42 14.48
N GLY H 44 -2.33 -49.45 13.60
CA GLY H 44 -1.32 -48.51 13.17
C GLY H 44 -1.08 -47.40 14.17
N LEU H 45 -0.07 -46.58 13.84
CA LEU H 45 0.34 -45.46 14.67
C LEU H 45 -0.50 -44.23 14.35
N GLU H 46 -0.60 -43.32 15.32
CA GLU H 46 -1.39 -42.11 15.17
C GLU H 46 -0.82 -41.01 16.06
N TRP H 47 -0.96 -39.78 15.60
CA TRP H 47 -0.33 -38.60 16.24
C TRP H 47 -1.34 -37.91 17.14
N VAL H 48 -0.88 -37.48 18.31
CA VAL H 48 -1.77 -36.96 19.36
C VAL H 48 -1.55 -35.47 19.61
N ALA H 49 -0.35 -35.09 20.05
CA ALA H 49 -0.10 -33.71 20.44
C ALA H 49 1.39 -33.41 20.36
N GLU H 50 1.73 -32.14 20.57
CA GLU H 50 3.10 -31.67 20.43
C GLU H 50 3.28 -30.39 21.24
N ILE H 51 4.54 -29.99 21.44
CA ILE H 51 4.89 -28.78 22.24
C ILE H 51 6.26 -28.25 21.80
N SER H 52 6.44 -26.94 21.70
CA SER H 52 7.73 -26.36 21.22
C SER H 52 8.78 -26.47 22.29
N SER H 53 9.98 -25.96 22.05
CA SER H 53 11.11 -26.12 23.02
C SER H 53 10.90 -25.33 24.31
N GLY H 54 9.92 -24.42 24.36
CA GLY H 54 9.76 -23.57 25.57
C GLY H 54 8.31 -23.50 25.99
N GLY H 55 7.49 -24.43 25.53
CA GLY H 55 6.08 -24.48 25.94
C GLY H 55 5.26 -23.35 25.34
N GLY H 56 5.79 -22.68 24.34
CA GLY H 56 5.05 -21.52 23.83
C GLY H 56 4.02 -21.93 22.82
N TYR H 57 4.39 -22.84 21.92
CA TYR H 57 3.46 -23.21 20.82
C TYR H 57 3.01 -24.65 21.04
N ILE H 58 1.76 -24.84 21.42
CA ILE H 58 1.22 -26.19 21.69
C ILE H 58 0.05 -26.41 20.74
N ASN H 59 0.07 -27.48 19.97
CA ASN H 59 -0.94 -27.75 18.98
C ASN H 59 -1.45 -29.17 19.16
N TYR H 60 -2.74 -29.38 18.86
CA TYR H 60 -3.42 -30.62 19.22
C TYR H 60 -4.10 -31.20 18.00
N ALA H 61 -4.35 -32.52 18.05
CA ALA H 61 -5.15 -33.18 17.04
C ALA H 61 -6.62 -32.82 17.22
N ASP H 62 -7.47 -33.42 16.39
CA ASP H 62 -8.90 -33.14 16.47
C ASP H 62 -9.58 -33.93 17.58
N SER H 63 -9.14 -35.16 17.82
CA SER H 63 -9.78 -36.00 18.83
C SER H 63 -9.55 -35.44 20.23
N VAL H 64 -8.30 -35.34 20.65
CA VAL H 64 -7.98 -34.93 22.02
C VAL H 64 -8.09 -33.43 22.21
N LYS H 65 -8.51 -32.69 21.18
CA LYS H 65 -8.64 -31.25 21.28
C LYS H 65 -9.84 -30.93 22.17
N GLY H 66 -9.57 -30.73 23.46
CA GLY H 66 -10.62 -30.44 24.42
C GLY H 66 -10.63 -31.38 25.60
N ARG H 67 -9.73 -32.36 25.59
CA ARG H 67 -9.61 -33.31 26.69
C ARG H 67 -8.18 -33.53 27.19
N PHE H 68 -7.17 -33.23 26.37
CA PHE H 68 -5.79 -33.48 26.74
C PHE H 68 -5.07 -32.16 27.01
N THR H 69 -3.88 -32.25 27.58
CA THR H 69 -3.09 -31.07 27.87
C THR H 69 -1.63 -31.48 28.00
N ILE H 70 -0.80 -31.01 27.07
CA ILE H 70 0.62 -31.30 27.08
C ILE H 70 1.36 -30.13 27.74
N SER H 71 2.49 -30.45 28.36
CA SER H 71 3.30 -29.44 29.02
C SER H 71 4.66 -30.04 29.33
N ARG H 72 5.64 -29.16 29.56
CA ARG H 72 7.00 -29.59 29.85
C ARG H 72 7.59 -28.69 30.92
N ASP H 73 8.57 -29.23 31.64
CA ASP H 73 9.29 -28.52 32.69
C ASP H 73 10.78 -28.72 32.44
N ASN H 74 11.41 -27.76 31.77
CA ASN H 74 12.81 -27.89 31.39
C ASN H 74 13.72 -28.04 32.60
N ALA H 75 13.33 -27.48 33.75
CA ALA H 75 14.20 -27.54 34.93
C ALA H 75 14.43 -28.98 35.38
N LYS H 76 13.37 -29.80 35.40
CA LYS H 76 13.47 -31.18 35.82
C LYS H 76 13.64 -32.14 34.63
N ASN H 77 13.63 -31.63 33.40
CA ASN H 77 13.86 -32.45 32.22
C ASN H 77 12.80 -33.55 32.11
N SER H 78 11.54 -33.14 31.99
CA SER H 78 10.44 -34.08 31.95
C SER H 78 9.29 -33.52 31.12
N LEU H 79 8.42 -34.41 30.68
CA LEU H 79 7.23 -34.06 29.91
C LEU H 79 6.00 -34.63 30.62
N TYR H 80 4.88 -33.93 30.47
CA TYR H 80 3.63 -34.35 31.10
C TYR H 80 2.48 -34.29 30.10
N LEU H 81 1.54 -35.21 30.27
CA LEU H 81 0.30 -35.21 29.51
C LEU H 81 -0.86 -35.46 30.47
N GLN H 82 -1.97 -34.76 30.25
CA GLN H 82 -3.12 -34.84 31.12
C GLN H 82 -4.36 -35.19 30.29
N MET H 83 -5.02 -36.29 30.65
CA MET H 83 -6.22 -36.73 29.97
C MET H 83 -7.40 -36.69 30.94
N ASN H 84 -8.51 -36.12 30.49
CA ASN H 84 -9.64 -35.86 31.37
C ASN H 84 -10.88 -36.68 31.06
N SER H 85 -11.38 -36.63 29.82
CA SER H 85 -12.61 -37.34 29.48
C SER H 85 -12.32 -38.68 28.82
N LEU H 86 -11.64 -39.57 29.53
CA LEU H 86 -11.24 -40.85 28.96
C LEU H 86 -12.44 -41.65 28.49
N ARG H 87 -12.54 -41.85 27.18
CA ARG H 87 -13.59 -42.68 26.61
C ARG H 87 -13.05 -44.09 26.36
N ALA H 88 -13.85 -44.92 25.68
CA ALA H 88 -13.46 -46.30 25.41
C ALA H 88 -12.51 -46.40 24.22
N GLU H 89 -12.32 -45.32 23.47
CA GLU H 89 -11.44 -45.33 22.29
C GLU H 89 -10.01 -44.94 22.61
N ASP H 90 -9.73 -44.56 23.87
CA ASP H 90 -8.39 -44.16 24.26
C ASP H 90 -7.56 -45.33 24.78
N THR H 91 -7.92 -46.54 24.41
CA THR H 91 -7.21 -47.75 24.85
C THR H 91 -6.10 -48.05 23.85
N ALA H 92 -4.86 -47.81 24.26
CA ALA H 92 -3.71 -48.07 23.40
C ALA H 92 -2.45 -47.75 24.18
N VAL H 93 -1.31 -48.06 23.58
CA VAL H 93 0.00 -47.69 24.11
C VAL H 93 0.25 -46.23 23.75
N TYR H 94 1.18 -45.60 24.45
CA TYR H 94 1.46 -44.17 24.28
C TYR H 94 2.97 -43.97 24.24
N TYR H 95 3.45 -43.40 23.14
CA TYR H 95 4.88 -43.22 22.92
C TYR H 95 5.26 -41.75 23.09
N CYS H 96 6.51 -41.52 23.47
CA CYS H 96 7.04 -40.20 23.76
C CYS H 96 8.25 -39.97 22.87
N ALA H 97 8.02 -39.39 21.70
CA ALA H 97 9.02 -39.26 20.65
C ALA H 97 9.62 -37.85 20.62
N ARG H 98 10.92 -37.78 20.38
CA ARG H 98 11.62 -36.52 20.18
C ARG H 98 11.40 -36.03 18.75
N ALA H 99 11.97 -34.87 18.44
CA ALA H 99 11.76 -34.22 17.15
C ALA H 99 13.09 -33.78 16.56
N ILE H 100 13.15 -33.78 15.22
CA ILE H 100 14.35 -33.33 14.52
C ILE H 100 14.65 -31.88 14.87
N TYR H 101 15.92 -31.49 14.71
CA TYR H 101 16.36 -30.13 14.96
C TYR H 101 16.50 -29.36 13.65
N TYR H 102 15.97 -28.14 13.62
CA TYR H 102 16.08 -27.23 12.50
C TYR H 102 16.86 -26.01 12.95
N TYR H 103 17.96 -25.70 12.28
CA TYR H 103 18.88 -24.70 12.74
C TYR H 103 18.21 -23.33 12.89
N GLY H 104 17.77 -22.75 11.79
CA GLY H 104 17.25 -21.39 11.83
C GLY H 104 15.77 -21.21 11.53
N SER H 105 15.08 -22.28 11.12
CA SER H 105 13.67 -22.20 10.77
C SER H 105 12.81 -22.59 11.97
N SER H 106 11.51 -22.72 11.76
CA SER H 106 10.57 -23.08 12.81
C SER H 106 10.73 -24.56 13.16
N TYR H 107 9.87 -25.06 14.06
CA TYR H 107 9.93 -26.44 14.50
C TYR H 107 8.84 -27.31 13.88
N ASN H 108 7.93 -26.72 13.13
CA ASN H 108 6.78 -27.44 12.61
C ASN H 108 7.19 -28.39 11.50
N TYR H 109 6.33 -29.38 11.24
CA TYR H 109 6.50 -30.32 10.13
C TYR H 109 7.82 -31.07 10.25
N TYR H 110 7.92 -31.86 11.30
CA TYR H 110 9.13 -32.58 11.66
C TYR H 110 8.93 -34.09 11.51
N ALA H 111 10.00 -34.83 11.72
CA ALA H 111 9.99 -36.27 11.81
C ALA H 111 10.69 -36.68 13.11
N MET H 112 10.28 -37.83 13.64
CA MET H 112 10.67 -38.25 14.98
C MET H 112 11.77 -39.29 14.88
N ASP H 113 12.90 -39.03 15.55
CA ASP H 113 14.05 -39.91 15.44
C ASP H 113 14.22 -40.85 16.63
N TYR H 114 13.97 -40.36 17.85
CA TYR H 114 14.15 -41.14 19.06
C TYR H 114 12.81 -41.33 19.76
N TRP H 115 12.37 -42.58 19.86
CA TRP H 115 11.09 -42.91 20.50
C TRP H 115 11.35 -43.46 21.90
N GLY H 116 10.27 -43.94 22.54
CA GLY H 116 10.35 -44.51 23.86
C GLY H 116 9.65 -45.85 23.92
N GLN H 117 9.81 -46.51 25.07
CA GLN H 117 9.24 -47.85 25.24
C GLN H 117 7.72 -47.82 25.11
N GLY H 118 7.05 -47.10 26.00
CA GLY H 118 5.61 -46.94 25.92
C GLY H 118 4.92 -47.39 27.20
N THR H 119 3.69 -46.93 27.37
CA THR H 119 2.84 -47.33 28.49
C THR H 119 1.48 -47.76 27.96
N THR H 120 0.79 -48.57 28.77
CA THR H 120 -0.52 -49.07 28.41
C THR H 120 -1.59 -48.33 29.21
N VAL H 121 -2.64 -47.89 28.53
CA VAL H 121 -3.75 -47.21 29.17
C VAL H 121 -5.04 -47.86 28.68
N THR H 122 -5.81 -48.42 29.62
CA THR H 122 -7.05 -49.11 29.30
C THR H 122 -8.21 -48.39 29.96
N VAL H 123 -9.26 -48.14 29.18
CA VAL H 123 -10.46 -47.46 29.68
C VAL H 123 -11.65 -48.33 29.31
N SER H 124 -12.20 -49.03 30.29
CA SER H 124 -13.33 -49.92 30.06
C SER H 124 -14.49 -49.59 31.00
N GLN I 1 25.31 -38.12 -43.56
CA GLN I 1 24.14 -37.28 -43.79
C GLN I 1 22.88 -38.15 -43.65
N VAL I 2 23.00 -39.43 -43.99
CA VAL I 2 21.88 -40.35 -43.96
C VAL I 2 22.21 -41.50 -43.02
N GLN I 3 21.40 -41.67 -41.97
CA GLN I 3 21.45 -42.88 -41.17
C GLN I 3 20.93 -44.04 -42.00
N LEU I 4 21.65 -45.17 -41.95
CA LEU I 4 21.39 -46.26 -42.88
C LEU I 4 20.99 -47.50 -42.09
N VAL I 5 20.89 -48.62 -42.82
CA VAL I 5 20.29 -49.85 -42.33
C VAL I 5 20.84 -50.21 -40.95
N GLN I 6 19.95 -50.70 -40.09
CA GLN I 6 20.34 -51.26 -38.80
C GLN I 6 20.52 -52.78 -38.90
N SER I 7 19.46 -53.48 -39.28
CA SER I 7 19.48 -54.94 -39.46
C SER I 7 18.15 -55.33 -40.08
N GLY I 8 17.93 -56.64 -40.22
CA GLY I 8 16.72 -57.15 -40.84
C GLY I 8 15.66 -57.56 -39.83
N ALA I 9 15.49 -58.87 -39.65
CA ALA I 9 14.49 -59.39 -38.71
C ALA I 9 15.13 -60.51 -37.91
N GLU I 10 15.22 -60.33 -36.60
CA GLU I 10 15.82 -61.31 -35.70
C GLU I 10 14.76 -61.78 -34.70
N VAL I 11 14.67 -63.10 -34.50
CA VAL I 11 13.66 -63.66 -33.62
C VAL I 11 14.23 -63.79 -32.19
N LYS I 12 15.32 -64.54 -32.06
CA LYS I 12 16.01 -64.67 -30.77
C LYS I 12 15.04 -65.02 -29.64
N LYS I 13 14.51 -66.24 -29.67
CA LYS I 13 13.60 -66.69 -28.62
C LYS I 13 14.20 -66.45 -27.24
N PRO I 14 13.36 -66.39 -26.20
CA PRO I 14 13.84 -65.97 -24.87
C PRO I 14 15.05 -66.74 -24.38
N GLY I 15 16.10 -65.99 -23.98
CA GLY I 15 17.27 -66.61 -23.39
C GLY I 15 18.58 -66.18 -24.02
N ALA I 16 18.57 -65.88 -25.32
CA ALA I 16 19.80 -65.59 -26.04
C ALA I 16 20.16 -64.10 -25.89
N SER I 17 21.16 -63.66 -26.66
CA SER I 17 21.60 -62.27 -26.65
C SER I 17 21.72 -61.79 -28.09
N VAL I 18 21.24 -60.58 -28.35
CA VAL I 18 21.23 -60.02 -29.68
C VAL I 18 22.33 -58.96 -29.77
N LYS I 19 22.67 -58.56 -31.00
CA LYS I 19 23.69 -57.53 -31.23
C LYS I 19 23.31 -56.80 -32.51
N LEU I 20 22.78 -55.59 -32.37
CA LEU I 20 22.36 -54.80 -33.52
C LEU I 20 23.52 -53.95 -34.02
N SER I 21 23.25 -53.11 -35.02
CA SER I 21 24.24 -52.21 -35.59
C SER I 21 23.55 -50.98 -36.13
N CYS I 22 24.31 -49.89 -36.26
CA CYS I 22 23.80 -48.62 -36.75
C CYS I 22 24.98 -48.01 -37.52
N LYS I 23 24.89 -48.05 -38.85
CA LYS I 23 25.97 -47.54 -39.69
C LYS I 23 25.56 -46.19 -40.25
N ALA I 24 26.51 -45.26 -40.33
CA ALA I 24 26.22 -43.89 -40.74
C ALA I 24 27.23 -43.51 -41.81
N SER I 25 26.84 -42.57 -42.65
CA SER I 25 27.69 -42.09 -43.73
C SER I 25 27.24 -40.68 -44.10
N GLY I 26 28.15 -39.95 -44.76
CA GLY I 26 27.83 -38.62 -45.23
C GLY I 26 28.24 -37.51 -44.26
N TYR I 27 28.94 -37.84 -43.18
CA TYR I 27 29.42 -36.84 -42.24
C TYR I 27 30.59 -37.43 -41.46
N THR I 28 31.18 -36.61 -40.60
CA THR I 28 32.29 -37.05 -39.76
C THR I 28 31.70 -37.80 -38.55
N PHE I 29 31.95 -39.10 -38.49
CA PHE I 29 31.32 -39.95 -37.49
C PHE I 29 31.69 -39.51 -36.07
N THR I 30 32.97 -39.26 -35.83
CA THR I 30 33.45 -39.01 -34.48
C THR I 30 33.23 -37.56 -34.04
N SER I 31 32.00 -37.05 -34.19
CA SER I 31 31.71 -35.70 -33.77
C SER I 31 30.39 -35.53 -33.02
N TYR I 32 29.51 -36.54 -32.99
CA TYR I 32 28.18 -36.37 -32.45
C TYR I 32 27.84 -37.52 -31.52
N TRP I 33 26.92 -37.25 -30.58
CA TRP I 33 26.39 -38.30 -29.72
C TRP I 33 25.40 -39.17 -30.50
N ILE I 34 25.29 -40.43 -30.09
CA ILE I 34 24.36 -41.37 -30.68
C ILE I 34 23.49 -41.96 -29.59
N HIS I 35 22.19 -41.97 -29.81
CA HIS I 35 21.21 -42.42 -28.83
C HIS I 35 20.43 -43.60 -29.39
N TRP I 36 19.94 -44.45 -28.49
CA TRP I 36 19.13 -45.61 -28.85
C TRP I 36 17.78 -45.51 -28.13
N VAL I 37 16.70 -45.80 -28.87
CA VAL I 37 15.35 -45.80 -28.33
C VAL I 37 14.70 -47.13 -28.65
N ARG I 38 13.49 -47.31 -28.11
CA ARG I 38 12.77 -48.57 -28.28
C ARG I 38 11.28 -48.31 -28.07
N GLN I 39 10.46 -48.69 -29.05
CA GLN I 39 9.02 -48.50 -28.98
C GLN I 39 8.35 -49.87 -28.89
N ALA I 40 8.16 -50.35 -27.66
CA ALA I 40 7.48 -51.63 -27.60
C ALA I 40 5.99 -51.43 -27.88
N PRO I 41 5.35 -52.40 -28.56
CA PRO I 41 3.92 -52.26 -28.83
C PRO I 41 3.11 -52.16 -27.54
N GLY I 42 2.03 -51.36 -27.62
CA GLY I 42 1.13 -51.19 -26.49
C GLY I 42 1.49 -50.03 -25.58
N GLN I 43 2.65 -49.40 -25.77
CA GLN I 43 3.03 -48.24 -24.99
C GLN I 43 3.75 -47.18 -25.80
N GLY I 44 4.38 -46.22 -25.14
CA GLY I 44 5.07 -45.11 -25.80
C GLY I 44 6.49 -45.54 -26.11
N LEU I 45 7.35 -44.55 -26.29
CA LEU I 45 8.76 -44.77 -26.62
C LEU I 45 9.60 -44.77 -25.35
N GLU I 46 10.80 -45.33 -25.44
CA GLU I 46 11.69 -45.47 -24.32
C GLU I 46 13.11 -45.05 -24.71
N TRP I 47 13.73 -44.25 -23.86
CA TRP I 47 15.14 -43.90 -24.00
C TRP I 47 16.01 -44.98 -23.36
N ILE I 48 17.19 -45.19 -23.93
CA ILE I 48 18.05 -46.26 -23.44
C ILE I 48 19.37 -45.70 -22.91
N GLY I 49 20.13 -45.04 -23.77
CA GLY I 49 21.41 -44.51 -23.32
C GLY I 49 22.13 -43.76 -24.41
N MET I 50 23.26 -43.18 -24.02
CA MET I 50 24.10 -42.38 -24.90
C MET I 50 25.38 -43.15 -25.22
N ILE I 51 25.75 -43.15 -26.50
CA ILE I 51 27.06 -43.64 -26.93
C ILE I 51 27.67 -42.59 -27.85
N HIS I 52 28.89 -42.16 -27.52
CA HIS I 52 29.63 -41.22 -28.35
C HIS I 52 30.82 -41.93 -28.97
N PRO I 53 30.93 -42.02 -30.29
CA PRO I 53 32.18 -42.48 -30.89
C PRO I 53 33.33 -41.65 -30.33
N ASN I 54 34.57 -42.06 -30.59
CA ASN I 54 35.69 -41.43 -29.91
C ASN I 54 35.63 -41.69 -28.41
N SER I 55 35.83 -42.97 -28.03
CA SER I 55 35.99 -43.41 -26.65
C SER I 55 34.68 -43.68 -25.91
N GLY I 56 33.55 -43.42 -26.55
CA GLY I 56 32.29 -43.92 -26.02
C GLY I 56 31.73 -43.13 -24.83
N SER I 57 32.31 -43.32 -23.65
CA SER I 57 31.85 -42.67 -22.43
C SER I 57 30.33 -42.70 -22.33
N THR I 58 29.75 -43.89 -22.24
CA THR I 58 28.31 -44.05 -22.35
C THR I 58 27.58 -43.58 -21.08
N TYR I 59 26.26 -43.63 -21.15
CA TYR I 59 25.38 -43.24 -20.05
C TYR I 59 24.00 -43.85 -20.29
N TYR I 60 23.53 -44.64 -19.32
CA TYR I 60 22.26 -45.34 -19.45
C TYR I 60 21.23 -44.75 -18.50
N ASN I 61 19.97 -45.15 -18.69
CA ASN I 61 18.84 -44.52 -18.01
C ASN I 61 18.43 -45.27 -16.75
N GLU I 62 19.35 -45.99 -16.11
CA GLU I 62 19.12 -46.60 -14.81
C GLU I 62 17.94 -47.57 -14.82
N LYS I 63 17.54 -48.00 -16.03
CA LYS I 63 16.62 -49.13 -16.17
C LYS I 63 17.23 -50.29 -16.93
N PHE I 64 18.27 -50.07 -17.74
CA PHE I 64 19.00 -51.13 -18.42
C PHE I 64 20.46 -50.98 -18.00
N LYS I 65 20.80 -51.57 -16.86
CA LYS I 65 22.15 -51.46 -16.31
C LYS I 65 23.05 -52.58 -16.80
N GLY I 66 22.68 -53.82 -16.47
CA GLY I 66 23.43 -54.98 -16.93
C GLY I 66 22.72 -55.68 -18.07
N ARG I 67 21.50 -55.24 -18.37
CA ARG I 67 20.69 -55.86 -19.41
C ARG I 67 21.02 -55.34 -20.81
N ALA I 68 21.92 -54.37 -20.92
CA ALA I 68 22.27 -53.81 -22.22
C ALA I 68 23.61 -53.11 -22.13
N THR I 69 24.36 -53.12 -23.23
CA THR I 69 25.64 -52.46 -23.32
C THR I 69 25.80 -51.84 -24.69
N LEU I 70 26.56 -50.74 -24.76
CA LEU I 70 26.75 -49.99 -25.98
C LEU I 70 28.20 -50.07 -26.45
N THR I 71 28.39 -50.46 -27.72
CA THR I 71 29.72 -50.47 -28.37
C THR I 71 29.89 -49.66 -29.65
N VAL I 72 31.11 -49.29 -30.03
CA VAL I 72 31.33 -48.44 -31.23
C VAL I 72 32.57 -48.98 -31.96
N ASP I 73 32.62 -48.82 -33.28
CA ASP I 73 33.75 -49.33 -34.11
C ASP I 73 34.32 -48.14 -34.88
N LYS I 74 33.50 -47.45 -35.68
CA LYS I 74 33.95 -46.23 -36.39
C LYS I 74 34.92 -46.50 -37.62
N SER I 75 35.95 -47.31 -37.32
CA SER I 75 36.88 -47.75 -38.40
C SER I 75 35.98 -47.98 -39.63
N THR I 76 34.90 -48.74 -39.47
CA THR I 76 33.91 -48.92 -40.57
C THR I 76 32.63 -48.15 -40.18
N SER I 77 32.79 -47.23 -39.22
CA SER I 77 31.65 -46.38 -38.75
C SER I 77 30.37 -47.06 -38.26
N THR I 78 30.49 -47.99 -37.31
CA THR I 78 29.30 -48.74 -36.84
C THR I 78 29.09 -48.73 -35.33
N ALA I 79 27.84 -48.55 -34.88
CA ALA I 79 27.53 -48.58 -33.44
C ALA I 79 26.87 -49.93 -33.14
N TYR I 80 27.16 -50.53 -31.98
CA TYR I 80 26.67 -51.85 -31.61
C TYR I 80 25.87 -51.77 -30.31
N MET I 81 24.69 -52.37 -30.31
CA MET I 81 23.92 -52.63 -29.11
C MET I 81 24.04 -54.10 -28.73
N GLU I 82 23.59 -54.43 -27.52
CA GLU I 82 23.67 -55.81 -27.05
C GLU I 82 22.63 -56.01 -25.94
N LEU I 83 21.62 -56.83 -26.23
CA LEU I 83 20.59 -57.16 -25.26
C LEU I 83 20.85 -58.57 -24.73
N SER I 84 21.07 -58.67 -23.42
CA SER I 84 21.33 -59.94 -22.76
C SER I 84 20.14 -60.33 -21.89
N SER I 85 20.03 -61.63 -21.61
CA SER I 85 18.93 -62.17 -20.83
C SER I 85 17.59 -61.71 -21.38
N LEU I 86 17.42 -61.91 -22.69
CA LEU I 86 16.23 -61.43 -23.38
C LEU I 86 14.97 -61.98 -22.71
N ARG I 87 13.98 -61.09 -22.53
CA ARG I 87 12.72 -61.45 -21.92
C ARG I 87 11.62 -61.48 -22.98
N SER I 88 10.43 -61.93 -22.57
CA SER I 88 9.34 -62.14 -23.53
C SER I 88 8.80 -60.82 -24.07
N GLU I 89 8.54 -59.85 -23.19
CA GLU I 89 7.89 -58.60 -23.58
C GLU I 89 8.84 -57.62 -24.28
N ASP I 90 10.07 -58.04 -24.58
CA ASP I 90 11.05 -57.16 -25.20
C ASP I 90 10.78 -56.93 -26.69
N THR I 91 9.72 -57.52 -27.24
CA THR I 91 9.40 -57.26 -28.63
C THR I 91 9.13 -55.77 -28.83
N ALA I 92 9.83 -55.18 -29.80
CA ALA I 92 9.73 -53.75 -30.05
C ALA I 92 10.62 -53.40 -31.23
N VAL I 93 10.56 -52.13 -31.64
CA VAL I 93 11.38 -51.60 -32.72
C VAL I 93 12.51 -50.79 -32.10
N TYR I 94 13.74 -51.10 -32.52
CA TYR I 94 14.93 -50.43 -32.02
C TYR I 94 15.40 -49.41 -33.03
N TYR I 95 15.70 -48.20 -32.57
CA TYR I 95 16.02 -47.08 -33.44
C TYR I 95 17.44 -46.60 -33.20
N CYS I 96 17.88 -45.72 -34.09
CA CYS I 96 19.16 -45.04 -33.96
C CYS I 96 18.92 -43.56 -34.28
N ALA I 97 19.73 -42.70 -33.68
CA ALA I 97 19.50 -41.27 -33.83
C ALA I 97 20.80 -40.53 -33.57
N ARG I 98 20.82 -39.26 -33.98
CA ARG I 98 21.95 -38.37 -33.77
C ARG I 98 21.48 -37.13 -33.04
N TYR I 99 22.36 -36.57 -32.21
CA TYR I 99 22.03 -35.39 -31.43
C TYR I 99 22.64 -34.16 -32.10
N TYR I 100 21.81 -33.16 -32.37
CA TYR I 100 22.22 -32.01 -33.17
C TYR I 100 21.70 -30.73 -32.53
N GLY I 101 22.55 -29.71 -32.49
CA GLY I 101 22.19 -28.45 -31.86
C GLY I 101 23.43 -27.67 -31.48
N SER I 102 23.23 -26.39 -31.15
CA SER I 102 24.37 -25.50 -30.95
C SER I 102 24.48 -24.99 -29.51
N ASP I 103 23.46 -24.28 -29.02
CA ASP I 103 23.57 -23.68 -27.69
C ASP I 103 22.57 -24.25 -26.71
N TYR I 104 21.28 -24.12 -27.04
CA TYR I 104 20.21 -24.68 -26.22
C TYR I 104 19.21 -25.47 -27.06
N GLU I 105 19.29 -25.39 -28.38
CA GLU I 105 18.31 -26.00 -29.27
C GLU I 105 18.86 -27.33 -29.78
N TRP I 106 18.53 -28.41 -29.08
CA TRP I 106 18.96 -29.74 -29.44
C TRP I 106 17.77 -30.59 -29.84
N TYR I 107 18.00 -31.52 -30.77
CA TYR I 107 16.93 -32.38 -31.26
C TYR I 107 17.52 -33.50 -32.09
N PHE I 108 16.78 -34.60 -32.17
CA PHE I 108 17.16 -35.72 -33.01
C PHE I 108 16.82 -35.38 -34.46
N ASP I 109 17.80 -35.51 -35.35
CA ASP I 109 17.60 -35.14 -36.75
C ASP I 109 17.69 -36.31 -37.72
N VAL I 110 18.79 -37.06 -37.74
CA VAL I 110 18.89 -38.21 -38.63
C VAL I 110 18.41 -39.47 -37.91
N TRP I 111 17.10 -39.71 -37.97
CA TRP I 111 16.54 -40.91 -37.35
C TRP I 111 16.86 -42.13 -38.19
N GLY I 112 17.32 -43.19 -37.54
CA GLY I 112 17.65 -44.42 -38.23
C GLY I 112 16.41 -45.21 -38.62
N GLN I 113 16.65 -46.31 -39.31
CA GLN I 113 15.57 -47.20 -39.73
C GLN I 113 15.14 -48.07 -38.56
N GLY I 114 14.15 -48.93 -38.79
CA GLY I 114 13.66 -49.81 -37.73
C GLY I 114 14.23 -51.21 -37.81
N THR I 115 14.38 -51.85 -36.65
CA THR I 115 14.89 -53.22 -36.56
C THR I 115 13.98 -54.00 -35.61
N THR I 116 12.93 -54.58 -36.16
CA THR I 116 11.97 -55.31 -35.33
C THR I 116 12.63 -56.52 -34.68
N VAL I 117 12.23 -56.80 -33.45
CA VAL I 117 12.76 -57.94 -32.72
C VAL I 117 11.70 -58.53 -31.81
N ILE J 1 8.37 -34.49 -16.13
CA ILE J 1 8.42 -35.92 -16.40
C ILE J 1 7.00 -36.48 -16.58
N GLN J 2 6.93 -37.66 -17.20
CA GLN J 2 5.70 -38.41 -17.43
C GLN J 2 4.87 -37.82 -18.58
N MET J 3 5.20 -36.60 -19.01
CA MET J 3 4.85 -36.09 -20.33
C MET J 3 3.51 -36.44 -20.94
N THR J 4 2.44 -36.49 -20.15
CA THR J 4 1.13 -36.89 -20.66
C THR J 4 0.54 -36.05 -21.78
N GLN J 5 -0.23 -36.71 -22.64
CA GLN J 5 -0.91 -36.05 -23.76
C GLN J 5 -2.43 -36.13 -23.61
N SER J 6 -3.14 -35.07 -24.01
CA SER J 6 -4.58 -35.00 -23.83
C SER J 6 -5.35 -35.81 -24.86
N PRO J 7 -5.23 -35.49 -26.15
CA PRO J 7 -6.16 -36.05 -27.14
C PRO J 7 -5.69 -37.37 -27.75
N SER J 8 -5.85 -38.46 -27.02
CA SER J 8 -5.43 -39.77 -27.54
C SER J 8 -6.17 -40.11 -28.83
N SER J 9 -7.49 -39.85 -28.85
CA SER J 9 -8.30 -40.15 -30.04
C SER J 9 -8.92 -38.83 -30.53
N MET J 10 -8.25 -38.22 -31.50
CA MET J 10 -8.70 -36.96 -32.09
C MET J 10 -8.80 -37.11 -33.60
N SER J 11 -9.96 -36.71 -34.16
CA SER J 11 -10.23 -36.87 -35.58
C SER J 11 -10.86 -35.60 -36.12
N ALA J 12 -10.38 -35.15 -37.28
CA ALA J 12 -10.92 -33.96 -37.93
C ALA J 12 -10.73 -34.11 -39.44
N SER J 13 -11.54 -33.34 -40.19
CA SER J 13 -11.52 -33.38 -41.63
C SER J 13 -10.73 -32.20 -42.18
N VAL J 14 -10.06 -32.43 -43.31
CA VAL J 14 -9.19 -31.42 -43.93
C VAL J 14 -9.96 -30.11 -44.08
N GLY J 15 -9.33 -29.01 -43.64
CA GLY J 15 -9.92 -27.70 -43.81
C GLY J 15 -10.12 -26.93 -42.52
N ASP J 16 -10.02 -27.62 -41.38
CA ASP J 16 -10.24 -27.00 -40.08
C ASP J 16 -8.91 -26.86 -39.34
N ARG J 17 -9.01 -26.37 -38.10
CA ARG J 17 -7.84 -26.16 -37.25
C ARG J 17 -7.88 -27.15 -36.09
N VAL J 18 -6.75 -27.80 -35.84
CA VAL J 18 -6.66 -28.80 -34.78
C VAL J 18 -5.53 -28.41 -33.82
N THR J 19 -5.60 -28.98 -32.61
CA THR J 19 -4.65 -28.67 -31.56
C THR J 19 -4.34 -29.92 -30.76
N ILE J 20 -3.13 -29.99 -30.20
CA ILE J 20 -2.69 -31.08 -29.35
C ILE J 20 -2.02 -30.48 -28.12
N THR J 21 -2.29 -31.06 -26.95
CA THR J 21 -1.80 -30.54 -25.69
C THR J 21 -0.89 -31.56 -25.00
N CYS J 22 0.21 -31.06 -24.44
CA CYS J 22 1.17 -31.87 -23.71
C CYS J 22 1.37 -31.25 -22.33
N LYS J 23 1.28 -32.08 -21.29
CA LYS J 23 1.41 -31.62 -19.91
C LYS J 23 2.41 -32.51 -19.18
N ALA J 24 3.34 -31.87 -18.47
CA ALA J 24 4.39 -32.56 -17.74
C ALA J 24 4.13 -32.55 -16.25
N SER J 25 4.73 -33.53 -15.56
CA SER J 25 4.57 -33.62 -14.11
C SER J 25 5.30 -32.48 -13.40
N GLN J 26 6.56 -32.24 -13.78
CA GLN J 26 7.40 -31.23 -13.17
C GLN J 26 7.56 -30.04 -14.13
N ASN J 27 8.38 -29.09 -13.70
CA ASN J 27 8.61 -27.87 -14.47
C ASN J 27 9.79 -28.07 -15.42
N VAL J 28 9.49 -28.23 -16.71
CA VAL J 28 10.50 -28.29 -17.74
C VAL J 28 10.44 -26.96 -18.49
N ARG J 29 11.48 -26.16 -18.38
CA ARG J 29 11.43 -24.79 -18.88
C ARG J 29 11.65 -24.78 -20.39
N THR J 30 10.55 -24.79 -21.14
CA THR J 30 10.56 -24.68 -22.59
C THR J 30 11.67 -25.52 -23.21
N ALA J 31 11.69 -26.80 -22.84
CA ALA J 31 12.66 -27.76 -23.36
C ALA J 31 11.94 -28.96 -23.94
N VAL J 32 10.92 -28.70 -24.76
CA VAL J 32 10.09 -29.74 -25.36
C VAL J 32 10.23 -29.66 -26.86
N VAL J 33 10.33 -30.82 -27.51
CA VAL J 33 10.45 -30.92 -28.96
C VAL J 33 9.33 -31.81 -29.47
N TRP J 34 8.55 -31.29 -30.41
CA TRP J 34 7.43 -32.05 -30.98
C TRP J 34 7.90 -32.87 -32.17
N TYR J 35 7.49 -34.13 -32.20
CA TYR J 35 7.90 -35.07 -33.24
C TYR J 35 6.69 -35.58 -33.99
N GLN J 36 6.95 -36.07 -35.21
CA GLN J 36 5.92 -36.64 -36.07
C GLN J 36 6.44 -37.97 -36.61
N GLN J 37 5.58 -38.99 -36.59
CA GLN J 37 5.94 -40.32 -37.05
C GLN J 37 4.88 -40.81 -38.04
N LYS J 38 5.25 -40.90 -39.31
CA LYS J 38 4.39 -41.54 -40.29
C LYS J 38 4.39 -43.05 -40.01
N PRO J 39 3.27 -43.74 -40.23
CA PRO J 39 3.22 -45.16 -39.85
C PRO J 39 4.27 -45.98 -40.59
N GLY J 40 4.88 -46.91 -39.84
CA GLY J 40 5.88 -47.79 -40.42
C GLY J 40 7.15 -47.10 -40.88
N LYS J 41 7.48 -45.96 -40.28
CA LYS J 41 8.68 -45.22 -40.65
C LYS J 41 9.22 -44.50 -39.41
N ALA J 42 10.44 -44.00 -39.53
CA ALA J 42 11.07 -43.26 -38.45
C ALA J 42 10.45 -41.87 -38.32
N PRO J 43 10.35 -41.32 -37.11
CA PRO J 43 9.75 -40.01 -36.93
C PRO J 43 10.60 -38.92 -37.56
N LYS J 44 10.08 -37.69 -37.48
CA LYS J 44 10.77 -36.51 -37.99
C LYS J 44 10.43 -35.31 -37.13
N ALA J 45 11.43 -34.47 -36.89
CA ALA J 45 11.27 -33.33 -35.99
C ALA J 45 10.41 -32.24 -36.63
N LEU J 46 9.61 -31.58 -35.81
CA LEU J 46 8.79 -30.45 -36.25
C LEU J 46 9.18 -29.14 -35.58
N ILE J 47 9.18 -29.10 -34.24
CA ILE J 47 9.45 -27.89 -33.50
C ILE J 47 10.42 -28.21 -32.37
N TYR J 48 11.48 -27.41 -32.25
CA TYR J 48 12.42 -27.53 -31.15
C TYR J 48 12.37 -26.29 -30.28
N LEU J 49 12.54 -26.49 -28.97
CA LEU J 49 12.45 -25.42 -27.98
C LEU J 49 11.02 -24.93 -27.81
N ALA J 50 10.06 -25.63 -28.44
CA ALA J 50 8.63 -25.36 -28.24
C ALA J 50 8.16 -24.09 -28.96
N SER J 51 9.08 -23.34 -29.55
CA SER J 51 8.67 -22.14 -30.27
C SER J 51 9.23 -22.06 -31.68
N ASN J 52 10.47 -22.48 -31.88
CA ASN J 52 11.09 -22.39 -33.20
C ASN J 52 10.54 -23.47 -34.13
N ARG J 53 10.61 -23.18 -35.44
CA ARG J 53 10.15 -24.11 -36.46
C ARG J 53 11.34 -24.65 -37.24
N HIS J 54 11.36 -25.97 -37.43
CA HIS J 54 12.46 -26.63 -38.13
C HIS J 54 12.50 -26.16 -39.59
N THR J 55 13.70 -25.90 -40.08
CA THR J 55 13.86 -25.43 -41.45
C THR J 55 13.26 -26.43 -42.43
N GLY J 56 12.20 -26.00 -43.13
CA GLY J 56 11.49 -26.85 -44.06
C GLY J 56 10.08 -27.21 -43.64
N VAL J 57 9.52 -26.53 -42.64
CA VAL J 57 8.17 -26.82 -42.19
C VAL J 57 7.23 -25.71 -42.65
N PRO J 58 6.01 -26.04 -43.06
CA PRO J 58 5.07 -24.99 -43.47
C PRO J 58 4.74 -24.05 -42.33
N ASP J 59 4.35 -22.82 -42.71
CA ASP J 59 3.99 -21.81 -41.72
C ASP J 59 2.73 -22.17 -40.94
N ARG J 60 2.00 -23.19 -41.39
CA ARG J 60 0.78 -23.63 -40.71
C ARG J 60 1.07 -24.33 -39.37
N PHE J 61 2.33 -24.61 -39.06
CA PHE J 61 2.71 -25.18 -37.79
C PHE J 61 3.19 -24.07 -36.86
N SER J 62 2.76 -24.15 -35.59
CA SER J 62 3.13 -23.14 -34.59
C SER J 62 3.52 -23.87 -33.31
N GLY J 63 3.69 -23.10 -32.24
CA GLY J 63 4.07 -23.68 -30.96
C GLY J 63 3.86 -22.70 -29.83
N SER J 64 3.84 -23.22 -28.62
CA SER J 64 3.68 -22.44 -27.41
C SER J 64 4.39 -23.15 -26.27
N GLY J 65 4.24 -22.63 -25.05
CA GLY J 65 4.87 -23.28 -23.91
C GLY J 65 5.23 -22.34 -22.77
N SER J 66 6.50 -22.38 -22.36
CA SER J 66 7.00 -21.57 -21.24
C SER J 66 6.31 -21.97 -19.94
N GLY J 67 6.54 -23.20 -19.53
CA GLY J 67 6.06 -23.69 -18.25
C GLY J 67 5.88 -25.20 -18.22
N THR J 68 4.76 -25.64 -17.65
CA THR J 68 4.42 -27.05 -17.59
C THR J 68 3.39 -27.45 -18.63
N ASP J 69 2.80 -26.48 -19.33
CA ASP J 69 1.75 -26.74 -20.32
C ASP J 69 2.24 -26.31 -21.69
N PHE J 70 2.20 -27.25 -22.64
CA PHE J 70 2.69 -27.02 -23.99
C PHE J 70 1.63 -27.43 -24.99
N THR J 71 1.48 -26.66 -26.07
CA THR J 71 0.43 -26.90 -27.04
C THR J 71 1.00 -26.79 -28.45
N LEU J 72 0.47 -27.61 -29.36
CA LEU J 72 0.80 -27.54 -30.78
C LEU J 72 -0.49 -27.26 -31.55
N THR J 73 -0.46 -26.24 -32.39
CA THR J 73 -1.63 -25.79 -33.13
C THR J 73 -1.41 -26.04 -34.62
N ILE J 74 -2.39 -26.67 -35.27
CA ILE J 74 -2.33 -26.97 -36.69
C ILE J 74 -3.51 -26.30 -37.38
N SER J 75 -3.22 -25.60 -38.47
CA SER J 75 -4.26 -24.94 -39.26
C SER J 75 -3.98 -25.16 -40.73
N SER J 76 -5.02 -24.99 -41.55
CA SER J 76 -4.95 -25.23 -42.98
C SER J 76 -4.60 -26.70 -43.25
N LEU J 77 -5.50 -27.58 -42.80
CA LEU J 77 -5.25 -29.01 -42.89
C LEU J 77 -5.02 -29.42 -44.34
N GLN J 78 -4.06 -30.32 -44.53
CA GLN J 78 -3.72 -30.89 -45.82
C GLN J 78 -3.66 -32.40 -45.67
N PRO J 79 -3.72 -33.15 -46.78
CA PRO J 79 -3.66 -34.62 -46.70
C PRO J 79 -2.24 -35.15 -46.44
N GLU J 80 -1.52 -34.47 -45.54
CA GLU J 80 -0.19 -34.89 -45.13
C GLU J 80 -0.12 -34.67 -43.62
N ASP J 81 -1.22 -34.24 -42.98
CA ASP J 81 -1.25 -33.91 -41.58
C ASP J 81 -1.70 -35.01 -40.58
N PHE J 82 -2.06 -36.17 -41.15
CA PHE J 82 -2.62 -37.27 -40.38
C PHE J 82 -1.64 -38.37 -39.99
N ALA J 83 -1.00 -38.20 -38.84
CA ALA J 83 -0.03 -39.15 -38.31
C ALA J 83 -0.01 -39.01 -36.79
N THR J 84 0.99 -39.63 -36.16
CA THR J 84 1.15 -39.60 -34.72
C THR J 84 2.13 -38.50 -34.33
N TYR J 85 1.74 -37.69 -33.34
CA TYR J 85 2.52 -36.52 -32.93
C TYR J 85 2.96 -36.71 -31.49
N PHE J 86 4.22 -37.11 -31.30
CA PHE J 86 4.76 -37.37 -29.97
C PHE J 86 5.18 -36.06 -29.30
N CYS J 87 5.68 -36.17 -28.07
CA CYS J 87 6.06 -35.00 -27.28
C CYS J 87 7.02 -35.48 -26.21
N LEU J 88 8.30 -35.10 -26.32
CA LEU J 88 9.31 -35.57 -25.39
C LEU J 88 9.95 -34.39 -24.66
N GLN J 89 11.01 -34.70 -23.92
CA GLN J 89 11.71 -33.76 -23.07
C GLN J 89 13.22 -34.00 -23.17
N HIS J 90 14.00 -32.92 -23.02
CA HIS J 90 15.44 -33.06 -22.91
C HIS J 90 16.01 -32.27 -21.73
N TRP J 91 15.12 -31.81 -20.83
CA TRP J 91 15.55 -30.98 -19.67
C TRP J 91 16.43 -31.70 -18.65
N ASN J 92 15.90 -32.69 -17.95
CA ASN J 92 16.73 -33.46 -16.96
C ASN J 92 17.25 -34.75 -17.62
N TYR J 93 18.24 -35.38 -17.00
CA TYR J 93 18.93 -36.49 -17.73
C TYR J 93 18.00 -37.63 -18.19
N PRO J 94 17.16 -38.34 -17.40
CA PRO J 94 16.33 -39.43 -17.97
C PRO J 94 15.21 -38.86 -18.85
N TYR J 95 15.33 -38.95 -20.17
CA TYR J 95 14.36 -38.31 -21.10
C TYR J 95 13.06 -39.10 -21.21
N THR J 96 11.90 -38.44 -21.10
CA THR J 96 10.61 -39.15 -21.14
C THR J 96 9.81 -38.71 -22.35
N PHE J 97 9.43 -39.64 -23.21
CA PHE J 97 8.56 -39.28 -24.36
C PHE J 97 7.11 -39.20 -23.88
N GLY J 98 6.17 -39.03 -24.81
CA GLY J 98 4.74 -39.02 -24.47
C GLY J 98 4.09 -40.24 -25.08
N GLN J 99 2.79 -40.46 -24.84
CA GLN J 99 2.19 -41.70 -25.34
C GLN J 99 1.94 -41.62 -26.85
N GLY J 100 1.45 -40.47 -27.31
CA GLY J 100 1.20 -40.30 -28.74
C GLY J 100 -0.28 -40.16 -29.03
N THR J 101 -0.62 -39.10 -29.78
CA THR J 101 -1.99 -38.84 -30.18
C THR J 101 -2.07 -38.96 -31.70
N LYS J 102 -3.01 -39.79 -32.16
CA LYS J 102 -3.18 -40.03 -33.58
C LYS J 102 -4.22 -39.09 -34.18
N LEU J 103 -4.02 -38.74 -35.44
CA LEU J 103 -4.92 -37.84 -36.15
C LEU J 103 -5.17 -38.32 -37.58
#